data_4OJ6
#
_entry.id   4OJ6
#
_cell.length_a   123.299
_cell.length_b   153.086
_cell.length_c   171.444
_cell.angle_alpha   90.00
_cell.angle_beta   90.00
_cell.angle_gamma   90.00
#
_symmetry.space_group_name_H-M   'P 21 21 21'
#
loop_
_entity.id
_entity.type
_entity.pdbx_description
1 polymer 'Tailspike protein'
2 non-polymer 'ZINC ION'
3 water water
#
_entity_poly.entity_id   1
_entity_poly.type   'polypeptide(L)'
_entity_poly.pdbx_seq_one_letter_code
;(MSE)NE(MSE)FSQGGKGSTGILTNKQAVARHFGVKQSEVVYFSVGVDLGGYKVIYDKETQRAYSLPVGIASGTTAVSL
STAAVLVHSAGSVDLGSLAVSREEYVTLPGSFDSGSTLNVKNELLTYTDGKYRWDGILPKTVAPGSTPASTGGVGLGAWI
SVGDASLRTQLANGDGSLIGIHPQGTLNNVLTVRTPEQYNAVGDGIADDTSKLKE(MSE)LSDINNVPETLPDAAAVNSY
(MSE)EQVAVKIDLTKLYRFTETLYIPPGVSIEIPTSNFFTRECKQGLFYDPVDKNTAAISL(MSE)VYRKQPDGSYKLN
KDVDYYPTGLDIDNGDAITCARKIDINNLNLITAPGVKVGVKWIGGAGCTTKGLSIGENTGSDITTARLPRVGLLQSASW
GSIHENLRILYKTQGAVFIDSNGGAAVNNAYISRLGNTNGELEQAVYKPAGFTEVGDVAVTQFAGSEVKFNSPIIEQASF
DFVHAGRDTDSYGLF(MSE)VDKPHIESSGGKKKHSFYLINTSSNVTLSGVGLSGQDPDLDS(MSE)YFLKNCPETARNV
VRGQ(MSE)PISGVKLVRGTGNYPTLVLDCTN(MSE)GSQFQFGEVGDIFYIKDVVGVKADTLYIDPVNGNNYNWGTNGT
KPIRELTNIAKICQLFRCKSVYLNAGESVITSNTELP(MSE)VVFEGPGSLKANSGSSFLIKAGGTLSLIGLSGISTDGG
H(MSE)FRVSTVEKVNIHTNCSVNAGAAYVVLSEVQGNIEYRQLFYSVNCSKYIGATAGQTIAGI(MSE)VKTATRPTGI
DAAPVDGNVSLTYKIIESHHHHHH
;
_entity_poly.pdbx_strand_id   A,B,C
#
# COMPACT_ATOMS: atom_id res chain seq x y z
N SER A 12 -30.38 -83.25 21.24
CA SER A 12 -31.48 -83.25 22.21
C SER A 12 -31.14 -82.38 23.42
N THR A 13 -30.10 -82.77 24.15
CA THR A 13 -29.65 -81.99 25.29
C THR A 13 -28.40 -81.25 24.81
N GLY A 14 -28.03 -81.55 23.56
CA GLY A 14 -26.91 -80.90 22.90
C GLY A 14 -27.53 -79.59 22.47
N ILE A 15 -28.84 -79.64 22.25
CA ILE A 15 -29.69 -78.53 21.88
C ILE A 15 -29.68 -77.53 23.03
N LEU A 16 -29.96 -78.03 24.23
CA LEU A 16 -30.02 -77.22 25.43
C LEU A 16 -28.68 -76.57 25.77
N THR A 17 -27.59 -77.34 25.63
CA THR A 17 -26.27 -76.79 25.90
C THR A 17 -25.84 -75.84 24.78
N ASN A 18 -26.37 -76.04 23.59
CA ASN A 18 -26.08 -75.09 22.52
C ASN A 18 -26.84 -73.78 22.71
N LYS A 19 -28.12 -73.88 23.03
CA LYS A 19 -28.94 -72.72 23.35
C LYS A 19 -28.27 -71.93 24.45
N GLN A 20 -27.67 -72.65 25.38
CA GLN A 20 -26.89 -72.01 26.45
C GLN A 20 -25.67 -71.27 25.92
N ALA A 21 -24.93 -71.90 25.00
CA ALA A 21 -23.75 -71.25 24.42
C ALA A 21 -24.14 -70.03 23.59
N VAL A 22 -25.14 -70.19 22.73
CA VAL A 22 -25.69 -69.05 21.97
C VAL A 22 -26.20 -67.92 22.87
N ALA A 23 -26.92 -68.27 23.93
CA ALA A 23 -27.50 -67.29 24.82
C ALA A 23 -26.43 -66.46 25.49
N ARG A 24 -25.40 -67.13 26.02
CA ARG A 24 -24.30 -66.42 26.67
C ARG A 24 -23.53 -65.53 25.70
N HIS A 25 -23.45 -65.93 24.43
CA HIS A 25 -22.78 -65.10 23.44
C HIS A 25 -23.53 -63.80 23.18
N PHE A 26 -24.86 -63.88 23.12
CA PHE A 26 -25.67 -62.70 22.82
C PHE A 26 -26.14 -61.93 24.07
N GLY A 27 -25.95 -62.50 25.25
CA GLY A 27 -26.41 -61.88 26.48
C GLY A 27 -27.90 -62.01 26.73
N VAL A 28 -28.55 -62.98 26.07
CA VAL A 28 -29.97 -63.23 26.31
C VAL A 28 -30.19 -64.45 27.21
N LYS A 29 -31.46 -64.81 27.43
CA LYS A 29 -31.80 -66.01 28.17
C LYS A 29 -31.82 -67.26 27.27
N GLN A 30 -31.54 -68.41 27.87
CA GLN A 30 -31.56 -69.69 27.15
C GLN A 30 -32.92 -69.93 26.52
N SER A 31 -33.98 -69.57 27.24
CA SER A 31 -35.33 -69.75 26.73
C SER A 31 -35.64 -68.82 25.57
N GLU A 32 -34.75 -67.86 25.31
CA GLU A 32 -34.99 -66.85 24.26
C GLU A 32 -34.30 -67.20 22.94
N VAL A 33 -33.66 -68.37 22.91
CA VAL A 33 -33.06 -68.88 21.68
C VAL A 33 -33.96 -69.96 21.06
N VAL A 34 -34.32 -69.78 19.80
CA VAL A 34 -35.11 -70.79 19.08
C VAL A 34 -34.34 -71.36 17.89
N TYR A 35 -34.39 -72.68 17.70
CA TYR A 35 -33.83 -73.31 16.51
C TYR A 35 -34.78 -73.13 15.34
N PHE A 36 -34.25 -72.82 14.17
CA PHE A 36 -35.10 -72.82 12.99
C PHE A 36 -35.55 -74.25 12.63
N SER A 37 -36.81 -74.35 12.23
CA SER A 37 -37.35 -75.52 11.55
C SER A 37 -38.70 -75.07 11.06
N VAL A 38 -39.08 -75.53 9.86
CA VAL A 38 -40.39 -75.21 9.30
C VAL A 38 -41.48 -75.41 10.34
N GLY A 39 -42.30 -74.37 10.54
CA GLY A 39 -43.45 -74.46 11.42
C GLY A 39 -43.23 -74.03 12.85
N VAL A 40 -41.98 -73.79 13.23
CA VAL A 40 -41.69 -73.43 14.62
C VAL A 40 -42.34 -72.09 14.98
N ASP A 41 -42.89 -71.99 16.18
CA ASP A 41 -43.46 -70.74 16.65
C ASP A 41 -42.27 -69.82 16.97
N LEU A 42 -42.23 -68.65 16.34
CA LEU A 42 -41.15 -67.69 16.54
C LEU A 42 -41.44 -66.67 17.63
N GLY A 43 -42.68 -66.67 18.11
CA GLY A 43 -43.15 -65.67 19.04
C GLY A 43 -42.29 -65.51 20.29
N GLY A 44 -41.86 -64.28 20.54
CA GLY A 44 -41.21 -63.97 21.81
C GLY A 44 -39.72 -64.26 21.88
N TYR A 45 -39.18 -65.00 20.92
CA TYR A 45 -37.75 -65.33 20.91
C TYR A 45 -36.88 -64.14 20.51
N LYS A 46 -35.66 -64.11 21.04
CA LYS A 46 -34.75 -62.99 20.80
C LYS A 46 -33.66 -63.35 19.78
N VAL A 47 -33.31 -64.64 19.70
CA VAL A 47 -32.26 -65.12 18.80
C VAL A 47 -32.68 -66.43 18.12
N ILE A 48 -32.42 -66.53 16.81
CA ILE A 48 -32.68 -67.76 16.06
C ILE A 48 -31.37 -68.42 15.64
N TYR A 49 -31.36 -69.75 15.67
CA TYR A 49 -30.18 -70.52 15.33
C TYR A 49 -30.45 -71.40 14.11
N ASP A 50 -29.53 -71.35 13.15
CA ASP A 50 -29.62 -72.18 11.96
C ASP A 50 -28.71 -73.38 12.21
N LYS A 51 -29.31 -74.55 12.42
CA LYS A 51 -28.50 -75.74 12.77
C LYS A 51 -27.69 -76.26 11.56
N GLU A 52 -28.05 -75.80 10.37
CA GLU A 52 -27.36 -76.22 9.15
C GLU A 52 -26.06 -75.46 8.92
N THR A 53 -26.13 -74.14 9.01
CA THR A 53 -24.95 -73.29 8.84
C THR A 53 -24.26 -73.10 10.17
N GLN A 54 -24.97 -73.41 11.24
CA GLN A 54 -24.47 -73.26 12.61
C GLN A 54 -24.15 -71.79 12.91
N ARG A 55 -25.05 -70.92 12.47
CA ARG A 55 -24.99 -69.49 12.77
C ARG A 55 -26.20 -69.09 13.57
N ALA A 56 -26.03 -68.06 14.41
CA ALA A 56 -27.13 -67.49 15.19
C ALA A 56 -27.39 -66.02 14.81
N TYR A 57 -28.63 -65.57 14.96
CA TYR A 57 -29.00 -64.22 14.54
C TYR A 57 -30.03 -63.65 15.50
N SER A 58 -29.81 -62.42 15.93
CA SER A 58 -30.82 -61.69 16.67
C SER A 58 -32.04 -61.56 15.77
N LEU A 59 -33.21 -61.73 16.37
CA LEU A 59 -34.48 -61.58 15.67
C LEU A 59 -35.06 -60.21 15.95
N PRO A 60 -35.76 -59.64 14.97
CA PRO A 60 -36.45 -58.37 15.21
C PRO A 60 -37.51 -58.51 16.31
N VAL A 61 -37.70 -57.45 17.08
CA VAL A 61 -38.74 -57.42 18.11
C VAL A 61 -40.11 -57.28 17.43
N GLY A 62 -41.13 -57.88 18.02
CA GLY A 62 -42.48 -57.75 17.49
C GLY A 62 -43.01 -58.94 16.71
N ILE A 63 -42.42 -60.12 16.92
CA ILE A 63 -43.00 -61.34 16.35
C ILE A 63 -44.01 -61.90 17.33
N ALA A 64 -45.28 -61.95 16.93
CA ALA A 64 -46.36 -62.42 17.78
C ALA A 64 -46.34 -63.92 17.97
N SER A 65 -46.92 -64.38 19.08
CA SER A 65 -47.17 -65.81 19.28
C SER A 65 -47.93 -66.34 18.08
N GLY A 66 -47.61 -67.57 17.67
CA GLY A 66 -48.31 -68.19 16.56
C GLY A 66 -47.79 -67.81 15.18
N THR A 67 -46.86 -66.86 15.12
CA THR A 67 -46.17 -66.61 13.86
C THR A 67 -45.16 -67.72 13.69
N THR A 68 -45.23 -68.43 12.57
CA THR A 68 -44.43 -69.64 12.40
C THR A 68 -43.42 -69.51 11.27
N ALA A 69 -42.28 -70.17 11.45
CA ALA A 69 -41.19 -70.10 10.48
C ALA A 69 -41.53 -70.84 9.19
N VAL A 70 -41.22 -70.20 8.06
CA VAL A 70 -41.40 -70.80 6.75
C VAL A 70 -40.07 -71.23 6.14
N SER A 71 -39.12 -70.31 6.02
CA SER A 71 -37.81 -70.63 5.45
C SER A 71 -36.72 -69.71 5.98
N LEU A 72 -35.48 -70.18 5.88
CA LEU A 72 -34.29 -69.42 6.28
C LEU A 72 -33.17 -69.69 5.28
N SER A 73 -32.86 -68.70 4.45
CA SER A 73 -31.86 -68.86 3.40
C SER A 73 -30.45 -68.87 3.97
N THR A 74 -29.48 -69.23 3.15
CA THR A 74 -28.09 -69.24 3.56
C THR A 74 -27.54 -67.81 3.60
N ALA A 75 -28.31 -66.84 3.13
CA ALA A 75 -28.00 -65.44 3.31
C ALA A 75 -28.76 -64.89 4.51
N ALA A 76 -29.31 -65.80 5.31
CA ALA A 76 -30.02 -65.45 6.55
C ALA A 76 -31.28 -64.61 6.29
N VAL A 77 -31.93 -64.83 5.16
CA VAL A 77 -33.25 -64.26 4.96
C VAL A 77 -34.29 -65.18 5.57
N LEU A 78 -35.06 -64.65 6.52
CA LEU A 78 -36.06 -65.43 7.23
C LEU A 78 -37.45 -65.08 6.71
N VAL A 79 -38.19 -66.11 6.28
CA VAL A 79 -39.59 -65.95 5.95
C VAL A 79 -40.44 -66.65 7.02
N HIS A 80 -41.45 -65.95 7.51
CA HIS A 80 -42.37 -66.55 8.46
C HIS A 80 -43.81 -66.29 8.02
N SER A 81 -44.76 -66.79 8.79
CA SER A 81 -46.17 -66.71 8.43
C SER A 81 -46.69 -65.27 8.36
N ALA A 82 -45.96 -64.34 8.97
CA ALA A 82 -46.41 -62.96 9.04
C ALA A 82 -45.59 -62.00 8.17
N GLY A 83 -44.55 -62.51 7.51
CA GLY A 83 -43.74 -61.67 6.65
C GLY A 83 -42.30 -62.15 6.46
N SER A 84 -41.39 -61.21 6.20
CA SER A 84 -39.99 -61.51 5.87
C SER A 84 -39.01 -60.54 6.57
N VAL A 85 -37.81 -61.03 6.89
CA VAL A 85 -36.76 -60.17 7.48
C VAL A 85 -35.35 -60.62 7.07
N ASP A 86 -34.50 -59.66 6.70
CA ASP A 86 -33.10 -60.00 6.44
C ASP A 86 -32.33 -59.93 7.76
N LEU A 87 -32.01 -61.10 8.31
CA LEU A 87 -31.31 -61.16 9.59
C LEU A 87 -29.85 -60.75 9.44
N GLY A 88 -29.34 -60.84 8.21
CA GLY A 88 -27.99 -60.41 7.92
C GLY A 88 -27.84 -58.90 8.09
N SER A 89 -28.76 -58.15 7.50
CA SER A 89 -28.75 -56.70 7.61
C SER A 89 -29.01 -56.24 9.03
N LEU A 90 -29.97 -56.89 9.69
CA LEU A 90 -30.26 -56.60 11.09
C LEU A 90 -28.99 -56.81 11.90
N ALA A 91 -28.27 -57.90 11.62
CA ALA A 91 -27.05 -58.20 12.37
C ALA A 91 -26.00 -57.09 12.13
N VAL A 92 -25.89 -56.64 10.89
CA VAL A 92 -24.96 -55.54 10.59
C VAL A 92 -25.31 -54.32 11.43
N SER A 93 -26.60 -54.02 11.54
CA SER A 93 -27.03 -52.82 12.23
C SER A 93 -26.70 -52.93 13.70
N ARG A 94 -26.62 -54.16 14.19
CA ARG A 94 -26.32 -54.41 15.60
C ARG A 94 -24.84 -54.73 15.84
N GLU A 95 -24.00 -54.59 14.82
CA GLU A 95 -22.57 -54.92 14.94
C GLU A 95 -22.37 -56.33 15.48
N GLU A 96 -23.21 -57.26 15.02
CA GLU A 96 -23.09 -58.66 15.41
C GLU A 96 -22.56 -59.42 14.20
N TYR A 97 -21.26 -59.67 14.23
CA TYR A 97 -20.51 -60.04 13.05
C TYR A 97 -19.87 -61.41 13.22
N VAL A 98 -19.61 -62.08 12.11
CA VAL A 98 -18.75 -63.24 12.14
C VAL A 98 -17.50 -62.92 11.33
N THR A 99 -16.33 -63.06 11.94
CA THR A 99 -15.09 -62.90 11.17
C THR A 99 -14.67 -64.25 10.62
N LEU A 100 -14.77 -64.38 9.30
CA LEU A 100 -14.44 -65.64 8.61
C LEU A 100 -12.99 -66.01 8.79
N PRO A 101 -12.69 -67.32 8.76
CA PRO A 101 -11.29 -67.74 8.73
C PRO A 101 -10.59 -67.17 7.51
N GLY A 102 -9.27 -67.07 7.55
CA GLY A 102 -8.54 -66.63 6.39
C GLY A 102 -8.55 -65.12 6.22
N SER A 103 -8.40 -64.70 4.96
CA SER A 103 -8.15 -63.30 4.64
C SER A 103 -8.36 -63.09 3.14
N PHE A 104 -8.24 -61.84 2.71
CA PHE A 104 -8.24 -61.52 1.28
C PHE A 104 -7.14 -62.29 0.56
N ASP A 105 -5.99 -62.43 1.22
CA ASP A 105 -4.87 -63.14 0.61
C ASP A 105 -5.15 -64.64 0.44
N SER A 106 -5.79 -65.25 1.43
CA SER A 106 -6.12 -66.67 1.31
C SER A 106 -7.28 -66.91 0.37
N GLY A 107 -8.12 -65.91 0.19
CA GLY A 107 -9.39 -66.10 -0.50
C GLY A 107 -10.44 -66.67 0.44
N SER A 108 -11.70 -66.57 0.05
CA SER A 108 -12.82 -66.98 0.88
C SER A 108 -14.09 -66.86 0.06
N THR A 109 -15.21 -67.31 0.62
CA THR A 109 -16.52 -67.08 0.03
C THR A 109 -17.45 -66.55 1.12
N LEU A 110 -18.12 -65.43 0.83
CA LEU A 110 -19.03 -64.84 1.79
C LEU A 110 -20.48 -65.12 1.42
N ASN A 111 -21.30 -65.50 2.40
CA ASN A 111 -22.71 -65.80 2.13
C ASN A 111 -23.71 -64.88 2.82
N VAL A 112 -23.25 -64.15 3.84
CA VAL A 112 -24.14 -63.36 4.69
C VAL A 112 -23.61 -61.94 4.87
N LYS A 113 -24.52 -60.98 5.03
CA LYS A 113 -24.12 -59.59 5.17
C LYS A 113 -23.27 -59.32 6.41
N ASN A 114 -23.37 -60.18 7.42
CA ASN A 114 -22.66 -59.95 8.67
C ASN A 114 -21.34 -60.71 8.75
N GLU A 115 -20.86 -61.18 7.60
CA GLU A 115 -19.55 -61.82 7.56
C GLU A 115 -18.45 -60.82 7.23
N LEU A 116 -17.35 -60.91 7.97
CA LEU A 116 -16.23 -60.00 7.75
C LEU A 116 -15.05 -60.78 7.20
N LEU A 117 -14.32 -60.17 6.28
CA LEU A 117 -13.08 -60.75 5.79
C LEU A 117 -11.89 -59.85 6.16
N THR A 118 -10.86 -60.45 6.72
CA THR A 118 -9.70 -59.71 7.21
C THR A 118 -8.72 -59.37 6.10
N TYR A 119 -8.35 -58.09 6.03
CA TYR A 119 -7.26 -57.63 5.15
C TYR A 119 -6.13 -57.12 6.03
N THR A 120 -4.98 -56.80 5.44
CA THR A 120 -3.83 -56.38 6.24
C THR A 120 -4.05 -55.07 6.98
N ASP A 121 -5.04 -54.27 6.55
CA ASP A 121 -5.31 -53.01 7.24
C ASP A 121 -6.60 -52.99 8.08
N GLY A 122 -7.24 -54.16 8.23
CA GLY A 122 -8.47 -54.27 9.00
C GLY A 122 -9.53 -55.09 8.27
N LYS A 123 -10.77 -55.04 8.76
CA LYS A 123 -11.84 -55.90 8.23
C LYS A 123 -12.82 -55.19 7.30
N TYR A 124 -13.46 -55.97 6.42
CA TYR A 124 -14.45 -55.42 5.50
C TYR A 124 -15.66 -56.33 5.46
N ARG A 125 -16.85 -55.75 5.29
CA ARG A 125 -18.02 -56.53 4.95
C ARG A 125 -18.37 -56.24 3.49
N TRP A 126 -19.09 -57.17 2.86
CA TRP A 126 -19.47 -57.05 1.46
C TRP A 126 -20.90 -56.54 1.34
N ASP A 127 -21.07 -55.41 0.66
CA ASP A 127 -22.35 -54.75 0.59
C ASP A 127 -23.04 -54.97 -0.77
N GLY A 128 -22.47 -55.85 -1.59
CA GLY A 128 -23.02 -56.11 -2.91
C GLY A 128 -23.77 -57.42 -2.99
N ILE A 129 -23.78 -58.02 -4.18
CA ILE A 129 -24.47 -59.28 -4.43
C ILE A 129 -23.81 -60.45 -3.69
N LEU A 130 -24.60 -61.20 -2.96
CA LEU A 130 -24.15 -62.42 -2.32
C LEU A 130 -24.73 -63.63 -3.05
N PRO A 131 -24.01 -64.78 -3.04
CA PRO A 131 -22.68 -64.96 -2.46
C PRO A 131 -21.54 -64.24 -3.20
N LYS A 132 -20.45 -64.00 -2.47
CA LYS A 132 -19.27 -63.29 -2.98
C LYS A 132 -18.03 -64.18 -2.86
N THR A 133 -17.45 -64.53 -4.01
CA THR A 133 -16.24 -65.34 -4.02
C THR A 133 -15.05 -64.41 -4.09
N VAL A 134 -14.08 -64.63 -3.21
CA VAL A 134 -12.85 -63.85 -3.20
C VAL A 134 -11.68 -64.80 -3.51
N ALA A 135 -10.96 -64.54 -4.60
CA ALA A 135 -9.84 -65.40 -5.01
C ALA A 135 -8.62 -65.22 -4.13
N PRO A 136 -7.76 -66.25 -4.07
CA PRO A 136 -6.48 -66.06 -3.37
C PRO A 136 -5.70 -64.89 -3.98
N GLY A 137 -4.95 -64.18 -3.13
CA GLY A 137 -4.18 -63.04 -3.58
C GLY A 137 -5.00 -61.80 -3.85
N SER A 138 -6.23 -61.75 -3.34
CA SER A 138 -7.11 -60.60 -3.60
C SER A 138 -6.86 -59.44 -2.63
N THR A 139 -7.41 -58.28 -2.99
CA THR A 139 -7.48 -57.12 -2.12
C THR A 139 -8.89 -56.56 -2.29
N PRO A 140 -9.31 -55.63 -1.40
CA PRO A 140 -10.64 -55.03 -1.64
C PRO A 140 -10.67 -54.31 -2.97
N ALA A 141 -9.57 -53.66 -3.34
CA ALA A 141 -9.48 -52.93 -4.60
C ALA A 141 -9.63 -53.82 -5.82
N SER A 142 -9.12 -55.04 -5.74
CA SER A 142 -9.15 -55.93 -6.90
C SER A 142 -10.41 -56.78 -6.93
N THR A 143 -11.29 -56.59 -5.96
CA THR A 143 -12.53 -57.37 -5.92
C THR A 143 -13.78 -56.52 -5.76
N GLY A 144 -13.76 -55.33 -6.35
CA GLY A 144 -14.95 -54.51 -6.42
C GLY A 144 -14.79 -53.12 -5.84
N GLY A 145 -13.65 -52.87 -5.20
CA GLY A 145 -13.42 -51.58 -4.58
C GLY A 145 -14.24 -51.37 -3.32
N VAL A 146 -14.11 -50.19 -2.73
CA VAL A 146 -14.76 -49.87 -1.47
C VAL A 146 -15.87 -48.85 -1.66
N GLY A 147 -16.93 -48.95 -0.87
CA GLY A 147 -18.03 -48.01 -0.97
C GLY A 147 -19.35 -48.75 -1.01
N LEU A 148 -20.45 -47.99 -1.07
CA LEU A 148 -21.78 -48.58 -1.12
C LEU A 148 -21.87 -49.63 -2.23
N GLY A 149 -22.52 -50.74 -1.91
CA GLY A 149 -22.68 -51.81 -2.88
C GLY A 149 -21.40 -52.61 -3.13
N ALA A 150 -20.35 -52.32 -2.37
CA ALA A 150 -19.09 -53.04 -2.51
C ALA A 150 -18.51 -53.39 -1.13
N TRP A 151 -17.20 -53.28 -0.97
CA TRP A 151 -16.58 -53.50 0.35
C TRP A 151 -16.77 -52.29 1.26
N ILE A 152 -17.16 -52.55 2.51
CA ILE A 152 -17.29 -51.50 3.50
C ILE A 152 -16.38 -51.81 4.69
N SER A 153 -15.50 -50.88 5.04
CA SER A 153 -14.58 -51.03 6.18
C SER A 153 -15.37 -51.17 7.48
N VAL A 154 -14.98 -52.13 8.32
CA VAL A 154 -15.67 -52.35 9.60
C VAL A 154 -14.68 -52.52 10.77
N GLY A 155 -14.98 -51.90 11.90
CA GLY A 155 -14.24 -52.18 13.11
C GLY A 155 -13.15 -51.18 13.44
N ASP A 156 -12.64 -51.30 14.66
CA ASP A 156 -11.68 -50.34 15.19
C ASP A 156 -10.32 -50.37 14.48
N ALA A 157 -9.82 -51.56 14.16
CA ALA A 157 -8.50 -51.62 13.53
C ALA A 157 -8.57 -50.95 12.16
N SER A 158 -9.63 -51.22 11.43
CA SER A 158 -9.83 -50.60 10.14
C SER A 158 -9.94 -49.06 10.26
N LEU A 159 -10.64 -48.60 11.29
CA LEU A 159 -10.81 -47.15 11.47
C LEU A 159 -9.46 -46.50 11.74
N ARG A 160 -8.63 -47.11 12.58
CA ARG A 160 -7.31 -46.57 12.87
C ARG A 160 -6.48 -46.39 11.61
N THR A 161 -6.47 -47.40 10.75
CA THR A 161 -5.65 -47.34 9.54
C THR A 161 -6.25 -46.39 8.51
N GLN A 162 -7.58 -46.32 8.43
CA GLN A 162 -8.21 -45.37 7.51
C GLN A 162 -7.88 -43.94 7.92
N LEU A 163 -8.01 -43.64 9.21
CA LEU A 163 -7.64 -42.32 9.73
C LEU A 163 -6.16 -42.02 9.45
N ALA A 164 -5.29 -42.96 9.78
CA ALA A 164 -3.84 -42.73 9.60
C ALA A 164 -3.41 -42.48 8.15
N ASN A 165 -4.07 -43.16 7.21
CA ASN A 165 -3.67 -43.08 5.81
C ASN A 165 -4.58 -42.22 4.95
N GLY A 166 -5.58 -41.61 5.58
CA GLY A 166 -6.61 -40.89 4.84
C GLY A 166 -6.21 -39.47 4.51
N ASP A 167 -7.20 -38.63 4.19
CA ASP A 167 -6.94 -37.24 3.86
C ASP A 167 -7.77 -36.32 4.75
N GLY A 168 -8.47 -36.91 5.72
CA GLY A 168 -9.36 -36.14 6.58
C GLY A 168 -10.83 -36.29 6.23
N SER A 169 -11.15 -37.04 5.17
CA SER A 169 -12.53 -37.20 4.73
C SER A 169 -13.45 -37.90 5.75
N LEU A 170 -12.89 -38.54 6.77
CA LEU A 170 -13.71 -39.18 7.80
C LEU A 170 -14.11 -38.19 8.90
N ILE A 171 -13.52 -37.01 8.90
CA ILE A 171 -13.78 -36.02 9.96
C ILE A 171 -14.76 -34.95 9.48
N GLY A 172 -15.97 -34.95 10.02
CA GLY A 172 -16.92 -33.90 9.67
C GLY A 172 -16.55 -32.57 10.31
N ILE A 173 -16.90 -31.48 9.63
CA ILE A 173 -16.71 -30.13 10.16
C ILE A 173 -17.97 -29.29 9.96
N HIS A 174 -18.05 -28.13 10.62
CA HIS A 174 -19.18 -27.23 10.47
C HIS A 174 -18.90 -26.14 9.43
N PRO A 175 -19.95 -25.58 8.82
CA PRO A 175 -21.37 -25.94 8.97
C PRO A 175 -21.70 -27.27 8.31
N GLN A 176 -20.89 -27.67 7.33
CA GLN A 176 -21.02 -28.99 6.72
C GLN A 176 -19.70 -29.33 6.02
N GLY A 177 -19.64 -30.51 5.40
CA GLY A 177 -18.44 -30.96 4.73
C GLY A 177 -17.49 -31.75 5.62
N THR A 178 -16.29 -31.98 5.13
CA THR A 178 -15.29 -32.71 5.91
C THR A 178 -13.92 -32.04 5.90
N LEU A 179 -13.06 -32.45 6.81
CA LEU A 179 -11.79 -31.75 7.08
C LEU A 179 -10.93 -31.54 5.84
N ASN A 180 -10.89 -32.55 4.96
CA ASN A 180 -10.14 -32.44 3.72
C ASN A 180 -10.59 -31.26 2.87
N ASN A 181 -11.85 -30.83 3.02
CA ASN A 181 -12.35 -29.69 2.25
C ASN A 181 -11.67 -28.37 2.59
N VAL A 182 -11.15 -28.22 3.81
CA VAL A 182 -10.60 -26.92 4.24
C VAL A 182 -9.10 -26.92 4.54
N LEU A 183 -8.40 -28.02 4.26
CA LEU A 183 -6.95 -28.05 4.44
C LEU A 183 -6.28 -27.71 3.14
N THR A 184 -5.77 -26.50 3.02
CA THR A 184 -5.25 -26.03 1.75
C THR A 184 -3.78 -25.56 1.82
N VAL A 185 -3.25 -25.46 3.03
CA VAL A 185 -1.88 -24.99 3.27
C VAL A 185 -0.85 -26.14 3.43
N ARG A 186 0.33 -25.98 2.82
CA ARG A 186 1.41 -26.95 2.96
C ARG A 186 2.47 -26.45 3.91
N THR A 187 3.12 -27.38 4.60
CA THR A 187 4.26 -27.04 5.45
C THR A 187 5.39 -28.03 5.17
N PRO A 188 6.63 -27.63 5.50
CA PRO A 188 7.74 -28.58 5.34
C PRO A 188 7.60 -29.77 6.30
N GLU A 189 6.84 -29.58 7.37
CA GLU A 189 6.64 -30.63 8.38
C GLU A 189 5.85 -31.80 7.84
N GLN A 190 5.06 -31.59 6.78
CA GLN A 190 4.39 -32.70 6.12
C GLN A 190 5.42 -33.61 5.47
N TYR A 191 6.58 -33.04 5.19
CA TYR A 191 7.65 -33.76 4.51
C TYR A 191 8.75 -34.13 5.49
N ASN A 192 8.44 -33.99 6.78
CA ASN A 192 9.37 -34.31 7.86
C ASN A 192 10.66 -33.50 7.90
N ALA A 193 10.59 -32.25 7.43
CA ALA A 193 11.70 -31.34 7.59
C ALA A 193 12.02 -31.21 9.08
N VAL A 194 13.30 -31.14 9.41
CA VAL A 194 13.75 -31.04 10.79
C VAL A 194 13.55 -29.63 11.36
N GLY A 195 13.79 -28.63 10.52
CA GLY A 195 13.53 -27.26 10.91
C GLY A 195 14.33 -26.70 12.07
N ASP A 196 15.56 -27.17 12.25
CA ASP A 196 16.38 -26.67 13.36
C ASP A 196 17.52 -25.77 12.90
N GLY A 197 17.60 -25.57 11.59
CA GLY A 197 18.64 -24.75 10.99
C GLY A 197 19.97 -25.46 10.98
N ILE A 198 19.95 -26.77 11.21
CA ILE A 198 21.17 -27.56 11.31
C ILE A 198 21.14 -28.72 10.33
N ALA A 199 20.09 -29.53 10.40
CA ALA A 199 19.90 -30.57 9.42
C ALA A 199 19.72 -29.96 8.04
N ASP A 200 20.06 -30.75 7.02
CA ASP A 200 19.91 -30.29 5.65
C ASP A 200 18.52 -30.65 5.15
N ASP A 201 17.62 -29.67 5.15
CA ASP A 201 16.23 -29.88 4.76
C ASP A 201 15.99 -29.67 3.26
N THR A 202 17.07 -29.50 2.50
CA THR A 202 16.96 -29.21 1.06
C THR A 202 15.99 -30.09 0.28
N SER A 203 16.18 -31.41 0.34
CA SER A 203 15.34 -32.35 -0.41
C SER A 203 13.88 -32.28 0.00
N LYS A 204 13.65 -32.06 1.29
CA LYS A 204 12.30 -31.88 1.81
C LYS A 204 11.61 -30.68 1.18
N LEU A 205 12.31 -29.55 1.16
CA LEU A 205 11.77 -28.32 0.62
C LEU A 205 11.51 -28.45 -0.87
N LYS A 206 12.44 -29.11 -1.57
CA LYS A 206 12.32 -29.31 -3.01
C LYS A 206 11.15 -30.21 -3.36
N GLU A 207 10.91 -31.25 -2.55
CA GLU A 207 9.75 -32.11 -2.79
C GLU A 207 8.46 -31.36 -2.54
N LEU A 209 7.95 -28.15 -2.96
CA LEU A 209 7.74 -27.27 -4.10
C LEU A 209 7.35 -28.07 -5.33
N SER A 210 8.03 -29.19 -5.56
CA SER A 210 7.73 -30.05 -6.68
C SER A 210 6.30 -30.60 -6.63
N ASP A 211 5.80 -30.86 -5.42
CA ASP A 211 4.40 -31.31 -5.26
C ASP A 211 3.39 -30.22 -5.59
N ILE A 212 3.80 -28.95 -5.54
CA ILE A 212 2.95 -27.85 -5.98
C ILE A 212 2.97 -27.76 -7.51
N ASN A 213 4.18 -27.67 -8.05
CA ASN A 213 4.36 -27.45 -9.47
C ASN A 213 5.71 -28.00 -9.90
N ASN A 214 5.70 -29.15 -10.55
CA ASN A 214 6.94 -29.83 -10.91
C ASN A 214 7.31 -29.58 -12.37
N VAL A 215 8.13 -28.57 -12.60
CA VAL A 215 8.50 -28.23 -13.95
C VAL A 215 9.88 -28.81 -14.25
N PRO A 216 10.00 -29.53 -15.39
CA PRO A 216 11.27 -30.13 -15.79
C PRO A 216 12.30 -29.06 -16.13
N GLU A 217 13.56 -29.33 -15.81
CA GLU A 217 14.63 -28.37 -16.09
C GLU A 217 14.91 -28.20 -17.58
N THR A 218 14.52 -29.19 -18.38
CA THR A 218 14.62 -29.08 -19.84
C THR A 218 13.23 -29.27 -20.44
N LEU A 219 12.88 -28.41 -21.40
CA LEU A 219 11.57 -28.50 -22.05
C LEU A 219 11.69 -28.37 -23.57
N PRO A 220 10.80 -29.06 -24.32
CA PRO A 220 10.83 -29.13 -25.79
C PRO A 220 10.89 -27.76 -26.45
N ASP A 221 9.86 -26.94 -26.22
CA ASP A 221 9.71 -25.66 -26.89
C ASP A 221 9.09 -24.61 -25.99
N ALA A 222 8.62 -23.53 -26.60
CA ALA A 222 8.05 -22.42 -25.87
C ALA A 222 6.66 -22.73 -25.30
N ALA A 223 5.88 -23.53 -26.02
CA ALA A 223 4.54 -23.88 -25.55
C ALA A 223 4.65 -24.68 -24.25
N ALA A 224 5.70 -25.48 -24.17
CA ALA A 224 5.96 -26.33 -23.02
C ALA A 224 6.26 -25.53 -21.76
N VAL A 225 7.19 -24.58 -21.88
CA VAL A 225 7.61 -23.79 -20.72
C VAL A 225 6.51 -22.86 -20.22
N ASN A 226 5.60 -22.47 -21.11
CA ASN A 226 4.48 -21.62 -20.76
C ASN A 226 3.32 -22.39 -20.15
N SER A 227 3.27 -23.69 -20.45
CA SER A 227 2.24 -24.58 -19.93
C SER A 227 2.24 -24.71 -18.41
N TYR A 228 3.33 -24.30 -17.77
CA TYR A 228 3.51 -24.50 -16.33
C TYR A 228 3.10 -23.29 -15.48
N GLU A 230 0.26 -22.23 -15.89
CA GLU A 230 -1.17 -22.48 -15.95
C GLU A 230 -1.60 -23.56 -14.94
N GLN A 231 -0.86 -23.65 -13.82
CA GLN A 231 -1.09 -24.68 -12.82
C GLN A 231 -1.74 -24.09 -11.54
N VAL A 232 -2.46 -24.93 -10.79
CA VAL A 232 -3.07 -24.53 -9.52
C VAL A 232 -2.07 -23.96 -8.51
N ALA A 233 -2.36 -22.77 -8.00
CA ALA A 233 -1.52 -22.11 -6.99
C ALA A 233 -1.80 -22.63 -5.57
N VAL A 234 -0.74 -22.75 -4.77
CA VAL A 234 -0.86 -23.31 -3.42
C VAL A 234 -0.08 -22.49 -2.39
N LYS A 235 -0.66 -22.34 -1.20
CA LYS A 235 -0.01 -21.60 -0.12
C LYS A 235 0.90 -22.45 0.76
N ILE A 236 2.11 -21.94 1.02
CA ILE A 236 3.08 -22.62 1.88
C ILE A 236 3.32 -21.83 3.18
N ASP A 237 3.29 -22.54 4.30
CA ASP A 237 3.49 -21.94 5.61
C ASP A 237 4.82 -22.39 6.18
N LEU A 238 5.75 -21.46 6.41
CA LEU A 238 7.03 -21.82 7.01
C LEU A 238 7.07 -21.29 8.42
N THR A 239 7.12 -22.19 9.41
CA THR A 239 7.01 -21.78 10.79
C THR A 239 8.24 -22.08 11.63
N LYS A 240 9.23 -22.76 11.03
CA LYS A 240 10.48 -23.05 11.72
C LYS A 240 11.69 -22.56 10.90
N LEU A 241 12.87 -23.11 11.17
CA LEU A 241 14.09 -22.66 10.48
C LEU A 241 14.70 -23.76 9.63
N TYR A 242 14.73 -23.57 8.32
CA TYR A 242 15.17 -24.64 7.44
C TYR A 242 16.50 -24.33 6.75
N ARG A 243 17.52 -25.10 7.12
CA ARG A 243 18.80 -25.02 6.45
C ARG A 243 18.74 -25.75 5.13
N PHE A 244 19.21 -25.13 4.06
CA PHE A 244 19.27 -25.80 2.78
C PHE A 244 20.58 -25.42 2.09
N THR A 245 21.02 -26.23 1.12
CA THR A 245 22.39 -26.17 0.62
C THR A 245 22.49 -26.02 -0.90
N GLU A 246 21.36 -25.91 -1.57
CA GLU A 246 21.31 -25.74 -3.02
C GLU A 246 20.29 -24.65 -3.32
N THR A 247 20.53 -23.90 -4.39
CA THR A 247 19.59 -22.84 -4.81
C THR A 247 18.17 -23.37 -4.95
N LEU A 248 17.22 -22.70 -4.31
CA LEU A 248 15.80 -23.07 -4.45
C LEU A 248 15.18 -22.26 -5.58
N TYR A 249 14.59 -22.96 -6.54
CA TYR A 249 13.89 -22.34 -7.67
C TYR A 249 12.37 -22.38 -7.46
N ILE A 250 11.78 -21.21 -7.22
CA ILE A 250 10.35 -21.12 -6.96
C ILE A 250 9.59 -21.24 -8.26
N PRO A 251 8.75 -22.28 -8.39
CA PRO A 251 7.94 -22.47 -9.60
C PRO A 251 6.74 -21.54 -9.58
N PRO A 252 6.08 -21.32 -10.72
CA PRO A 252 4.86 -20.49 -10.74
C PRO A 252 3.76 -21.06 -9.85
N GLY A 253 2.94 -20.18 -9.27
CA GLY A 253 1.80 -20.61 -8.48
C GLY A 253 2.15 -21.01 -7.06
N VAL A 254 3.00 -20.22 -6.43
CA VAL A 254 3.43 -20.48 -5.07
C VAL A 254 3.28 -19.22 -4.25
N SER A 255 2.65 -19.36 -3.10
CA SER A 255 2.56 -18.28 -2.17
C SER A 255 3.27 -18.74 -0.89
N ILE A 256 4.26 -17.98 -0.45
CA ILE A 256 5.04 -18.36 0.70
C ILE A 256 4.73 -17.44 1.88
N GLU A 257 4.52 -18.03 3.05
CA GLU A 257 4.04 -17.27 4.19
C GLU A 257 4.75 -17.61 5.50
N ILE A 258 5.02 -16.59 6.30
CA ILE A 258 5.53 -16.73 7.67
C ILE A 258 4.72 -15.75 8.55
N PRO A 259 4.38 -16.16 9.79
CA PRO A 259 3.57 -15.34 10.70
C PRO A 259 3.92 -13.85 10.72
N THR A 260 5.18 -13.49 10.97
CA THR A 260 5.59 -12.09 11.01
C THR A 260 6.90 -11.86 10.30
N SER A 261 7.19 -10.59 10.01
CA SER A 261 8.43 -10.23 9.36
C SER A 261 9.53 -9.98 10.39
N ASN A 262 10.75 -10.33 10.03
CA ASN A 262 11.89 -10.06 10.88
C ASN A 262 12.36 -8.63 10.64
N PHE A 263 12.60 -7.89 11.71
CA PHE A 263 13.16 -6.54 11.57
C PHE A 263 14.57 -6.53 12.12
N PHE A 264 15.48 -7.12 11.36
CA PHE A 264 16.90 -7.13 11.68
C PHE A 264 17.20 -7.68 13.07
N THR A 265 16.63 -8.85 13.36
CA THR A 265 16.88 -9.49 14.65
C THR A 265 18.18 -10.29 14.62
N ARG A 266 18.67 -10.64 15.80
CA ARG A 266 20.02 -11.19 15.94
C ARG A 266 20.10 -12.69 15.62
N GLU A 267 19.14 -13.46 16.13
CA GLU A 267 19.14 -14.90 15.90
C GLU A 267 17.82 -15.34 15.26
N CYS A 268 17.83 -15.41 13.94
CA CYS A 268 16.66 -15.84 13.18
C CYS A 268 16.26 -17.27 13.56
N LYS A 269 15.01 -17.44 13.99
CA LYS A 269 14.50 -18.75 14.38
C LYS A 269 13.33 -19.21 13.50
N GLN A 270 13.03 -18.44 12.47
CA GLN A 270 12.03 -18.81 11.49
C GLN A 270 12.45 -18.37 10.10
N GLY A 271 12.44 -19.29 9.15
CA GLY A 271 12.74 -18.95 7.78
C GLY A 271 13.69 -19.92 7.10
N LEU A 272 14.46 -19.40 6.16
CA LEU A 272 15.35 -20.20 5.33
C LEU A 272 16.80 -19.78 5.52
N PHE A 273 17.67 -20.76 5.67
CA PHE A 273 19.10 -20.52 5.88
C PHE A 273 19.87 -21.20 4.78
N TYR A 274 20.39 -20.41 3.85
CA TYR A 274 21.13 -20.95 2.71
C TYR A 274 22.59 -21.10 3.10
N ASP A 275 23.10 -22.31 2.92
CA ASP A 275 24.42 -22.68 3.43
C ASP A 275 25.07 -23.63 2.42
N PRO A 276 25.49 -23.10 1.26
CA PRO A 276 26.03 -23.98 0.22
C PRO A 276 27.53 -24.18 0.38
N VAL A 277 28.06 -25.19 -0.29
CA VAL A 277 29.50 -25.38 -0.39
C VAL A 277 30.07 -24.33 -1.35
N ASP A 278 29.40 -24.19 -2.50
CA ASP A 278 29.74 -23.17 -3.50
C ASP A 278 29.05 -21.84 -3.16
N LYS A 279 29.82 -20.85 -2.70
CA LYS A 279 29.22 -19.58 -2.32
C LYS A 279 28.99 -18.63 -3.50
N ASN A 280 29.48 -19.02 -4.68
CA ASN A 280 29.26 -18.23 -5.88
C ASN A 280 27.88 -18.52 -6.46
N THR A 281 26.86 -18.37 -5.62
CA THR A 281 25.49 -18.74 -5.99
C THR A 281 24.43 -17.85 -5.33
N ALA A 282 23.18 -18.10 -5.70
CA ALA A 282 22.03 -17.43 -5.12
C ALA A 282 21.26 -18.38 -4.21
N ALA A 283 20.73 -17.88 -3.10
CA ALA A 283 19.85 -18.69 -2.26
C ALA A 283 18.55 -19.07 -2.96
N ILE A 284 17.87 -18.06 -3.50
CA ILE A 284 16.55 -18.27 -4.07
C ILE A 284 16.50 -17.60 -5.43
N SER A 285 15.92 -18.28 -6.40
CA SER A 285 15.77 -17.71 -7.73
C SER A 285 14.39 -18.01 -8.29
N LEU A 286 13.85 -17.07 -9.05
CA LEU A 286 12.69 -17.37 -9.89
C LEU A 286 13.17 -18.15 -11.10
N VAL A 288 13.74 -18.78 -15.06
CA VAL A 288 13.82 -18.26 -16.41
C VAL A 288 14.46 -19.31 -17.30
N TYR A 289 13.79 -19.65 -18.39
CA TYR A 289 14.30 -20.66 -19.31
C TYR A 289 15.05 -20.04 -20.49
N ARG A 290 16.27 -20.51 -20.73
CA ARG A 290 17.10 -19.94 -21.76
C ARG A 290 17.20 -20.85 -22.99
N LYS A 291 17.07 -20.24 -24.18
CA LYS A 291 17.05 -21.00 -25.43
C LYS A 291 18.38 -21.68 -25.72
N GLN A 292 18.33 -22.97 -26.00
CA GLN A 292 19.54 -23.74 -26.31
C GLN A 292 19.82 -23.72 -27.83
N PRO A 293 21.06 -24.03 -28.23
CA PRO A 293 21.41 -24.11 -29.65
C PRO A 293 20.42 -24.94 -30.49
N ASP A 294 19.94 -26.05 -29.94
CA ASP A 294 19.05 -26.94 -30.68
C ASP A 294 17.59 -26.48 -30.71
N GLY A 295 17.28 -25.40 -29.99
CA GLY A 295 15.93 -24.86 -29.97
C GLY A 295 15.11 -25.25 -28.76
N SER A 296 15.72 -26.01 -27.85
CA SER A 296 15.08 -26.39 -26.61
C SER A 296 15.31 -25.28 -25.61
N TYR A 297 14.85 -25.47 -24.37
CA TYR A 297 14.99 -24.47 -23.31
C TYR A 297 15.44 -25.13 -22.00
N LYS A 298 16.45 -24.55 -21.36
CA LYS A 298 16.91 -25.05 -20.07
C LYS A 298 16.75 -23.98 -18.98
N LEU A 299 16.35 -24.43 -17.80
CA LEU A 299 16.20 -23.55 -16.65
C LEU A 299 17.53 -22.92 -16.29
N ASN A 300 17.56 -21.60 -16.20
CA ASN A 300 18.80 -20.92 -15.83
C ASN A 300 19.31 -21.29 -14.45
N LYS A 301 20.56 -21.72 -14.39
CA LYS A 301 21.21 -22.04 -13.13
C LYS A 301 22.44 -21.16 -12.93
N ASP A 302 22.67 -20.26 -13.88
CA ASP A 302 23.81 -19.35 -13.83
C ASP A 302 23.52 -18.18 -12.87
N VAL A 303 24.37 -18.03 -11.87
CA VAL A 303 24.17 -17.03 -10.82
C VAL A 303 24.11 -15.59 -11.35
N ASP A 304 24.90 -15.30 -12.38
CA ASP A 304 24.98 -13.93 -12.86
C ASP A 304 23.94 -13.59 -13.90
N TYR A 305 23.29 -14.62 -14.44
CA TYR A 305 22.32 -14.39 -15.51
C TYR A 305 21.08 -13.62 -15.06
N TYR A 306 20.64 -12.68 -15.88
CA TYR A 306 19.32 -12.07 -15.71
C TYR A 306 18.74 -11.82 -17.10
N PRO A 307 17.43 -12.01 -17.26
CA PRO A 307 16.88 -11.76 -18.59
C PRO A 307 16.68 -10.27 -18.87
N THR A 308 16.79 -9.89 -20.14
CA THR A 308 16.50 -8.53 -20.57
C THR A 308 15.25 -8.56 -21.44
N GLY A 309 14.62 -7.40 -21.61
CA GLY A 309 13.49 -7.28 -22.52
C GLY A 309 13.81 -7.83 -23.90
N LEU A 310 15.05 -7.62 -24.34
CA LEU A 310 15.52 -8.13 -25.61
C LEU A 310 15.44 -9.65 -25.65
N ASP A 311 16.01 -10.29 -24.63
CA ASP A 311 16.05 -11.75 -24.52
C ASP A 311 14.67 -12.36 -24.63
N ILE A 312 13.69 -11.74 -23.99
CA ILE A 312 12.32 -12.22 -24.09
C ILE A 312 11.85 -12.16 -25.53
N ASP A 313 12.05 -11.01 -26.17
CA ASP A 313 11.56 -10.77 -27.52
C ASP A 313 12.22 -11.67 -28.57
N ASN A 314 13.53 -11.87 -28.45
CA ASN A 314 14.26 -12.78 -29.33
C ASN A 314 13.78 -14.21 -29.21
N GLY A 315 13.18 -14.52 -28.06
CA GLY A 315 12.87 -15.89 -27.69
C GLY A 315 14.04 -16.53 -26.98
N ASP A 316 15.14 -15.79 -26.84
CA ASP A 316 16.33 -16.28 -26.14
C ASP A 316 16.05 -16.65 -24.69
N ALA A 317 14.98 -16.08 -24.14
CA ALA A 317 14.57 -16.36 -22.78
C ALA A 317 13.06 -16.38 -22.67
N ILE A 318 12.55 -17.29 -21.86
CA ILE A 318 11.13 -17.35 -21.54
C ILE A 318 11.01 -17.37 -20.03
N THR A 319 10.22 -16.45 -19.49
CA THR A 319 10.07 -16.39 -18.05
C THR A 319 9.07 -17.45 -17.62
N CYS A 320 9.36 -18.13 -16.52
CA CYS A 320 8.40 -19.04 -15.90
C CYS A 320 8.23 -18.63 -14.43
N ALA A 321 7.86 -17.38 -14.22
CA ALA A 321 7.62 -16.83 -12.90
C ALA A 321 6.37 -15.95 -12.91
N ARG A 322 5.21 -16.59 -12.82
CA ARG A 322 3.95 -15.87 -12.68
C ARG A 322 3.28 -16.39 -11.43
N LYS A 323 2.39 -15.59 -10.85
CA LYS A 323 1.64 -15.99 -9.67
C LYS A 323 2.54 -16.46 -8.52
N ILE A 324 3.52 -15.64 -8.17
CA ILE A 324 4.36 -15.94 -7.03
C ILE A 324 4.22 -14.82 -6.00
N ASP A 325 4.02 -15.20 -4.76
CA ASP A 325 3.70 -14.24 -3.71
C ASP A 325 4.53 -14.56 -2.48
N ILE A 326 5.19 -13.56 -1.91
CA ILE A 326 5.92 -13.77 -0.68
C ILE A 326 5.37 -12.89 0.43
N ASN A 327 5.17 -13.48 1.60
CA ASN A 327 4.69 -12.74 2.76
C ASN A 327 5.49 -13.06 4.02
N ASN A 328 6.45 -12.21 4.34
CA ASN A 328 7.26 -12.27 5.58
C ASN A 328 8.43 -13.25 5.58
N LEU A 329 8.80 -13.78 4.43
CA LEU A 329 9.93 -14.71 4.37
C LEU A 329 11.22 -14.10 4.94
N ASN A 330 11.85 -14.82 5.86
CA ASN A 330 13.16 -14.46 6.34
C ASN A 330 14.20 -15.36 5.66
N LEU A 331 15.16 -14.74 4.99
CA LEU A 331 16.21 -15.49 4.34
C LEU A 331 17.55 -15.08 4.91
N ILE A 332 18.25 -16.03 5.51
CA ILE A 332 19.61 -15.77 5.96
C ILE A 332 20.54 -16.65 5.15
N THR A 333 21.82 -16.32 5.20
CA THR A 333 22.73 -16.84 4.22
C THR A 333 24.07 -17.04 4.92
N ALA A 334 24.82 -18.07 4.54
CA ALA A 334 26.17 -18.21 5.08
C ALA A 334 27.02 -16.99 4.63
N PRO A 335 27.93 -16.53 5.50
CA PRO A 335 28.85 -15.45 5.12
C PRO A 335 29.51 -15.76 3.79
N GLY A 336 29.54 -14.79 2.88
CA GLY A 336 30.24 -14.97 1.62
C GLY A 336 29.37 -15.35 0.45
N VAL A 337 28.12 -15.73 0.72
CA VAL A 337 27.20 -16.08 -0.36
C VAL A 337 27.01 -14.87 -1.28
N LYS A 338 27.03 -15.09 -2.59
CA LYS A 338 26.98 -13.98 -3.53
C LYS A 338 25.64 -13.21 -3.56
N VAL A 339 24.54 -13.92 -3.76
CA VAL A 339 23.24 -13.27 -3.94
C VAL A 339 22.16 -13.94 -3.10
N GLY A 340 21.37 -13.14 -2.38
CA GLY A 340 20.25 -13.65 -1.61
C GLY A 340 19.09 -14.07 -2.50
N VAL A 341 18.43 -13.11 -3.13
CA VAL A 341 17.27 -13.40 -3.98
C VAL A 341 17.42 -12.93 -5.42
N LYS A 342 17.20 -13.83 -6.38
CA LYS A 342 17.14 -13.46 -7.80
C LYS A 342 15.69 -13.30 -8.25
N TRP A 343 15.22 -12.05 -8.29
CA TRP A 343 13.85 -11.77 -8.71
C TRP A 343 13.84 -11.50 -10.22
N ILE A 344 14.06 -12.56 -10.99
CA ILE A 344 14.21 -12.44 -12.42
C ILE A 344 12.99 -12.96 -13.16
N GLY A 345 12.43 -12.13 -14.04
CA GLY A 345 11.26 -12.49 -14.82
C GLY A 345 9.97 -12.43 -14.03
N GLY A 346 10.03 -11.86 -12.83
CA GLY A 346 8.91 -11.88 -11.90
C GLY A 346 7.88 -10.80 -12.12
N ALA A 347 7.48 -10.62 -13.38
CA ALA A 347 6.46 -9.65 -13.73
C ALA A 347 5.15 -9.86 -12.95
N GLY A 348 4.71 -8.81 -12.26
CA GLY A 348 3.46 -8.83 -11.52
C GLY A 348 3.51 -9.63 -10.23
N CYS A 349 4.66 -10.21 -9.91
CA CYS A 349 4.81 -10.97 -8.68
C CYS A 349 5.04 -9.99 -7.55
N THR A 350 4.66 -10.37 -6.34
CA THR A 350 4.68 -9.41 -5.25
C THR A 350 5.32 -9.95 -3.99
N THR A 351 5.71 -9.02 -3.12
CA THR A 351 6.47 -9.37 -1.95
C THR A 351 6.06 -8.40 -0.82
N LYS A 352 5.95 -8.89 0.41
CA LYS A 352 5.71 -8.04 1.57
C LYS A 352 6.44 -8.58 2.77
N GLY A 353 7.25 -7.75 3.41
CA GLY A 353 8.01 -8.19 4.57
C GLY A 353 9.05 -9.24 4.22
N LEU A 354 9.59 -9.19 3.00
CA LEU A 354 10.74 -10.02 2.67
C LEU A 354 12.00 -9.50 3.35
N SER A 355 12.58 -10.33 4.23
CA SER A 355 13.78 -9.97 4.97
C SER A 355 14.97 -10.79 4.50
N ILE A 356 16.04 -10.10 4.08
CA ILE A 356 17.25 -10.78 3.63
C ILE A 356 18.46 -10.36 4.46
N GLY A 357 19.11 -11.34 5.08
CA GLY A 357 20.32 -11.09 5.84
C GLY A 357 20.07 -11.08 7.32
N GLU A 358 21.02 -11.60 8.09
CA GLU A 358 20.89 -11.64 9.54
C GLU A 358 21.79 -10.59 10.18
N ASN A 359 21.29 -9.93 11.22
CA ASN A 359 22.11 -9.05 12.05
C ASN A 359 22.90 -9.87 13.04
N THR A 360 23.80 -10.69 12.52
CA THR A 360 24.51 -11.69 13.32
C THR A 360 25.27 -11.07 14.47
N GLY A 361 25.99 -9.99 14.19
CA GLY A 361 26.75 -9.26 15.20
C GLY A 361 27.51 -8.10 14.59
N SER A 362 28.47 -7.58 15.35
CA SER A 362 29.25 -6.41 14.94
C SER A 362 30.18 -6.63 13.73
N ASP A 363 30.72 -7.83 13.58
CA ASP A 363 31.66 -8.12 12.49
C ASP A 363 30.94 -8.55 11.22
N ILE A 364 31.02 -7.72 10.18
CA ILE A 364 30.27 -7.98 8.95
C ILE A 364 30.81 -9.16 8.15
N THR A 365 32.12 -9.41 8.21
CA THR A 365 32.73 -10.50 7.44
C THR A 365 32.27 -11.87 7.93
N THR A 366 31.69 -11.89 9.12
CA THR A 366 31.26 -13.12 9.75
C THR A 366 29.72 -13.20 9.82
N ALA A 367 29.06 -12.15 9.34
CA ALA A 367 27.60 -12.05 9.42
C ALA A 367 26.90 -12.97 8.42
N ARG A 368 25.72 -13.44 8.81
CA ARG A 368 24.97 -14.34 7.96
C ARG A 368 24.06 -13.61 6.96
N LEU A 369 24.70 -13.00 5.98
CA LEU A 369 24.01 -12.15 5.01
C LEU A 369 24.75 -12.22 3.68
N PRO A 370 24.04 -11.97 2.57
CA PRO A 370 24.68 -12.12 1.26
C PRO A 370 25.47 -10.89 0.86
N ARG A 371 26.29 -11.01 -0.17
CA ARG A 371 27.08 -9.87 -0.63
C ARG A 371 26.15 -8.93 -1.39
N VAL A 372 25.31 -9.52 -2.25
CA VAL A 372 24.23 -8.82 -2.92
C VAL A 372 22.89 -9.34 -2.42
N GLY A 373 22.08 -8.46 -1.83
CA GLY A 373 20.78 -8.86 -1.29
C GLY A 373 19.81 -9.32 -2.35
N LEU A 374 19.50 -8.44 -3.31
CA LEU A 374 18.46 -8.72 -4.29
C LEU A 374 18.88 -8.27 -5.68
N LEU A 375 18.64 -9.13 -6.68
CA LEU A 375 18.92 -8.82 -8.08
C LEU A 375 17.64 -9.02 -8.87
N GLN A 376 17.19 -7.97 -9.56
CA GLN A 376 15.89 -8.01 -10.22
C GLN A 376 15.93 -7.46 -11.65
N SER A 377 15.30 -8.18 -12.58
CA SER A 377 15.12 -7.70 -13.96
C SER A 377 13.85 -8.30 -14.53
N ALA A 378 13.40 -7.75 -15.67
CA ALA A 378 12.21 -8.23 -16.35
C ALA A 378 11.05 -8.45 -15.39
N SER A 379 10.86 -7.53 -14.46
CA SER A 379 9.82 -7.68 -13.45
C SER A 379 8.86 -6.51 -13.45
N TRP A 380 8.35 -6.15 -14.62
CA TRP A 380 7.40 -5.06 -14.69
C TRP A 380 6.17 -5.35 -13.84
N GLY A 381 5.70 -4.33 -13.12
CA GLY A 381 4.49 -4.44 -12.36
C GLY A 381 4.65 -5.21 -11.07
N SER A 382 5.89 -5.53 -10.69
CA SER A 382 6.11 -6.19 -9.42
C SER A 382 6.11 -5.15 -8.30
N ILE A 383 5.77 -5.59 -7.11
CA ILE A 383 5.67 -4.70 -5.95
C ILE A 383 6.40 -5.36 -4.78
N HIS A 384 7.37 -4.66 -4.19
CA HIS A 384 7.98 -5.11 -2.95
C HIS A 384 7.60 -4.17 -1.81
N GLU A 385 6.82 -4.65 -0.86
CA GLU A 385 6.43 -3.85 0.32
C GLU A 385 7.27 -4.24 1.52
N ASN A 386 7.75 -3.24 2.27
CA ASN A 386 8.51 -3.49 3.49
C ASN A 386 9.68 -4.44 3.30
N LEU A 387 10.35 -4.32 2.16
CA LEU A 387 11.57 -5.05 1.90
C LEU A 387 12.62 -4.67 2.94
N ARG A 388 13.31 -5.67 3.50
CA ARG A 388 14.35 -5.45 4.48
C ARG A 388 15.62 -6.21 4.10
N ILE A 389 16.66 -5.47 3.76
CA ILE A 389 17.87 -6.10 3.29
C ILE A 389 19.04 -5.63 4.12
N LEU A 390 19.79 -6.60 4.64
CA LEU A 390 21.04 -6.32 5.32
C LEU A 390 22.09 -6.94 4.41
N TYR A 391 22.99 -6.11 3.89
CA TYR A 391 23.89 -6.59 2.85
C TYR A 391 25.35 -6.28 3.17
N LYS A 392 26.25 -6.82 2.35
CA LYS A 392 27.68 -6.56 2.52
C LYS A 392 28.23 -5.67 1.40
N THR A 393 27.85 -5.96 0.17
CA THR A 393 28.37 -5.25 -1.00
C THR A 393 27.32 -4.39 -1.74
N GLN A 394 26.18 -4.98 -2.06
CA GLN A 394 25.08 -4.25 -2.70
C GLN A 394 23.76 -4.75 -2.13
N GLY A 395 22.87 -3.80 -1.79
CA GLY A 395 21.59 -4.16 -1.21
C GLY A 395 20.64 -4.74 -2.24
N ALA A 396 20.18 -3.92 -3.17
CA ALA A 396 19.26 -4.36 -4.22
C ALA A 396 19.71 -3.80 -5.55
N VAL A 397 19.53 -4.59 -6.60
CA VAL A 397 19.95 -4.19 -7.94
C VAL A 397 18.81 -4.40 -8.92
N PHE A 398 18.48 -3.36 -9.67
CA PHE A 398 17.36 -3.41 -10.60
C PHE A 398 17.84 -3.09 -12.01
N ILE A 399 17.65 -4.02 -12.95
CA ILE A 399 18.22 -3.88 -14.29
C ILE A 399 17.20 -4.09 -15.40
N ASP A 400 17.30 -3.30 -16.47
CA ASP A 400 16.48 -3.50 -17.67
C ASP A 400 14.99 -3.32 -17.38
N SER A 401 14.11 -3.96 -18.13
CA SER A 401 12.65 -3.78 -18.00
C SER A 401 12.06 -4.04 -16.61
N ASN A 402 11.67 -2.97 -15.93
CA ASN A 402 10.94 -3.08 -14.66
C ASN A 402 9.82 -2.05 -14.64
N GLY A 403 9.17 -1.85 -15.79
CA GLY A 403 8.15 -0.82 -15.93
C GLY A 403 7.04 -0.93 -14.89
N GLY A 404 6.78 0.16 -14.19
CA GLY A 404 5.68 0.18 -13.24
C GLY A 404 5.93 -0.53 -11.92
N ALA A 405 7.14 -1.06 -11.74
CA ALA A 405 7.47 -1.72 -10.49
C ALA A 405 7.61 -0.72 -9.34
N ALA A 406 7.26 -1.16 -8.14
CA ALA A 406 7.39 -0.30 -6.97
C ALA A 406 8.16 -0.99 -5.85
N VAL A 407 8.92 -0.20 -5.11
CA VAL A 407 9.54 -0.63 -3.86
C VAL A 407 9.15 0.32 -2.75
N ASN A 408 8.20 -0.11 -1.91
CA ASN A 408 7.60 0.76 -0.93
C ASN A 408 8.10 0.50 0.48
N ASN A 409 8.55 1.56 1.13
CA ASN A 409 9.00 1.50 2.52
C ASN A 409 10.09 0.45 2.75
N ALA A 410 11.00 0.33 1.80
CA ALA A 410 12.15 -0.55 1.94
C ALA A 410 13.06 -0.06 3.05
N TYR A 411 13.69 -1.01 3.74
CA TYR A 411 14.72 -0.68 4.70
C TYR A 411 15.96 -1.46 4.28
N ILE A 412 16.95 -0.72 3.78
CA ILE A 412 18.13 -1.32 3.19
C ILE A 412 19.36 -0.75 3.88
N SER A 413 20.18 -1.63 4.46
CA SER A 413 21.30 -1.19 5.25
C SER A 413 22.46 -2.15 5.10
N ARG A 414 23.68 -1.63 5.05
CA ARG A 414 24.85 -2.48 5.23
C ARG A 414 24.96 -2.70 6.73
N LEU A 415 25.55 -3.81 7.15
CA LEU A 415 25.71 -4.04 8.57
C LEU A 415 26.93 -3.25 9.01
N GLY A 416 26.73 -1.96 9.30
CA GLY A 416 27.82 -1.07 9.63
C GLY A 416 28.60 -0.63 8.40
N ASN A 417 29.33 0.48 8.55
CA ASN A 417 30.07 1.05 7.42
C ASN A 417 31.56 0.74 7.45
N THR A 418 31.98 -0.11 8.39
CA THR A 418 33.39 -0.48 8.52
C THR A 418 33.90 -1.16 7.25
N ASN A 419 34.87 -0.53 6.60
CA ASN A 419 35.43 -1.00 5.34
C ASN A 419 34.43 -1.02 4.17
N GLY A 420 33.33 -0.31 4.33
CA GLY A 420 32.33 -0.24 3.28
C GLY A 420 32.88 0.41 2.03
N GLU A 421 33.80 1.35 2.20
CA GLU A 421 34.34 2.12 1.08
C GLU A 421 35.18 1.24 0.16
N LEU A 422 35.56 0.06 0.65
CA LEU A 422 36.40 -0.85 -0.13
C LEU A 422 35.62 -1.90 -0.91
N GLU A 423 34.29 -1.91 -0.74
CA GLU A 423 33.44 -2.88 -1.43
C GLU A 423 33.35 -2.56 -2.92
N GLN A 424 33.53 -3.57 -3.75
CA GLN A 424 33.39 -3.36 -5.17
C GLN A 424 32.04 -3.91 -5.64
N ALA A 425 31.22 -3.02 -6.18
CA ALA A 425 29.91 -3.40 -6.69
C ALA A 425 30.04 -4.48 -7.75
N VAL A 426 29.15 -5.47 -7.67
CA VAL A 426 29.23 -6.65 -8.54
C VAL A 426 28.41 -6.47 -9.82
N TYR A 427 27.16 -6.05 -9.68
CA TYR A 427 26.30 -5.81 -10.84
C TYR A 427 26.03 -4.32 -10.92
N LYS A 428 26.57 -3.67 -11.95
CA LYS A 428 26.54 -2.21 -12.01
C LYS A 428 26.73 -1.73 -13.44
N PRO A 429 26.28 -0.52 -13.76
CA PRO A 429 26.43 -0.07 -15.15
C PRO A 429 27.91 0.25 -15.44
N ALA A 430 28.32 0.20 -16.71
CA ALA A 430 29.72 0.48 -17.06
C ALA A 430 30.18 1.86 -16.58
N GLY A 431 29.31 2.84 -16.68
CA GLY A 431 29.64 4.20 -16.29
C GLY A 431 29.94 4.41 -14.82
N PHE A 432 29.69 3.40 -14.00
CA PHE A 432 30.00 3.53 -12.58
C PHE A 432 31.27 2.78 -12.24
N THR A 433 32.37 3.53 -12.08
CA THR A 433 33.67 2.92 -11.84
C THR A 433 34.18 3.07 -10.41
N GLU A 434 33.42 3.73 -9.55
CA GLU A 434 33.88 3.99 -8.18
C GLU A 434 33.87 2.74 -7.33
N VAL A 435 34.68 2.74 -6.28
CA VAL A 435 34.71 1.65 -5.31
C VAL A 435 33.92 2.10 -4.09
N GLY A 436 33.24 1.16 -3.43
CA GLY A 436 32.37 1.47 -2.30
C GLY A 436 31.07 0.72 -2.46
N ASP A 437 30.44 0.37 -1.33
CA ASP A 437 29.21 -0.41 -1.35
C ASP A 437 28.05 0.45 -1.82
N VAL A 438 27.08 -0.18 -2.48
CA VAL A 438 25.91 0.51 -3.01
C VAL A 438 24.60 -0.11 -2.52
N ALA A 439 23.81 0.69 -1.80
CA ALA A 439 22.55 0.17 -1.29
C ALA A 439 21.59 -0.21 -2.42
N VAL A 440 21.37 0.73 -3.35
CA VAL A 440 20.45 0.49 -4.46
C VAL A 440 21.11 0.86 -5.78
N THR A 441 21.11 -0.07 -6.73
CA THR A 441 21.70 0.13 -8.04
C THR A 441 20.62 -0.09 -9.09
N GLN A 442 20.58 0.79 -10.09
CA GLN A 442 19.58 0.66 -11.13
C GLN A 442 20.16 1.12 -12.47
N PHE A 443 19.98 0.32 -13.51
CA PHE A 443 20.47 0.71 -14.85
C PHE A 443 19.79 -0.02 -16.01
N ALA A 444 20.23 0.30 -17.22
CA ALA A 444 19.74 -0.30 -18.45
C ALA A 444 18.26 -0.04 -18.78
N GLY A 445 17.71 1.07 -18.30
CA GLY A 445 16.33 1.40 -18.59
C GLY A 445 15.33 1.03 -17.51
N SER A 446 15.82 0.57 -16.37
CA SER A 446 14.96 0.21 -15.26
C SER A 446 14.48 1.50 -14.61
N GLU A 447 13.19 1.60 -14.34
CA GLU A 447 12.63 2.80 -13.72
C GLU A 447 11.66 2.43 -12.60
N VAL A 448 12.22 1.91 -11.52
CA VAL A 448 11.45 1.50 -10.35
C VAL A 448 11.14 2.70 -9.45
N LYS A 449 9.91 2.77 -8.97
CA LYS A 449 9.53 3.86 -8.07
C LYS A 449 9.89 3.51 -6.62
N PHE A 450 10.74 4.34 -6.02
CA PHE A 450 11.15 4.12 -4.64
C PHE A 450 10.40 5.05 -3.72
N ASN A 451 9.50 4.48 -2.92
CA ASN A 451 8.69 5.25 -1.99
C ASN A 451 9.15 5.08 -0.56
N SER A 452 9.55 6.20 0.04
CA SER A 452 10.09 6.29 1.38
C SER A 452 11.05 5.18 1.79
N PRO A 453 12.14 5.00 1.02
CA PRO A 453 13.10 3.99 1.49
C PRO A 453 13.90 4.53 2.66
N ILE A 454 14.32 3.64 3.54
CA ILE A 454 15.30 3.99 4.57
C ILE A 454 16.61 3.31 4.21
N ILE A 455 17.64 4.11 4.01
CA ILE A 455 18.95 3.60 3.61
C ILE A 455 19.98 3.96 4.66
N GLU A 456 20.73 2.96 5.11
CA GLU A 456 21.64 3.13 6.23
C GLU A 456 23.02 2.55 5.94
N GLN A 457 24.04 3.29 6.38
CA GLN A 457 25.43 2.82 6.39
C GLN A 457 26.08 2.59 5.02
N ALA A 458 25.51 3.20 3.98
CA ALA A 458 26.00 2.98 2.61
C ALA A 458 27.03 4.02 2.13
N SER A 459 28.05 3.56 1.40
CA SER A 459 28.97 4.47 0.71
C SER A 459 28.24 5.24 -0.39
N PHE A 460 27.47 4.51 -1.20
CA PHE A 460 26.58 5.10 -2.17
C PHE A 460 25.15 4.65 -1.86
N ASP A 461 24.24 5.59 -1.63
CA ASP A 461 22.86 5.23 -1.41
C ASP A 461 22.20 4.72 -2.68
N PHE A 462 22.27 5.51 -3.75
CA PHE A 462 21.69 5.14 -5.02
C PHE A 462 22.70 5.39 -6.15
N VAL A 463 22.94 4.36 -6.95
CA VAL A 463 23.66 4.52 -8.20
C VAL A 463 22.66 4.26 -9.31
N HIS A 464 22.42 5.26 -10.15
CA HIS A 464 21.44 5.07 -11.20
C HIS A 464 21.93 5.55 -12.56
N ALA A 465 21.81 4.71 -13.58
CA ALA A 465 22.18 5.12 -14.91
C ALA A 465 20.99 5.02 -15.85
N GLY A 466 20.85 6.01 -16.72
CA GLY A 466 19.82 5.98 -17.74
C GLY A 466 20.26 4.99 -18.80
N ARG A 467 19.34 4.59 -19.67
CA ARG A 467 19.63 3.66 -20.75
C ARG A 467 20.65 4.27 -21.71
N ASP A 468 21.64 3.48 -22.12
CA ASP A 468 22.78 3.98 -22.90
C ASP A 468 22.41 4.75 -24.17
N THR A 469 21.35 4.33 -24.84
CA THR A 469 21.02 4.87 -26.15
C THR A 469 20.30 6.22 -26.09
N ASP A 470 19.43 6.39 -25.10
CA ASP A 470 18.55 7.55 -25.10
C ASP A 470 18.26 8.12 -23.70
N SER A 471 19.05 7.71 -22.71
CA SER A 471 18.93 8.22 -21.34
C SER A 471 17.58 7.93 -20.70
N TYR A 472 16.86 6.95 -21.21
CA TYR A 472 15.56 6.58 -20.70
C TYR A 472 15.68 5.88 -19.34
N GLY A 473 14.67 6.08 -18.48
CA GLY A 473 14.70 5.49 -17.15
C GLY A 473 14.85 6.55 -16.09
N LEU A 474 13.72 7.09 -15.65
CA LEU A 474 13.72 8.15 -14.64
C LEU A 474 14.05 7.63 -13.25
N PHE A 475 14.98 8.30 -12.57
CA PHE A 475 15.28 7.97 -11.18
C PHE A 475 14.23 8.64 -10.29
N VAL A 477 12.69 8.86 -6.45
CA VAL A 477 12.70 8.55 -5.03
C VAL A 477 11.92 9.61 -4.28
N ASP A 478 10.90 9.15 -3.55
CA ASP A 478 10.11 10.04 -2.71
C ASP A 478 10.51 9.87 -1.24
N LYS A 479 11.10 10.92 -0.67
CA LYS A 479 11.42 10.97 0.75
C LYS A 479 12.38 9.89 1.27
N PRO A 480 13.61 9.85 0.72
CA PRO A 480 14.56 8.90 1.27
C PRO A 480 15.04 9.32 2.67
N HIS A 481 15.04 8.37 3.60
CA HIS A 481 15.54 8.57 4.96
C HIS A 481 16.95 8.00 4.96
N ILE A 482 17.96 8.86 4.85
CA ILE A 482 19.34 8.40 4.68
C ILE A 482 20.24 8.75 5.86
N GLU A 483 20.82 7.75 6.48
CA GLU A 483 21.70 7.96 7.63
C GLU A 483 22.91 7.05 7.52
N SER A 484 23.99 7.42 8.19
CA SER A 484 25.22 6.63 8.22
C SER A 484 26.08 7.06 9.40
N SER A 485 26.52 6.07 10.19
CA SER A 485 27.28 6.34 11.40
C SER A 485 28.58 7.08 11.16
N GLY A 486 28.85 8.08 11.99
CA GLY A 486 30.06 8.87 11.87
C GLY A 486 30.05 9.70 10.61
N GLY A 487 28.87 9.86 10.03
CA GLY A 487 28.68 10.62 8.81
C GLY A 487 29.54 10.17 7.64
N LYS A 488 29.80 8.88 7.54
CA LYS A 488 30.63 8.36 6.46
C LYS A 488 29.81 8.13 5.18
N LYS A 489 30.24 8.74 4.08
CA LYS A 489 29.51 8.60 2.81
C LYS A 489 30.31 9.13 1.61
N LYS A 490 30.08 8.55 0.44
CA LYS A 490 30.62 9.13 -0.79
C LYS A 490 29.56 10.03 -1.41
N HIS A 491 28.48 9.41 -1.88
CA HIS A 491 27.39 10.12 -2.52
C HIS A 491 26.05 9.47 -2.19
N SER A 492 24.97 10.25 -2.24
CA SER A 492 23.63 9.70 -2.03
C SER A 492 22.97 9.37 -3.35
N PHE A 493 23.15 10.25 -4.33
CA PHE A 493 22.53 10.06 -5.62
C PHE A 493 23.59 10.20 -6.70
N TYR A 494 24.05 9.05 -7.20
CA TYR A 494 25.09 9.02 -8.22
C TYR A 494 24.40 8.72 -9.54
N LEU A 495 24.18 9.77 -10.33
CA LEU A 495 23.26 9.71 -11.46
C LEU A 495 24.01 9.87 -12.77
N ILE A 496 23.92 8.84 -13.59
CA ILE A 496 24.68 8.74 -14.83
C ILE A 496 23.75 8.80 -16.03
N ASN A 497 23.96 9.78 -16.90
CA ASN A 497 23.20 9.86 -18.15
C ASN A 497 21.69 9.75 -17.94
N THR A 498 21.14 10.57 -17.04
CA THR A 498 19.77 10.35 -16.62
C THR A 498 19.11 11.62 -16.12
N SER A 499 17.78 11.56 -16.08
CA SER A 499 16.92 12.51 -15.38
C SER A 499 16.48 11.89 -14.04
N SER A 500 15.96 12.73 -13.15
CA SER A 500 15.48 12.27 -11.86
C SER A 500 14.48 13.24 -11.28
N ASN A 501 13.64 12.70 -10.39
CA ASN A 501 12.71 13.47 -9.55
C ASN A 501 12.86 12.94 -8.13
N VAL A 502 13.43 13.75 -7.25
CA VAL A 502 13.69 13.35 -5.87
C VAL A 502 13.05 14.37 -4.92
N THR A 503 12.27 13.86 -3.96
CA THR A 503 11.71 14.71 -2.93
C THR A 503 12.45 14.41 -1.64
N LEU A 504 13.16 15.41 -1.12
CA LEU A 504 13.92 15.22 0.09
C LEU A 504 13.00 15.39 1.29
N SER A 505 13.28 14.66 2.37
CA SER A 505 12.37 14.66 3.51
C SER A 505 12.95 15.38 4.73
N GLY A 506 14.23 15.71 4.66
CA GLY A 506 14.87 16.46 5.73
C GLY A 506 15.95 15.65 6.42
N VAL A 507 16.10 14.41 5.99
CA VAL A 507 17.02 13.48 6.62
C VAL A 507 18.11 13.05 5.65
N GLY A 508 19.34 13.46 5.91
CA GLY A 508 20.45 13.10 5.04
C GLY A 508 21.73 13.79 5.44
N LEU A 509 22.75 13.67 4.60
CA LEU A 509 24.07 14.20 4.89
C LEU A 509 24.94 14.12 3.65
N SER A 510 26.13 14.72 3.74
CA SER A 510 27.19 14.43 2.79
C SER A 510 28.43 14.00 3.56
N GLY A 511 29.35 13.33 2.87
CA GLY A 511 30.50 12.71 3.50
C GLY A 511 31.53 13.64 4.14
N GLN A 512 32.57 13.04 4.71
CA GLN A 512 33.58 13.76 5.47
C GLN A 512 34.65 14.39 4.60
N ASP A 513 34.81 13.90 3.38
CA ASP A 513 35.77 14.48 2.45
C ASP A 513 35.29 15.86 2.00
N PRO A 514 36.07 16.91 2.32
CA PRO A 514 35.66 18.30 2.08
C PRO A 514 35.61 18.71 0.61
N ASP A 515 36.23 17.91 -0.27
CA ASP A 515 36.25 18.25 -1.68
C ASP A 515 35.41 17.31 -2.53
N LEU A 516 35.39 16.03 -2.16
CA LEU A 516 34.92 14.99 -3.06
C LEU A 516 33.49 14.52 -2.76
N ASP A 517 33.10 14.59 -1.50
CA ASP A 517 31.81 14.05 -1.08
C ASP A 517 30.67 15.03 -1.26
N SER A 518 29.62 14.59 -1.95
CA SER A 518 28.46 15.44 -2.16
C SER A 518 27.22 14.59 -2.31
N TYR A 520 24.70 14.79 -4.42
CA TYR A 520 24.51 14.39 -5.80
C TYR A 520 25.81 14.36 -6.58
N PHE A 521 25.91 13.41 -7.49
CA PHE A 521 27.01 13.39 -8.44
C PHE A 521 26.32 13.16 -9.78
N LEU A 522 26.38 14.16 -10.64
CA LEU A 522 25.74 14.10 -11.94
C LEU A 522 26.78 13.82 -13.02
N LYS A 523 26.87 12.56 -13.45
CA LYS A 523 27.88 12.17 -14.40
C LYS A 523 27.31 12.06 -15.81
N ASN A 524 27.76 12.97 -16.69
CA ASN A 524 27.37 12.96 -18.09
C ASN A 524 25.88 12.91 -18.35
N CYS A 525 25.12 13.69 -17.57
CA CYS A 525 23.71 13.84 -17.88
C CYS A 525 23.57 14.75 -19.08
N PRO A 526 22.74 14.35 -20.06
CA PRO A 526 22.62 15.09 -21.31
C PRO A 526 21.90 16.43 -21.13
N GLU A 527 22.03 17.28 -22.15
CA GLU A 527 21.49 18.63 -22.12
C GLU A 527 19.97 18.64 -21.87
N THR A 528 19.28 17.59 -22.30
CA THR A 528 17.83 17.50 -22.20
C THR A 528 17.35 16.89 -20.88
N ALA A 529 18.27 16.35 -20.09
CA ALA A 529 17.90 15.75 -18.82
C ALA A 529 17.61 16.84 -17.78
N ARG A 530 16.75 16.52 -16.82
CA ARG A 530 16.57 17.38 -15.65
C ARG A 530 16.62 16.53 -14.41
N ASN A 531 17.35 17.02 -13.41
CA ASN A 531 17.41 16.33 -12.13
C ASN A 531 16.79 17.21 -11.06
N VAL A 532 15.50 16.98 -10.83
CA VAL A 532 14.67 17.88 -10.04
C VAL A 532 14.71 17.53 -8.57
N VAL A 533 14.96 18.56 -7.76
CA VAL A 533 15.08 18.42 -6.32
C VAL A 533 13.94 19.14 -5.64
N ARG A 534 13.08 18.39 -4.97
CA ARG A 534 11.99 18.98 -4.21
C ARG A 534 12.18 18.61 -2.76
N GLY A 535 11.35 19.18 -1.89
CA GLY A 535 11.35 18.79 -0.50
C GLY A 535 12.27 19.61 0.39
N GLN A 536 12.74 18.99 1.47
CA GLN A 536 13.47 19.72 2.49
C GLN A 536 14.89 19.24 2.58
N PRO A 538 18.52 18.54 4.30
CA PRO A 538 18.93 18.13 5.65
C PRO A 538 19.15 19.33 6.58
N ILE A 539 19.03 19.08 7.87
CA ILE A 539 19.19 20.14 8.85
C ILE A 539 20.65 20.55 8.90
N SER A 540 21.55 19.57 8.93
CA SER A 540 22.99 19.83 8.93
C SER A 540 23.45 20.23 7.53
N GLY A 541 24.46 21.10 7.47
CA GLY A 541 24.97 21.55 6.19
C GLY A 541 25.50 20.38 5.39
N VAL A 542 25.22 20.38 4.08
CA VAL A 542 25.77 19.38 3.20
C VAL A 542 26.39 20.07 2.00
N LYS A 543 27.20 19.34 1.25
CA LYS A 543 27.58 19.77 -0.09
C LYS A 543 26.59 19.16 -1.09
N LEU A 544 25.90 20.02 -1.85
CA LEU A 544 24.78 19.56 -2.68
C LEU A 544 25.19 18.75 -3.89
N VAL A 545 26.08 19.30 -4.72
CA VAL A 545 26.27 18.69 -6.04
C VAL A 545 27.69 18.79 -6.58
N ARG A 546 28.15 17.70 -7.18
CA ARG A 546 29.36 17.67 -7.98
C ARG A 546 28.97 16.96 -9.28
N GLY A 547 29.83 17.00 -10.30
CA GLY A 547 29.53 16.28 -11.51
C GLY A 547 30.63 16.24 -12.56
N THR A 548 30.30 15.64 -13.71
CA THR A 548 31.17 15.64 -14.89
C THR A 548 30.29 15.77 -16.12
N GLY A 549 30.79 16.42 -17.16
CA GLY A 549 30.00 16.64 -18.36
C GLY A 549 29.71 18.12 -18.56
N ASN A 550 29.21 18.46 -19.74
CA ASN A 550 29.12 19.85 -20.16
C ASN A 550 27.77 20.50 -19.98
N TYR A 551 26.81 19.78 -19.38
CA TYR A 551 25.47 20.34 -19.25
C TYR A 551 24.92 20.34 -17.82
N PRO A 552 24.46 21.51 -17.35
CA PRO A 552 23.81 21.59 -16.04
C PRO A 552 22.43 20.94 -16.14
N THR A 553 22.01 20.20 -15.12
CA THR A 553 20.69 19.56 -15.14
C THR A 553 19.94 19.64 -13.82
N LEU A 554 20.62 20.04 -12.75
CA LEU A 554 19.95 20.08 -11.45
C LEU A 554 18.97 21.23 -11.36
N VAL A 555 17.77 20.94 -10.87
CA VAL A 555 16.71 21.94 -10.72
C VAL A 555 16.25 22.01 -9.27
N LEU A 556 16.20 23.21 -8.70
CA LEU A 556 15.68 23.36 -7.35
C LEU A 556 14.26 23.84 -7.47
N ASP A 557 13.31 22.96 -7.16
CA ASP A 557 11.91 23.30 -7.35
C ASP A 557 11.23 23.55 -6.00
N CYS A 558 11.21 24.82 -5.59
CA CYS A 558 10.68 25.24 -4.29
C CYS A 558 11.31 24.49 -3.13
N THR A 559 12.53 24.01 -3.33
CA THR A 559 13.27 23.31 -2.30
C THR A 559 13.40 24.15 -1.03
N ASN A 560 13.01 23.57 0.09
CA ASN A 560 13.16 24.21 1.38
C ASN A 560 14.64 24.04 1.77
N GLY A 562 16.35 25.39 4.25
CA GLY A 562 16.68 25.47 5.67
C GLY A 562 17.79 26.49 5.86
N SER A 563 18.88 26.05 6.48
CA SER A 563 19.99 26.97 6.75
C SER A 563 21.21 26.58 5.91
N GLN A 564 20.98 25.93 4.78
CA GLN A 564 22.07 25.45 3.93
C GLN A 564 22.94 26.58 3.37
N PHE A 565 22.38 27.76 3.18
CA PHE A 565 23.18 28.87 2.64
C PHE A 565 24.27 29.23 3.66
N GLN A 566 23.89 29.18 4.93
CA GLN A 566 24.78 29.49 6.04
C GLN A 566 25.72 28.34 6.47
N PHE A 567 25.25 27.10 6.42
CA PHE A 567 26.07 25.99 6.92
C PHE A 567 26.47 24.96 5.86
N GLY A 568 25.88 25.02 4.68
CA GLY A 568 26.16 24.02 3.67
C GLY A 568 26.99 24.55 2.52
N GLU A 569 27.00 23.82 1.42
CA GLU A 569 27.76 24.23 0.24
C GLU A 569 27.01 23.77 -0.98
N VAL A 570 27.08 24.52 -2.07
CA VAL A 570 26.52 24.02 -3.31
C VAL A 570 27.46 22.95 -3.89
N GLY A 571 28.76 23.14 -3.69
CA GLY A 571 29.75 22.33 -4.34
C GLY A 571 30.11 22.95 -5.67
N ASP A 572 29.56 22.41 -6.74
CA ASP A 572 29.83 22.91 -8.08
C ASP A 572 28.60 23.57 -8.73
N ILE A 573 28.51 24.89 -8.59
CA ILE A 573 27.44 25.69 -9.14
C ILE A 573 27.20 25.45 -10.62
N PHE A 574 28.20 24.97 -11.34
CA PHE A 574 28.05 24.75 -12.78
C PHE A 574 26.86 23.86 -13.11
N TYR A 575 26.59 22.89 -12.25
CA TYR A 575 25.60 21.86 -12.58
C TYR A 575 24.15 22.22 -12.25
N ILE A 576 23.93 23.37 -11.62
CA ILE A 576 22.56 23.86 -11.43
C ILE A 576 22.02 24.47 -12.71
N LYS A 577 20.92 23.90 -13.21
CA LYS A 577 20.29 24.37 -14.43
C LYS A 577 19.29 25.49 -14.14
N ASP A 578 18.39 25.29 -13.19
CA ASP A 578 17.53 26.40 -12.79
C ASP A 578 16.94 26.26 -11.40
N VAL A 579 16.36 27.36 -10.90
CA VAL A 579 15.89 27.47 -9.54
C VAL A 579 14.52 28.14 -9.55
N VAL A 580 13.56 27.51 -8.87
CA VAL A 580 12.22 28.06 -8.74
C VAL A 580 11.90 28.20 -7.24
N GLY A 581 11.40 29.37 -6.83
CA GLY A 581 10.95 29.57 -5.46
C GLY A 581 12.02 29.56 -4.37
N VAL A 582 13.26 29.81 -4.75
CA VAL A 582 14.34 29.96 -3.79
C VAL A 582 15.05 31.27 -4.10
N LYS A 583 15.08 32.18 -3.12
CA LYS A 583 15.67 33.50 -3.36
C LYS A 583 16.66 33.89 -2.26
N ALA A 584 17.49 34.86 -2.58
CA ALA A 584 18.43 35.45 -1.61
C ALA A 584 18.71 36.89 -2.01
N ASP A 585 18.82 37.77 -1.03
CA ASP A 585 19.03 39.20 -1.32
C ASP A 585 20.44 39.55 -1.80
N THR A 586 21.45 38.93 -1.20
CA THR A 586 22.82 39.37 -1.43
C THR A 586 23.79 38.24 -1.71
N LEU A 587 24.70 38.46 -2.67
CA LEU A 587 25.78 37.54 -2.94
C LEU A 587 27.07 38.13 -2.37
N TYR A 588 27.80 37.33 -1.62
CA TYR A 588 29.02 37.80 -0.96
C TYR A 588 30.26 37.19 -1.60
N ILE A 589 31.19 38.07 -1.97
CA ILE A 589 32.44 37.67 -2.59
C ILE A 589 33.59 38.04 -1.64
N ASP A 590 34.54 37.13 -1.46
CA ASP A 590 35.72 37.40 -0.65
C ASP A 590 36.94 36.76 -1.32
N PRO A 591 37.72 37.57 -2.06
CA PRO A 591 38.89 37.06 -2.80
C PRO A 591 39.97 36.51 -1.87
N VAL A 592 39.91 36.87 -0.59
CA VAL A 592 40.92 36.46 0.38
C VAL A 592 40.50 35.20 1.16
N ASN A 593 39.28 35.21 1.68
CA ASN A 593 38.81 34.16 2.56
C ASN A 593 37.68 33.30 2.02
N GLY A 594 37.23 33.58 0.80
CA GLY A 594 36.09 32.90 0.24
C GLY A 594 36.38 31.51 -0.27
N ASN A 595 35.32 30.74 -0.47
CA ASN A 595 35.45 29.36 -0.93
C ASN A 595 34.38 29.16 -1.99
N ASN A 596 34.79 28.74 -3.19
CA ASN A 596 33.83 28.59 -4.27
C ASN A 596 32.82 27.47 -4.09
N TYR A 597 33.04 26.61 -3.10
CA TYR A 597 32.07 25.57 -2.78
C TYR A 597 30.83 26.18 -2.16
N ASN A 598 30.99 27.34 -1.56
CA ASN A 598 29.91 28.00 -0.85
C ASN A 598 28.79 28.43 -1.79
N TRP A 599 27.60 28.59 -1.24
CA TRP A 599 26.49 29.15 -2.00
C TRP A 599 26.77 30.62 -2.34
N GLY A 600 27.27 31.36 -1.35
CA GLY A 600 27.67 32.74 -1.56
C GLY A 600 26.57 33.67 -1.10
N THR A 601 25.41 33.10 -0.78
CA THR A 601 24.24 33.92 -0.47
C THR A 601 24.10 34.22 1.03
N ASN A 602 25.01 33.70 1.83
CA ASN A 602 25.06 34.08 3.25
C ASN A 602 26.42 34.67 3.56
N GLY A 603 26.45 35.76 4.33
CA GLY A 603 27.67 36.51 4.59
C GLY A 603 28.79 35.76 5.31
N THR A 604 28.44 34.72 6.05
CA THR A 604 29.47 33.95 6.74
C THR A 604 30.11 32.93 5.81
N LYS A 605 29.54 32.76 4.62
CA LYS A 605 30.08 31.83 3.66
C LYS A 605 30.13 32.44 2.27
N PRO A 606 31.05 33.40 2.06
CA PRO A 606 31.19 34.01 0.73
C PRO A 606 31.89 33.07 -0.24
N ILE A 607 31.64 33.24 -1.53
CA ILE A 607 32.45 32.55 -2.54
C ILE A 607 33.70 33.41 -2.79
N ARG A 608 34.59 32.95 -3.66
CA ARG A 608 35.92 33.54 -3.81
C ARG A 608 36.09 34.30 -5.12
N GLU A 609 35.44 33.82 -6.17
CA GLU A 609 35.68 34.31 -7.54
C GLU A 609 34.44 34.95 -8.14
N LEU A 610 34.63 35.68 -9.23
CA LEU A 610 33.56 36.42 -9.91
C LEU A 610 32.94 35.63 -11.06
N THR A 611 33.59 34.54 -11.44
CA THR A 611 33.23 33.77 -12.63
C THR A 611 31.73 33.53 -12.80
N ASN A 612 31.06 33.15 -11.70
CA ASN A 612 29.67 32.75 -11.79
C ASN A 612 28.68 33.71 -11.12
N ILE A 613 29.10 34.95 -10.84
CA ILE A 613 28.21 35.83 -10.08
C ILE A 613 26.97 36.23 -10.86
N ALA A 614 27.08 36.33 -12.18
CA ALA A 614 25.90 36.62 -12.99
C ALA A 614 24.89 35.44 -12.92
N LYS A 615 25.41 34.23 -13.10
CA LYS A 615 24.59 33.01 -13.05
C LYS A 615 23.91 32.91 -11.68
N ILE A 616 24.69 33.04 -10.62
CA ILE A 616 24.17 32.97 -9.27
C ILE A 616 23.08 34.01 -8.95
N CYS A 617 23.31 35.27 -9.34
CA CYS A 617 22.30 36.31 -9.12
C CYS A 617 21.01 36.05 -9.93
N GLN A 618 21.14 35.47 -11.12
CA GLN A 618 19.95 35.12 -11.91
C GLN A 618 19.15 34.01 -11.24
N LEU A 619 19.83 32.98 -10.77
CA LEU A 619 19.18 31.87 -10.08
C LEU A 619 18.42 32.30 -8.84
N PHE A 620 19.06 33.09 -7.98
CA PHE A 620 18.48 33.39 -6.68
C PHE A 620 17.89 34.80 -6.59
N ARG A 621 17.89 35.50 -7.72
CA ARG A 621 17.26 36.81 -7.84
C ARG A 621 17.83 37.85 -6.86
N CYS A 622 19.15 37.80 -6.68
CA CYS A 622 19.87 38.71 -5.78
C CYS A 622 19.71 40.16 -6.20
N LYS A 623 19.65 41.05 -5.22
CA LYS A 623 19.49 42.47 -5.47
C LYS A 623 20.83 43.19 -5.37
N SER A 624 21.81 42.56 -4.72
CA SER A 624 23.12 43.18 -4.61
C SER A 624 24.24 42.17 -4.42
N VAL A 625 25.45 42.66 -4.63
CA VAL A 625 26.68 41.89 -4.47
C VAL A 625 27.58 42.66 -3.51
N TYR A 626 28.11 41.97 -2.52
CA TYR A 626 28.96 42.61 -1.54
C TYR A 626 30.38 42.13 -1.75
N LEU A 627 31.28 43.07 -2.01
CA LEU A 627 32.68 42.73 -2.24
C LEU A 627 33.49 42.97 -0.97
N ASN A 628 33.94 41.90 -0.35
CA ASN A 628 34.78 42.01 0.84
C ASN A 628 36.14 42.58 0.45
N ALA A 629 36.89 43.05 1.44
CA ALA A 629 38.17 43.71 1.19
C ALA A 629 39.08 42.86 0.32
N GLY A 630 39.76 43.51 -0.62
CA GLY A 630 40.65 42.84 -1.54
C GLY A 630 40.26 43.14 -2.98
N GLU A 631 41.07 42.69 -3.92
CA GLU A 631 40.80 42.91 -5.32
C GLU A 631 40.15 41.67 -5.95
N SER A 632 38.93 41.84 -6.45
CA SER A 632 38.26 40.78 -7.20
C SER A 632 38.58 40.96 -8.66
N VAL A 633 39.22 39.97 -9.24
CA VAL A 633 39.85 40.10 -10.54
C VAL A 633 39.24 39.12 -11.53
N ILE A 634 39.21 39.51 -12.81
CA ILE A 634 38.92 38.59 -13.89
C ILE A 634 40.08 38.63 -14.90
N THR A 635 40.37 37.49 -15.51
CA THR A 635 41.39 37.44 -16.57
C THR A 635 40.78 37.09 -17.93
N SER A 636 39.48 36.82 -17.94
CA SER A 636 38.74 36.66 -19.19
C SER A 636 37.39 37.39 -19.06
N ASN A 637 36.75 37.67 -20.19
CA ASN A 637 35.52 38.46 -20.21
C ASN A 637 34.42 37.81 -19.36
N THR A 638 33.92 38.55 -18.38
CA THR A 638 32.99 38.02 -17.38
C THR A 638 31.76 38.92 -17.24
N GLU A 639 30.58 38.32 -17.32
CA GLU A 639 29.33 39.07 -17.15
C GLU A 639 29.12 39.53 -15.72
N LEU A 640 28.69 40.79 -15.57
CA LEU A 640 28.26 41.33 -14.29
C LEU A 640 26.74 41.40 -14.29
N PRO A 641 26.12 40.95 -13.19
CA PRO A 641 24.67 41.10 -13.06
C PRO A 641 24.31 42.57 -12.87
N VAL A 643 22.97 44.78 -10.84
CA VAL A 643 22.60 44.96 -9.45
C VAL A 643 23.49 46.00 -8.79
N VAL A 644 23.25 46.24 -7.50
CA VAL A 644 24.10 47.13 -6.72
C VAL A 644 25.30 46.38 -6.17
N PHE A 645 26.51 46.86 -6.47
CA PHE A 645 27.73 46.34 -5.87
C PHE A 645 28.17 47.31 -4.78
N GLU A 646 28.49 46.79 -3.60
CA GLU A 646 28.95 47.63 -2.49
C GLU A 646 30.02 46.87 -1.72
N GLY A 647 30.52 47.47 -0.64
CA GLY A 647 31.57 46.87 0.17
C GLY A 647 32.94 47.49 -0.12
N PRO A 648 33.95 47.15 0.70
CA PRO A 648 35.29 47.74 0.58
C PRO A 648 36.14 47.19 -0.58
N GLY A 649 35.66 46.15 -1.25
CA GLY A 649 36.45 45.52 -2.29
C GLY A 649 36.64 46.36 -3.54
N SER A 650 37.57 45.93 -4.40
CA SER A 650 37.75 46.55 -5.71
C SER A 650 37.55 45.52 -6.82
N LEU A 651 37.25 46.02 -8.01
CA LEU A 651 37.09 45.17 -9.18
C LEU A 651 38.20 45.46 -10.17
N LYS A 652 38.77 44.41 -10.75
CA LYS A 652 39.88 44.55 -11.68
C LYS A 652 39.74 43.63 -12.90
N ALA A 653 39.88 44.20 -14.08
CA ALA A 653 39.93 43.40 -15.30
C ALA A 653 41.37 43.30 -15.83
N ASN A 654 41.97 42.11 -15.69
CA ASN A 654 43.33 41.87 -16.17
C ASN A 654 43.40 41.17 -17.53
N SER A 655 44.62 41.01 -18.03
CA SER A 655 44.88 40.33 -19.30
C SER A 655 44.10 40.90 -20.45
N GLY A 656 43.78 42.19 -20.38
CA GLY A 656 43.00 42.85 -21.41
C GLY A 656 41.53 42.42 -21.44
N SER A 657 41.05 41.81 -20.36
CA SER A 657 39.66 41.39 -20.32
C SER A 657 38.71 42.57 -20.08
N SER A 658 37.42 42.34 -20.30
CA SER A 658 36.37 43.31 -20.03
C SER A 658 35.24 42.70 -19.18
N PHE A 659 34.57 43.54 -18.40
CA PHE A 659 33.33 43.10 -17.76
C PHE A 659 32.23 43.18 -18.81
N LEU A 660 31.34 42.20 -18.81
CA LEU A 660 30.28 42.12 -19.82
C LEU A 660 28.91 42.50 -19.27
N ILE A 661 28.20 43.34 -20.02
CA ILE A 661 26.83 43.72 -19.70
C ILE A 661 25.92 43.17 -20.79
N LYS A 662 25.09 42.19 -20.42
CA LYS A 662 24.33 41.40 -21.38
C LYS A 662 22.84 41.57 -21.22
N ALA A 663 22.42 42.33 -20.21
CA ALA A 663 21.00 42.51 -19.95
C ALA A 663 20.72 43.94 -19.57
N GLY A 664 19.48 44.38 -19.79
CA GLY A 664 19.09 45.72 -19.45
C GLY A 664 18.97 45.89 -17.95
N GLY A 665 18.78 47.14 -17.51
CA GLY A 665 18.69 47.45 -16.11
C GLY A 665 19.78 48.44 -15.71
N THR A 666 20.11 48.44 -14.43
CA THR A 666 21.11 49.33 -13.88
C THR A 666 22.21 48.57 -13.12
N LEU A 667 23.45 48.78 -13.55
CA LEU A 667 24.62 48.33 -12.81
C LEU A 667 25.11 49.49 -11.96
N SER A 668 25.15 49.28 -10.63
CA SER A 668 25.59 50.31 -9.69
C SER A 668 26.78 49.85 -8.87
N LEU A 669 27.87 50.63 -8.91
CA LEU A 669 29.04 50.39 -8.09
C LEU A 669 29.11 51.51 -7.05
N ILE A 670 28.81 51.15 -5.81
CA ILE A 670 28.65 52.17 -4.77
C ILE A 670 29.63 51.99 -3.62
N GLY A 671 30.64 52.86 -3.57
CA GLY A 671 31.52 52.91 -2.41
C GLY A 671 32.62 51.87 -2.44
N LEU A 672 32.75 51.16 -3.56
CA LEU A 672 33.85 50.23 -3.75
C LEU A 672 35.21 50.96 -3.66
N SER A 673 36.29 50.20 -3.51
CA SER A 673 37.63 50.80 -3.50
C SER A 673 38.13 51.10 -4.90
N GLY A 674 37.30 50.86 -5.91
CA GLY A 674 37.62 51.23 -7.27
C GLY A 674 37.35 50.11 -8.26
N ILE A 675 37.24 50.49 -9.53
CA ILE A 675 37.24 49.52 -10.60
C ILE A 675 38.21 50.02 -11.67
N SER A 676 39.01 49.11 -12.21
CA SER A 676 39.97 49.47 -13.25
C SER A 676 40.23 48.30 -14.19
N THR A 677 40.85 48.58 -15.33
CA THR A 677 41.32 47.51 -16.22
C THR A 677 42.80 47.73 -16.53
N ASP A 678 43.48 46.70 -17.00
CA ASP A 678 44.88 46.84 -17.40
C ASP A 678 45.02 47.05 -18.90
N GLY A 679 44.00 47.64 -19.52
CA GLY A 679 44.08 47.98 -20.93
C GLY A 679 42.83 47.76 -21.76
N GLY A 680 41.94 46.89 -21.30
CA GLY A 680 40.72 46.62 -22.05
C GLY A 680 39.62 47.62 -21.73
N HIS A 681 38.63 47.70 -22.61
CA HIS A 681 37.44 48.51 -22.33
C HIS A 681 36.75 47.94 -21.10
N PHE A 683 33.47 48.21 -19.63
CA PHE A 683 32.19 47.53 -19.84
C PHE A 683 31.90 47.33 -21.32
N ARG A 684 31.76 46.07 -21.74
CA ARG A 684 31.33 45.76 -23.09
C ARG A 684 29.85 45.42 -23.12
N VAL A 685 29.07 46.25 -23.81
CA VAL A 685 27.62 46.11 -23.80
C VAL A 685 27.15 45.35 -25.04
N SER A 686 26.46 44.24 -24.84
CA SER A 686 26.00 43.42 -25.96
C SER A 686 24.48 43.27 -25.98
N THR A 687 23.80 44.09 -25.20
CA THR A 687 22.34 44.13 -25.26
C THR A 687 21.84 45.43 -25.87
N VAL A 688 20.70 45.37 -26.55
CA VAL A 688 20.11 46.57 -27.15
C VAL A 688 19.08 47.20 -26.20
N GLU A 689 18.89 46.58 -25.05
CA GLU A 689 17.96 47.11 -24.07
C GLU A 689 18.58 48.29 -23.35
N LYS A 690 17.74 49.07 -22.69
CA LYS A 690 18.23 50.24 -21.95
C LYS A 690 19.18 49.80 -20.86
N VAL A 691 20.38 50.33 -20.89
CA VAL A 691 21.39 49.99 -19.91
C VAL A 691 21.78 51.27 -19.16
N ASN A 692 21.70 51.22 -17.82
CA ASN A 692 22.15 52.34 -17.02
C ASN A 692 23.39 51.93 -16.27
N ILE A 693 24.46 52.72 -16.40
CA ILE A 693 25.67 52.44 -15.63
C ILE A 693 25.96 53.60 -14.68
N HIS A 694 26.03 53.25 -13.38
CA HIS A 694 26.07 54.20 -12.30
C HIS A 694 27.31 53.88 -11.47
N THR A 695 28.34 54.70 -11.58
CA THR A 695 29.59 54.46 -10.85
C THR A 695 29.89 55.55 -9.82
N ASN A 696 29.78 55.18 -8.55
CA ASN A 696 29.99 56.06 -7.42
C ASN A 696 31.21 55.52 -6.66
N CYS A 697 32.32 55.46 -7.39
CA CYS A 697 33.58 54.97 -6.87
C CYS A 697 34.64 55.39 -7.89
N SER A 698 35.90 55.17 -7.55
CA SER A 698 36.98 55.48 -8.49
C SER A 698 36.92 54.55 -9.69
N VAL A 699 37.15 55.10 -10.88
CA VAL A 699 37.01 54.39 -12.15
C VAL A 699 38.21 54.69 -13.05
N ASN A 700 38.90 53.65 -13.51
CA ASN A 700 40.04 53.88 -14.41
C ASN A 700 40.16 52.88 -15.54
N ALA A 701 39.80 53.30 -16.73
CA ALA A 701 39.87 52.45 -17.92
C ALA A 701 41.13 52.75 -18.72
N GLY A 702 41.99 53.61 -18.18
CA GLY A 702 43.25 53.95 -18.80
C GLY A 702 43.03 54.56 -20.18
N ALA A 703 43.66 53.97 -21.19
CA ALA A 703 43.53 54.45 -22.56
C ALA A 703 42.26 53.96 -23.23
N ALA A 704 41.55 53.06 -22.56
CA ALA A 704 40.33 52.48 -23.13
C ALA A 704 39.08 53.27 -22.68
N TYR A 705 37.91 52.75 -23.06
CA TYR A 705 36.64 53.39 -22.74
C TYR A 705 36.05 52.81 -21.46
N VAL A 706 35.24 53.61 -20.77
CA VAL A 706 34.44 53.09 -19.66
C VAL A 706 33.39 52.12 -20.25
N VAL A 707 32.75 52.53 -21.33
CA VAL A 707 31.72 51.71 -21.98
C VAL A 707 31.97 51.55 -23.48
N LEU A 708 32.03 50.31 -23.96
CA LEU A 708 32.02 50.04 -25.40
C LEU A 708 30.75 49.29 -25.77
N SER A 709 29.92 49.89 -26.61
CA SER A 709 28.72 49.19 -27.07
C SER A 709 29.05 48.35 -28.29
N GLU A 710 28.83 47.05 -28.19
CA GLU A 710 29.10 46.15 -29.32
C GLU A 710 27.88 46.03 -30.20
N VAL A 711 26.83 46.75 -29.85
CA VAL A 711 25.57 46.64 -30.58
C VAL A 711 25.03 48.04 -30.82
N GLN A 712 23.84 48.13 -31.40
CA GLN A 712 23.17 49.42 -31.50
C GLN A 712 22.49 49.67 -30.15
N GLY A 713 23.26 50.26 -29.23
CA GLY A 713 22.86 50.34 -27.83
C GLY A 713 22.06 51.56 -27.43
N ASN A 714 21.67 51.56 -26.16
CA ASN A 714 20.87 52.60 -25.55
C ASN A 714 21.37 52.66 -24.10
N ILE A 715 22.32 53.55 -23.85
CA ILE A 715 23.06 53.57 -22.60
C ILE A 715 22.95 54.92 -21.87
N GLU A 716 22.80 54.88 -20.56
CA GLU A 716 22.96 56.08 -19.75
C GLU A 716 24.05 55.83 -18.74
N TYR A 717 25.03 56.71 -18.68
CA TYR A 717 26.17 56.54 -17.79
C TYR A 717 26.21 57.72 -16.84
N ARG A 718 26.38 57.45 -15.56
CA ARG A 718 26.59 58.53 -14.61
C ARG A 718 27.73 58.21 -13.65
N GLN A 719 28.70 59.12 -13.60
CA GLN A 719 29.82 59.03 -12.67
C GLN A 719 29.59 59.98 -11.52
N LEU A 720 29.57 59.46 -10.29
CA LEU A 720 29.35 60.31 -9.12
C LEU A 720 30.53 60.43 -8.17
N PHE A 721 31.15 61.60 -8.20
CA PHE A 721 32.28 61.94 -7.34
C PHE A 721 33.45 61.01 -7.58
N TYR A 722 34.29 60.82 -6.57
CA TYR A 722 35.53 60.08 -6.76
C TYR A 722 36.27 60.60 -7.99
N SER A 723 36.73 59.67 -8.83
CA SER A 723 37.48 60.04 -10.02
C SER A 723 37.18 59.10 -11.17
N VAL A 724 37.38 59.58 -12.39
CA VAL A 724 37.20 58.77 -13.57
C VAL A 724 38.30 59.07 -14.57
N ASN A 725 38.79 58.03 -15.23
CA ASN A 725 39.83 58.18 -16.26
C ASN A 725 39.58 57.22 -17.41
N CYS A 726 39.73 57.73 -18.63
CA CYS A 726 39.43 56.98 -19.85
C CYS A 726 39.81 57.86 -21.04
N SER A 727 39.84 57.29 -22.24
CA SER A 727 40.02 58.09 -23.45
C SER A 727 38.69 58.64 -23.95
N LYS A 728 37.63 57.84 -23.84
CA LYS A 728 36.26 58.30 -24.06
C LYS A 728 35.41 57.62 -23.00
N TYR A 729 34.33 58.25 -22.57
CA TYR A 729 33.46 57.59 -21.60
C TYR A 729 32.69 56.47 -22.29
N ILE A 730 32.16 56.76 -23.47
CA ILE A 730 31.37 55.79 -24.21
C ILE A 730 31.77 55.73 -25.68
N GLY A 731 31.88 54.53 -26.23
CA GLY A 731 32.14 54.34 -27.63
C GLY A 731 31.33 53.18 -28.16
N ALA A 732 31.42 52.92 -29.46
CA ALA A 732 30.69 51.79 -30.05
C ALA A 732 31.50 51.20 -31.20
N THR A 733 31.34 49.90 -31.43
CA THR A 733 32.10 49.22 -32.47
C THR A 733 31.68 49.65 -33.86
N ALA A 734 30.43 50.10 -33.98
CA ALA A 734 29.92 50.53 -35.26
C ALA A 734 28.75 51.48 -35.14
N GLY A 735 28.02 51.57 -36.26
CA GLY A 735 26.85 52.39 -36.45
C GLY A 735 25.88 52.74 -35.34
N GLN A 736 26.05 53.97 -34.85
CA GLN A 736 25.26 54.63 -33.81
C GLN A 736 24.67 53.87 -32.60
N THR A 737 24.89 54.45 -31.42
CA THR A 737 24.42 53.95 -30.14
C THR A 737 24.00 55.20 -29.41
N ILE A 738 22.76 55.26 -28.92
CA ILE A 738 22.34 56.48 -28.25
C ILE A 738 22.76 56.44 -26.79
N ALA A 739 23.19 57.58 -26.26
CA ALA A 739 23.61 57.62 -24.88
C ALA A 739 23.31 58.94 -24.19
N GLY A 740 23.16 58.88 -22.86
CA GLY A 740 23.13 60.06 -22.02
C GLY A 740 24.28 59.92 -21.03
N ILE A 741 24.86 61.05 -20.63
CA ILE A 741 26.00 61.01 -19.73
C ILE A 741 25.96 62.13 -18.69
N VAL A 743 28.78 63.36 -15.71
CA VAL A 743 30.03 63.14 -15.02
C VAL A 743 30.18 64.25 -13.98
N LYS A 744 29.97 63.90 -12.73
CA LYS A 744 30.03 64.87 -11.66
C LYS A 744 31.20 64.59 -10.75
N THR A 745 32.38 65.02 -11.20
CA THR A 745 33.58 65.03 -10.38
C THR A 745 34.59 65.91 -11.10
N ALA A 746 35.44 66.59 -10.34
CA ALA A 746 36.47 67.44 -10.92
C ALA A 746 37.64 66.61 -11.39
N THR A 747 37.82 65.43 -10.79
CA THR A 747 38.89 64.55 -11.23
C THR A 747 38.45 63.68 -12.41
N ARG A 748 38.54 64.25 -13.60
CA ARG A 748 38.08 63.61 -14.84
C ARG A 748 38.98 64.08 -15.97
N PRO A 749 38.99 63.37 -17.12
CA PRO A 749 39.77 63.87 -18.26
C PRO A 749 39.10 65.09 -18.88
N THR A 750 39.50 66.28 -18.43
CA THR A 750 38.86 67.52 -18.84
C THR A 750 39.00 67.79 -20.35
N GLY A 751 40.02 67.21 -20.96
CA GLY A 751 40.24 67.36 -22.39
C GLY A 751 39.16 66.79 -23.28
N ILE A 752 38.27 65.98 -22.71
CA ILE A 752 37.18 65.41 -23.50
C ILE A 752 35.81 65.90 -23.07
N ASP A 753 35.77 66.93 -22.23
CA ASP A 753 34.51 67.58 -21.86
C ASP A 753 33.72 67.93 -23.12
N ALA A 754 34.45 68.27 -24.17
CA ALA A 754 33.87 68.69 -25.44
C ALA A 754 33.48 67.51 -26.34
N ALA A 755 34.24 66.43 -26.27
CA ALA A 755 33.93 65.24 -27.04
C ALA A 755 34.01 64.00 -26.14
N PRO A 756 33.03 63.84 -25.25
CA PRO A 756 33.09 62.79 -24.23
C PRO A 756 32.90 61.37 -24.80
N VAL A 757 32.27 61.27 -25.97
CA VAL A 757 32.01 59.98 -26.58
C VAL A 757 32.53 59.92 -28.01
N ASP A 758 32.71 58.71 -28.54
CA ASP A 758 33.24 58.56 -29.90
C ASP A 758 32.20 58.89 -30.98
N GLY A 759 32.60 58.78 -32.24
CA GLY A 759 31.77 59.17 -33.34
C GLY A 759 30.58 58.26 -33.56
N ASN A 760 30.61 57.06 -32.98
CA ASN A 760 29.52 56.11 -33.15
C ASN A 760 28.43 56.24 -32.07
N VAL A 761 28.60 57.22 -31.20
CA VAL A 761 27.64 57.44 -30.11
C VAL A 761 27.02 58.84 -30.22
N SER A 762 25.69 58.91 -30.19
CA SER A 762 24.99 60.18 -30.22
C SER A 762 24.37 60.47 -28.85
N LEU A 763 24.61 61.68 -28.33
CA LEU A 763 24.14 62.04 -27.00
C LEU A 763 22.69 62.51 -26.96
N THR A 764 21.97 62.12 -25.91
CA THR A 764 20.61 62.60 -25.67
C THR A 764 20.66 63.71 -24.63
N TYR A 765 21.57 63.60 -23.68
CA TYR A 765 21.85 64.68 -22.75
C TYR A 765 23.32 64.60 -22.37
N LYS A 766 23.84 65.68 -21.81
CA LYS A 766 25.23 65.72 -21.39
C LYS A 766 25.37 66.66 -20.22
N ILE A 767 25.67 66.10 -19.05
CA ILE A 767 25.76 66.89 -17.84
C ILE A 767 27.17 66.81 -17.29
N ILE A 768 27.96 67.83 -17.62
CA ILE A 768 29.32 67.97 -17.11
C ILE A 768 29.46 69.42 -16.69
N GLU A 769 30.00 69.66 -15.49
CA GLU A 769 30.17 70.99 -14.87
C GLU A 769 28.86 71.54 -14.30
N GLY B 14 -19.01 -82.73 28.07
CA GLY B 14 -17.89 -81.94 28.57
C GLY B 14 -17.12 -81.39 27.39
N ILE B 15 -16.40 -82.26 26.70
CA ILE B 15 -15.62 -81.86 25.55
C ILE B 15 -16.48 -81.38 24.40
N LEU B 16 -17.59 -82.08 24.14
CA LEU B 16 -18.45 -81.70 23.04
C LEU B 16 -19.23 -80.40 23.31
N THR B 17 -19.59 -80.17 24.57
CA THR B 17 -20.27 -78.93 24.89
C THR B 17 -19.27 -77.78 24.81
N ASN B 18 -18.02 -78.03 25.16
CA ASN B 18 -17.02 -76.98 25.06
C ASN B 18 -16.76 -76.59 23.62
N LYS B 19 -16.73 -77.58 22.72
CA LYS B 19 -16.55 -77.29 21.30
C LYS B 19 -17.69 -76.43 20.80
N GLN B 20 -18.91 -76.71 21.28
CA GLN B 20 -20.06 -75.87 20.99
C GLN B 20 -19.85 -74.43 21.44
N ALA B 21 -19.48 -74.28 22.71
CA ALA B 21 -19.24 -72.95 23.30
C ALA B 21 -18.20 -72.17 22.49
N VAL B 22 -17.04 -72.76 22.30
CA VAL B 22 -15.99 -72.18 21.49
C VAL B 22 -16.46 -71.88 20.06
N ALA B 23 -17.15 -72.83 19.43
CA ALA B 23 -17.65 -72.60 18.07
C ALA B 23 -18.60 -71.42 17.96
N ARG B 24 -19.54 -71.31 18.90
CA ARG B 24 -20.48 -70.21 18.88
C ARG B 24 -19.75 -68.88 19.11
N HIS B 25 -18.71 -68.89 19.92
CA HIS B 25 -17.94 -67.67 20.18
C HIS B 25 -17.26 -67.20 18.90
N PHE B 26 -16.74 -68.13 18.10
CA PHE B 26 -15.99 -67.75 16.90
C PHE B 26 -16.79 -67.73 15.61
N GLY B 27 -18.02 -68.24 15.66
CA GLY B 27 -18.87 -68.31 14.49
C GLY B 27 -18.50 -69.45 13.54
N VAL B 28 -18.01 -70.56 14.09
CA VAL B 28 -17.65 -71.71 13.25
C VAL B 28 -18.53 -72.90 13.62
N LYS B 29 -18.33 -74.02 12.94
CA LYS B 29 -19.03 -75.24 13.27
C LYS B 29 -18.35 -75.99 14.41
N GLN B 30 -19.15 -76.71 15.19
CA GLN B 30 -18.63 -77.54 16.27
C GLN B 30 -17.54 -78.48 15.77
N SER B 31 -17.73 -79.02 14.57
CA SER B 31 -16.77 -79.94 13.99
C SER B 31 -15.46 -79.26 13.56
N GLU B 32 -15.43 -77.93 13.61
CA GLU B 32 -14.25 -77.20 13.14
C GLU B 32 -13.37 -76.73 14.28
N VAL B 33 -13.66 -77.19 15.49
CA VAL B 33 -12.81 -76.96 16.66
C VAL B 33 -12.05 -78.23 17.06
N VAL B 34 -10.73 -78.13 17.14
CA VAL B 34 -9.89 -79.23 17.59
C VAL B 34 -9.20 -78.86 18.92
N TYR B 35 -9.09 -79.82 19.84
CA TYR B 35 -8.28 -79.62 21.04
C TYR B 35 -6.84 -79.87 20.66
N PHE B 36 -5.93 -79.07 21.21
CA PHE B 36 -4.52 -79.39 21.07
C PHE B 36 -4.18 -80.64 21.86
N SER B 37 -3.36 -81.50 21.26
CA SER B 37 -2.64 -82.55 21.97
C SER B 37 -1.49 -82.92 21.06
N VAL B 38 -0.44 -83.53 21.59
CA VAL B 38 0.69 -83.91 20.77
C VAL B 38 0.23 -84.91 19.71
N GLY B 39 0.59 -84.64 18.46
CA GLY B 39 0.25 -85.48 17.33
C GLY B 39 -1.14 -85.29 16.75
N VAL B 40 -1.95 -84.37 17.28
CA VAL B 40 -3.30 -84.20 16.74
C VAL B 40 -3.28 -83.68 15.30
N ASP B 41 -4.15 -84.22 14.44
CA ASP B 41 -4.18 -83.76 13.06
C ASP B 41 -4.93 -82.46 12.96
N LEU B 42 -4.32 -81.48 12.29
CA LEU B 42 -4.82 -80.10 12.28
C LEU B 42 -5.54 -79.74 10.98
N GLY B 43 -5.50 -80.62 9.99
CA GLY B 43 -6.12 -80.35 8.71
C GLY B 43 -7.60 -80.05 8.81
N GLY B 44 -8.03 -78.97 8.17
CA GLY B 44 -9.43 -78.63 8.05
C GLY B 44 -10.06 -77.85 9.20
N TYR B 45 -9.42 -77.87 10.37
CA TYR B 45 -9.98 -77.20 11.54
C TYR B 45 -9.80 -75.68 11.44
N LYS B 46 -10.77 -74.94 11.97
CA LYS B 46 -10.72 -73.48 11.95
C LYS B 46 -10.26 -72.88 13.30
N VAL B 47 -10.50 -73.61 14.39
CA VAL B 47 -10.16 -73.14 15.73
C VAL B 47 -9.48 -74.24 16.56
N ILE B 48 -8.41 -73.87 17.27
CA ILE B 48 -7.77 -74.77 18.19
C ILE B 48 -7.98 -74.33 19.64
N TYR B 49 -8.16 -75.31 20.53
CA TYR B 49 -8.37 -75.05 21.95
C TYR B 49 -7.29 -75.70 22.79
N ASP B 50 -6.72 -74.92 23.70
CA ASP B 50 -5.67 -75.36 24.61
C ASP B 50 -6.37 -75.66 25.93
N LYS B 51 -6.48 -76.92 26.32
CA LYS B 51 -7.26 -77.28 27.51
C LYS B 51 -6.53 -76.95 28.81
N GLU B 52 -5.24 -76.66 28.72
CA GLU B 52 -4.49 -76.28 29.91
C GLU B 52 -4.74 -74.82 30.26
N THR B 53 -4.54 -73.94 29.30
CA THR B 53 -4.76 -72.51 29.53
C THR B 53 -6.23 -72.16 29.37
N GLN B 54 -6.99 -73.09 28.77
CA GLN B 54 -8.40 -72.89 28.46
C GLN B 54 -8.62 -71.66 27.57
N ARG B 55 -7.84 -71.57 26.51
CA ARG B 55 -7.93 -70.49 25.54
C ARG B 55 -8.09 -71.10 24.15
N ALA B 56 -8.80 -70.36 23.29
CA ALA B 56 -9.04 -70.79 21.91
C ALA B 56 -8.44 -69.78 20.96
N TYR B 57 -8.02 -70.29 19.81
CA TYR B 57 -7.37 -69.49 18.77
C TYR B 57 -7.81 -69.95 17.38
N SER B 58 -8.18 -68.99 16.52
CA SER B 58 -8.36 -69.30 15.12
C SER B 58 -7.04 -69.85 14.58
N LEU B 59 -7.11 -70.87 13.72
CA LEU B 59 -5.92 -71.43 13.08
C LEU B 59 -5.66 -70.74 11.74
N PRO B 60 -4.39 -70.67 11.31
CA PRO B 60 -4.13 -70.15 9.96
C PRO B 60 -4.78 -71.05 8.92
N VAL B 61 -5.27 -70.47 7.83
CA VAL B 61 -5.93 -71.25 6.79
C VAL B 61 -4.85 -72.00 6.00
N GLY B 62 -5.24 -73.09 5.33
CA GLY B 62 -4.33 -73.80 4.45
C GLY B 62 -3.38 -74.78 5.13
N ILE B 63 -3.78 -75.28 6.30
CA ILE B 63 -3.05 -76.38 6.92
C ILE B 63 -3.59 -77.68 6.35
N ALA B 64 -2.75 -78.44 5.66
CA ALA B 64 -3.19 -79.65 4.96
C ALA B 64 -3.54 -80.79 5.90
N SER B 65 -4.56 -81.58 5.53
CA SER B 65 -4.79 -82.88 6.17
C SER B 65 -3.46 -83.62 6.22
N GLY B 66 -3.15 -84.26 7.33
CA GLY B 66 -1.86 -84.89 7.50
C GLY B 66 -0.84 -84.06 8.26
N THR B 67 -1.12 -82.77 8.45
CA THR B 67 -0.24 -81.95 9.27
C THR B 67 -0.60 -82.11 10.74
N THR B 68 0.34 -82.54 11.56
CA THR B 68 0.03 -82.87 12.95
C THR B 68 0.73 -81.93 13.94
N ALA B 69 0.13 -81.75 15.12
CA ALA B 69 0.66 -80.82 16.12
C ALA B 69 1.84 -81.41 16.86
N VAL B 70 2.86 -80.59 17.05
CA VAL B 70 4.05 -80.98 17.82
C VAL B 70 4.01 -80.38 19.22
N SER B 71 3.86 -79.05 19.31
CA SER B 71 3.82 -78.38 20.62
C SER B 71 2.99 -77.09 20.59
N LEU B 72 2.51 -76.68 21.75
CA LEU B 72 1.78 -75.41 21.90
C LEU B 72 2.21 -74.76 23.20
N SER B 73 2.88 -73.61 23.11
CA SER B 73 3.44 -72.96 24.31
C SER B 73 2.41 -72.12 25.04
N THR B 74 2.81 -71.64 26.22
CA THR B 74 2.02 -70.72 27.04
C THR B 74 1.81 -69.37 26.33
N ALA B 75 2.64 -69.07 25.34
CA ALA B 75 2.48 -67.85 24.56
C ALA B 75 1.69 -68.10 23.27
N ALA B 76 1.06 -69.27 23.20
CA ALA B 76 0.28 -69.70 22.03
C ALA B 76 1.08 -69.83 20.73
N VAL B 77 2.36 -70.16 20.84
CA VAL B 77 3.11 -70.51 19.65
C VAL B 77 2.87 -71.99 19.34
N LEU B 78 2.32 -72.27 18.18
CA LEU B 78 1.99 -73.65 17.79
C LEU B 78 3.05 -74.19 16.85
N VAL B 79 3.69 -75.30 17.23
CA VAL B 79 4.60 -75.95 16.30
C VAL B 79 3.87 -77.18 15.72
N HIS B 80 3.94 -77.36 14.40
CA HIS B 80 3.34 -78.53 13.77
C HIS B 80 4.24 -79.15 12.70
N SER B 81 3.73 -80.20 12.04
CA SER B 81 4.47 -80.93 11.00
C SER B 81 5.08 -80.04 9.94
N ALA B 82 4.32 -79.03 9.52
CA ALA B 82 4.70 -78.23 8.36
C ALA B 82 5.32 -76.88 8.74
N GLY B 83 5.45 -76.62 10.03
CA GLY B 83 6.08 -75.38 10.48
C GLY B 83 5.54 -74.89 11.80
N SER B 84 5.39 -73.57 11.91
CA SER B 84 4.99 -72.98 13.18
C SER B 84 4.25 -71.67 12.96
N VAL B 85 3.40 -71.32 13.92
CA VAL B 85 2.60 -70.10 13.84
C VAL B 85 2.37 -69.57 15.25
N ASP B 86 2.58 -68.27 15.44
CA ASP B 86 2.23 -67.60 16.69
C ASP B 86 0.75 -67.28 16.63
N LEU B 87 -0.06 -68.07 17.32
CA LEU B 87 -1.51 -67.91 17.23
C LEU B 87 -1.96 -66.61 17.88
N GLY B 88 -1.12 -66.06 18.75
CA GLY B 88 -1.41 -64.77 19.38
C GLY B 88 -1.32 -63.64 18.37
N SER B 89 -0.28 -63.63 17.55
CA SER B 89 -0.13 -62.64 16.47
C SER B 89 -1.27 -62.74 15.47
N LEU B 90 -1.63 -63.98 15.12
CA LEU B 90 -2.72 -64.20 14.17
C LEU B 90 -4.03 -63.67 14.77
N ALA B 91 -4.28 -63.98 16.05
CA ALA B 91 -5.44 -63.47 16.74
C ALA B 91 -5.47 -61.93 16.74
N VAL B 92 -4.32 -61.29 16.94
CA VAL B 92 -4.25 -59.83 16.88
C VAL B 92 -4.66 -59.32 15.51
N SER B 93 -4.14 -59.94 14.46
CA SER B 93 -4.47 -59.52 13.10
C SER B 93 -5.98 -59.67 12.86
N ARG B 94 -6.59 -60.60 13.58
CA ARG B 94 -8.02 -60.88 13.43
C ARG B 94 -8.88 -60.15 14.47
N GLU B 95 -8.25 -59.32 15.31
CA GLU B 95 -8.93 -58.61 16.39
C GLU B 95 -9.71 -59.59 17.28
N GLU B 96 -9.08 -60.72 17.59
CA GLU B 96 -9.64 -61.71 18.50
C GLU B 96 -8.84 -61.70 19.81
N TYR B 97 -9.38 -61.04 20.83
CA TYR B 97 -8.60 -60.78 22.05
C TYR B 97 -9.23 -61.40 23.28
N VAL B 98 -8.45 -61.44 24.34
CA VAL B 98 -8.97 -61.76 25.66
C VAL B 98 -8.63 -60.59 26.57
N THR B 99 -9.63 -59.97 27.20
CA THR B 99 -9.36 -58.87 28.14
C THR B 99 -9.17 -59.47 29.53
N LEU B 100 -7.95 -59.39 30.04
CA LEU B 100 -7.63 -60.04 31.30
C LEU B 100 -8.40 -59.45 32.46
N PRO B 101 -8.60 -60.25 33.53
CA PRO B 101 -9.17 -59.70 34.76
C PRO B 101 -8.28 -58.58 35.28
N GLY B 102 -8.85 -57.65 36.05
CA GLY B 102 -8.05 -56.61 36.65
C GLY B 102 -7.62 -55.52 35.68
N SER B 103 -6.46 -54.94 35.94
CA SER B 103 -6.09 -53.69 35.29
C SER B 103 -4.64 -53.40 35.58
N PHE B 104 -4.16 -52.28 35.05
CA PHE B 104 -2.83 -51.79 35.42
C PHE B 104 -2.74 -51.49 36.93
N ASP B 105 -3.85 -51.03 37.53
CA ASP B 105 -3.93 -50.74 38.97
C ASP B 105 -3.69 -52.06 39.74
N SER B 106 -4.45 -53.10 39.38
CA SER B 106 -4.34 -54.38 40.08
C SER B 106 -3.02 -55.09 39.77
N GLY B 107 -2.48 -54.82 38.58
CA GLY B 107 -1.33 -55.56 38.09
C GLY B 107 -1.82 -56.85 37.45
N SER B 108 -0.94 -57.51 36.70
CA SER B 108 -1.28 -58.73 36.00
C SER B 108 -0.02 -59.36 35.46
N THR B 109 -0.18 -60.52 34.81
CA THR B 109 0.88 -61.13 34.01
C THR B 109 0.30 -61.45 32.63
N LEU B 110 0.92 -60.94 31.58
CA LEU B 110 0.44 -61.22 30.24
C LEU B 110 1.30 -62.34 29.66
N ASN B 111 0.66 -63.28 28.98
CA ASN B 111 1.36 -64.43 28.42
C ASN B 111 1.26 -64.54 26.90
N VAL B 112 0.24 -63.89 26.34
CA VAL B 112 -0.08 -64.07 24.93
C VAL B 112 -0.26 -62.73 24.27
N LYS B 113 0.02 -62.66 22.99
CA LYS B 113 -0.03 -61.40 22.28
C LYS B 113 -1.44 -60.82 22.11
N ASN B 114 -2.46 -61.66 22.30
CA ASN B 114 -3.83 -61.20 22.14
C ASN B 114 -4.51 -60.90 23.48
N GLU B 115 -3.72 -60.82 24.56
CA GLU B 115 -4.26 -60.44 25.86
C GLU B 115 -4.24 -58.93 25.98
N LEU B 116 -5.32 -58.38 26.52
CA LEU B 116 -5.43 -56.94 26.77
C LEU B 116 -5.49 -56.65 28.26
N LEU B 117 -4.84 -55.57 28.68
CA LEU B 117 -4.92 -55.13 30.06
C LEU B 117 -5.55 -53.75 30.04
N THR B 118 -6.59 -53.59 30.85
CA THR B 118 -7.36 -52.35 30.88
C THR B 118 -6.68 -51.27 31.72
N TYR B 119 -6.53 -50.07 31.16
CA TYR B 119 -6.01 -48.92 31.92
C TYR B 119 -7.16 -47.91 32.06
N THR B 120 -6.88 -46.74 32.63
CA THR B 120 -7.93 -45.76 32.87
C THR B 120 -8.45 -45.17 31.56
N ASP B 121 -7.67 -45.24 30.50
CA ASP B 121 -8.10 -44.59 29.27
C ASP B 121 -8.34 -45.57 28.11
N GLY B 122 -8.43 -46.86 28.43
CA GLY B 122 -8.70 -47.88 27.43
C GLY B 122 -7.79 -49.09 27.60
N LYS B 123 -7.72 -49.92 26.57
CA LYS B 123 -6.99 -51.20 26.64
C LYS B 123 -5.67 -51.17 25.87
N TYR B 124 -4.75 -52.02 26.29
CA TYR B 124 -3.44 -52.12 25.68
C TYR B 124 -3.05 -53.59 25.58
N ARG B 125 -2.31 -53.93 24.52
CA ARG B 125 -1.62 -55.21 24.42
C ARG B 125 -0.12 -55.02 24.48
N TRP B 126 0.60 -56.04 24.94
CA TRP B 126 2.06 -55.99 25.04
C TRP B 126 2.71 -56.60 23.79
N ASP B 127 3.53 -55.79 23.12
CA ASP B 127 4.18 -56.16 21.86
C ASP B 127 5.67 -56.49 22.07
N GLY B 128 6.12 -56.58 23.32
CA GLY B 128 7.51 -56.92 23.63
C GLY B 128 7.67 -58.36 24.09
N ILE B 129 8.72 -58.64 24.86
CA ILE B 129 8.97 -60.00 25.34
C ILE B 129 7.89 -60.52 26.28
N LEU B 130 7.42 -61.73 26.03
CA LEU B 130 6.51 -62.43 26.92
C LEU B 130 7.20 -63.55 27.69
N PRO B 131 6.73 -63.88 28.89
CA PRO B 131 5.60 -63.28 29.63
C PRO B 131 5.98 -61.89 30.14
N LYS B 132 4.98 -61.07 30.44
CA LYS B 132 5.20 -59.71 30.87
C LYS B 132 4.50 -59.50 32.21
N THR B 133 5.29 -59.29 33.25
CA THR B 133 4.77 -59.05 34.59
C THR B 133 4.42 -57.57 34.76
N VAL B 134 3.21 -57.31 35.19
CA VAL B 134 2.81 -55.92 35.43
C VAL B 134 2.52 -55.74 36.91
N ALA B 135 3.39 -55.02 37.60
CA ALA B 135 3.24 -54.80 39.04
C ALA B 135 1.95 -54.03 39.31
N PRO B 136 1.33 -54.24 40.49
CA PRO B 136 0.20 -53.37 40.81
C PRO B 136 0.65 -51.92 40.86
N GLY B 137 -0.20 -50.99 40.43
CA GLY B 137 0.14 -49.58 40.45
C GLY B 137 0.96 -49.14 39.24
N SER B 138 0.91 -49.94 38.17
CA SER B 138 1.63 -49.63 36.93
C SER B 138 0.82 -48.74 36.01
N THR B 139 1.50 -48.12 35.05
CA THR B 139 0.85 -47.47 33.93
C THR B 139 1.60 -47.93 32.70
N PRO B 140 0.99 -47.79 31.50
CA PRO B 140 1.74 -48.14 30.29
C PRO B 140 3.06 -47.39 30.21
N ALA B 141 3.03 -46.09 30.52
CA ALA B 141 4.24 -45.27 30.44
C ALA B 141 5.33 -45.77 31.38
N SER B 142 4.94 -46.31 32.53
CA SER B 142 5.93 -46.68 33.54
C SER B 142 6.38 -48.14 33.45
N THR B 143 5.80 -48.90 32.50
CA THR B 143 6.20 -50.30 32.31
C THR B 143 6.60 -50.62 30.87
N GLY B 144 7.32 -49.69 30.26
CA GLY B 144 7.88 -49.91 28.94
C GLY B 144 7.53 -48.85 27.92
N GLY B 145 6.55 -48.02 28.21
CA GLY B 145 6.14 -47.01 27.25
C GLY B 145 5.25 -47.59 26.16
N VAL B 146 4.85 -46.74 25.23
CA VAL B 146 3.88 -47.10 24.21
C VAL B 146 4.49 -47.01 22.82
N GLY B 147 4.38 -48.08 22.04
CA GLY B 147 4.86 -48.09 20.68
C GLY B 147 5.28 -49.50 20.30
N LEU B 148 5.72 -49.69 19.07
CA LEU B 148 6.27 -50.97 18.63
C LEU B 148 7.24 -51.58 19.64
N GLY B 149 7.03 -52.84 19.98
CA GLY B 149 7.91 -53.51 20.91
C GLY B 149 7.55 -53.28 22.37
N ALA B 150 6.53 -52.45 22.59
CA ALA B 150 6.07 -52.14 23.95
C ALA B 150 4.53 -52.16 24.01
N TRP B 151 3.92 -51.24 24.75
CA TRP B 151 2.46 -51.24 24.84
C TRP B 151 1.84 -50.66 23.57
N ILE B 152 0.77 -51.29 23.11
CA ILE B 152 0.05 -50.83 21.94
C ILE B 152 -1.43 -50.66 22.29
N SER B 153 -1.96 -49.47 22.03
CA SER B 153 -3.36 -49.16 22.31
C SER B 153 -4.26 -49.98 21.40
N VAL B 154 -5.32 -50.53 21.96
CA VAL B 154 -6.24 -51.37 21.21
C VAL B 154 -7.68 -51.01 21.52
N GLY B 155 -8.49 -50.92 20.47
CA GLY B 155 -9.94 -50.89 20.67
C GLY B 155 -10.53 -49.50 20.67
N ASP B 156 -11.85 -49.47 20.65
CA ASP B 156 -12.59 -48.23 20.45
C ASP B 156 -12.45 -47.22 21.58
N ALA B 157 -12.49 -47.68 22.83
CA ALA B 157 -12.35 -46.76 23.94
C ALA B 157 -10.98 -46.09 23.93
N SER B 158 -9.92 -46.88 23.71
CA SER B 158 -8.58 -46.33 23.52
C SER B 158 -8.54 -45.30 22.40
N LEU B 159 -9.17 -45.61 21.27
CA LEU B 159 -9.13 -44.67 20.13
C LEU B 159 -9.80 -43.34 20.46
N ARG B 160 -10.94 -43.39 21.14
CA ARG B 160 -11.61 -42.16 21.55
C ARG B 160 -10.72 -41.26 22.41
N THR B 161 -10.07 -41.83 23.42
CA THR B 161 -9.26 -41.01 24.32
C THR B 161 -7.96 -40.57 23.64
N GLN B 162 -7.41 -41.42 22.78
CA GLN B 162 -6.22 -41.03 22.02
C GLN B 162 -6.58 -39.82 21.15
N LEU B 163 -7.71 -39.90 20.44
CA LEU B 163 -8.10 -38.80 19.57
C LEU B 163 -8.36 -37.53 20.39
N ALA B 164 -9.10 -37.67 21.48
CA ALA B 164 -9.48 -36.52 22.31
C ALA B 164 -8.28 -35.82 22.94
N ASN B 165 -7.26 -36.56 23.32
CA ASN B 165 -6.12 -36.02 24.05
C ASN B 165 -4.86 -35.88 23.21
N GLY B 166 -5.00 -36.09 21.90
CA GLY B 166 -3.86 -36.09 21.00
C GLY B 166 -3.60 -34.72 20.42
N ASP B 167 -2.78 -34.66 19.38
CA ASP B 167 -2.49 -33.39 18.72
C ASP B 167 -2.83 -33.45 17.24
N GLY B 168 -3.47 -34.55 16.84
CA GLY B 168 -3.80 -34.73 15.43
C GLY B 168 -2.91 -35.68 14.66
N SER B 169 -1.87 -36.22 15.30
CA SER B 169 -0.95 -37.13 14.60
C SER B 169 -1.55 -38.45 14.12
N LEU B 170 -2.75 -38.77 14.58
CA LEU B 170 -3.44 -39.98 14.12
C LEU B 170 -4.20 -39.77 12.82
N ILE B 171 -4.27 -38.50 12.39
CA ILE B 171 -5.08 -38.13 11.23
C ILE B 171 -4.19 -37.83 10.03
N GLY B 172 -4.21 -38.70 9.03
CA GLY B 172 -3.46 -38.46 7.80
C GLY B 172 -4.07 -37.35 6.97
N ILE B 173 -3.22 -36.63 6.22
CA ILE B 173 -3.66 -35.55 5.33
C ILE B 173 -2.91 -35.62 4.00
N HIS B 174 -3.41 -34.90 3.00
CA HIS B 174 -2.73 -34.89 1.71
C HIS B 174 -1.83 -33.66 1.54
N PRO B 175 -0.78 -33.78 0.70
CA PRO B 175 -0.38 -34.98 -0.05
C PRO B 175 0.33 -36.03 0.81
N GLN B 176 0.78 -35.63 2.00
CA GLN B 176 1.33 -36.57 2.97
C GLN B 176 1.43 -35.85 4.31
N GLY B 177 1.89 -36.56 5.33
CA GLY B 177 2.00 -35.99 6.66
C GLY B 177 0.72 -36.22 7.43
N THR B 178 0.64 -35.63 8.62
CA THR B 178 -0.51 -35.78 9.50
C THR B 178 -1.02 -34.40 9.92
N LEU B 179 -2.24 -34.35 10.45
CA LEU B 179 -2.93 -33.09 10.76
C LEU B 179 -2.10 -32.10 11.60
N ASN B 180 -1.35 -32.60 12.58
CA ASN B 180 -0.57 -31.72 13.44
C ASN B 180 0.48 -30.92 12.64
N ASN B 181 0.87 -31.43 11.47
CA ASN B 181 1.87 -30.80 10.63
C ASN B 181 1.39 -29.47 10.01
N VAL B 182 0.07 -29.30 9.91
CA VAL B 182 -0.46 -28.10 9.27
C VAL B 182 -1.33 -27.20 10.17
N LEU B 183 -1.43 -27.49 11.46
CA LEU B 183 -2.16 -26.58 12.35
C LEU B 183 -1.19 -25.58 12.97
N THR B 184 -1.28 -24.33 12.55
CA THR B 184 -0.34 -23.32 13.03
C THR B 184 -0.99 -22.12 13.72
N VAL B 185 -2.28 -21.92 13.49
CA VAL B 185 -3.03 -20.80 14.07
C VAL B 185 -3.50 -21.07 15.51
N ARG B 186 -3.37 -20.08 16.39
CA ARG B 186 -3.99 -20.14 17.73
C ARG B 186 -5.22 -19.27 17.80
N THR B 187 -6.19 -19.72 18.60
CA THR B 187 -7.41 -18.96 18.85
C THR B 187 -7.70 -18.94 20.35
N PRO B 188 -8.43 -17.92 20.83
CA PRO B 188 -8.83 -17.90 22.25
C PRO B 188 -9.76 -19.08 22.61
N GLU B 189 -10.43 -19.66 21.61
CA GLU B 189 -11.34 -20.78 21.88
C GLU B 189 -10.60 -22.04 22.35
N GLN B 190 -9.33 -22.15 21.97
CA GLN B 190 -8.47 -23.23 22.47
C GLN B 190 -8.29 -23.14 23.98
N TYR B 191 -8.46 -21.93 24.52
CA TYR B 191 -8.30 -21.68 25.95
C TYR B 191 -9.67 -21.50 26.62
N ASN B 192 -10.71 -21.95 25.93
CA ASN B 192 -12.08 -21.85 26.41
C ASN B 192 -12.57 -20.43 26.70
N ALA B 193 -12.07 -19.46 25.96
CA ALA B 193 -12.60 -18.10 26.04
C ALA B 193 -14.07 -18.12 25.64
N VAL B 194 -14.91 -17.39 26.38
CA VAL B 194 -16.35 -17.37 26.12
C VAL B 194 -16.71 -16.62 24.83
N GLY B 195 -16.07 -15.48 24.61
CA GLY B 195 -16.23 -14.78 23.35
C GLY B 195 -17.58 -14.12 23.13
N ASP B 196 -18.23 -13.70 24.21
CA ASP B 196 -19.55 -13.09 24.12
C ASP B 196 -19.55 -11.61 24.53
N GLY B 197 -18.38 -11.11 24.92
CA GLY B 197 -18.28 -9.72 25.34
C GLY B 197 -18.80 -9.46 26.73
N ILE B 198 -19.26 -10.53 27.41
CA ILE B 198 -19.80 -10.43 28.77
C ILE B 198 -18.85 -11.03 29.80
N ALA B 199 -18.54 -12.32 29.63
CA ALA B 199 -17.56 -12.97 30.48
C ALA B 199 -16.20 -12.27 30.41
N ASP B 200 -15.44 -12.36 31.48
CA ASP B 200 -14.10 -11.79 31.52
C ASP B 200 -13.12 -12.82 30.97
N ASP B 201 -12.64 -12.60 29.75
CA ASP B 201 -11.73 -13.53 29.09
C ASP B 201 -10.26 -13.18 29.27
N THR B 202 -9.96 -12.20 30.13
CA THR B 202 -8.60 -11.70 30.32
C THR B 202 -7.55 -12.79 30.52
N SER B 203 -7.78 -13.65 31.51
CA SER B 203 -6.77 -14.65 31.85
C SER B 203 -6.48 -15.63 30.71
N LYS B 204 -7.51 -15.94 29.92
CA LYS B 204 -7.35 -16.81 28.76
C LYS B 204 -6.56 -16.16 27.63
N LEU B 205 -6.86 -14.89 27.37
CA LEU B 205 -6.10 -14.12 26.39
C LEU B 205 -4.64 -14.03 26.82
N LYS B 206 -4.42 -13.71 28.09
CA LYS B 206 -3.05 -13.61 28.59
C LYS B 206 -2.32 -14.94 28.49
N GLU B 207 -3.03 -16.02 28.82
CA GLU B 207 -2.47 -17.35 28.73
C GLU B 207 -2.09 -17.71 27.29
N LEU B 209 -1.25 -15.54 24.95
CA LEU B 209 -0.06 -14.74 24.62
C LEU B 209 1.21 -15.30 25.27
N SER B 210 1.09 -15.66 26.54
CA SER B 210 2.18 -16.28 27.29
C SER B 210 2.65 -17.58 26.68
N ASP B 211 1.71 -18.37 26.20
CA ASP B 211 2.04 -19.65 25.56
C ASP B 211 2.89 -19.43 24.31
N ILE B 212 2.75 -18.27 23.69
CA ILE B 212 3.50 -17.93 22.51
C ILE B 212 4.88 -17.41 22.91
N ASN B 213 4.90 -16.39 23.75
CA ASN B 213 6.15 -15.80 24.18
C ASN B 213 5.98 -15.29 25.60
N ASN B 214 6.56 -15.99 26.57
CA ASN B 214 6.37 -15.65 27.96
C ASN B 214 7.52 -14.78 28.52
N VAL B 215 7.31 -13.47 28.52
CA VAL B 215 8.36 -12.55 28.95
C VAL B 215 8.13 -12.09 30.39
N PRO B 216 9.10 -12.35 31.27
CA PRO B 216 9.03 -11.93 32.68
C PRO B 216 8.97 -10.41 32.76
N GLU B 217 8.15 -9.89 33.67
CA GLU B 217 7.97 -8.45 33.79
C GLU B 217 9.22 -7.75 34.34
N THR B 218 10.04 -8.49 35.06
CA THR B 218 11.32 -7.97 35.55
C THR B 218 12.44 -8.83 34.99
N LEU B 219 13.51 -8.20 34.53
CA LEU B 219 14.64 -8.91 33.98
C LEU B 219 15.97 -8.34 34.50
N PRO B 220 17.00 -9.17 34.59
CA PRO B 220 18.29 -8.78 35.16
C PRO B 220 19.04 -7.69 34.38
N ASP B 221 19.22 -7.89 33.07
CA ASP B 221 20.06 -6.97 32.29
C ASP B 221 19.59 -6.76 30.86
N ALA B 222 20.36 -5.97 30.12
CA ALA B 222 20.06 -5.65 28.72
C ALA B 222 20.04 -6.89 27.83
N ALA B 223 20.99 -7.79 28.06
CA ALA B 223 21.06 -9.02 27.28
C ALA B 223 19.80 -9.86 27.48
N ALA B 224 19.20 -9.74 28.66
CA ALA B 224 18.00 -10.49 29.00
C ALA B 224 16.77 -10.04 28.23
N VAL B 225 16.51 -8.73 28.23
CA VAL B 225 15.31 -8.19 27.57
C VAL B 225 15.38 -8.41 26.06
N ASN B 226 16.58 -8.44 25.51
CA ASN B 226 16.76 -8.63 24.07
C ASN B 226 16.57 -10.07 23.63
N SER B 227 16.73 -11.01 24.55
CA SER B 227 16.66 -12.44 24.23
C SER B 227 15.24 -12.88 23.84
N TYR B 228 14.25 -12.13 24.32
CA TYR B 228 12.86 -12.49 24.08
C TYR B 228 12.32 -11.99 22.75
N GLU B 230 13.91 -13.06 20.15
CA GLU B 230 14.48 -14.12 19.31
C GLU B 230 13.64 -15.39 19.38
N GLN B 231 12.38 -15.25 19.76
CA GLN B 231 11.46 -16.39 19.91
C GLN B 231 10.60 -16.57 18.66
N VAL B 232 10.10 -17.79 18.45
CA VAL B 232 9.29 -18.10 17.26
C VAL B 232 7.97 -17.32 17.23
N ALA B 233 7.65 -16.72 16.08
CA ALA B 233 6.41 -15.99 15.90
C ALA B 233 5.21 -16.93 15.64
N VAL B 234 4.04 -16.53 16.15
CA VAL B 234 2.80 -17.30 15.99
C VAL B 234 1.60 -16.44 15.57
N LYS B 235 0.79 -16.98 14.67
CA LYS B 235 -0.44 -16.30 14.22
C LYS B 235 -1.68 -16.62 15.07
N ILE B 236 -2.35 -15.55 15.50
CA ILE B 236 -3.53 -15.64 16.34
C ILE B 236 -4.74 -15.17 15.54
N ASP B 237 -5.82 -15.96 15.55
CA ASP B 237 -7.07 -15.57 14.89
C ASP B 237 -8.11 -15.28 15.94
N LEU B 238 -8.66 -14.06 15.94
CA LEU B 238 -9.74 -13.71 16.87
C LEU B 238 -11.03 -13.66 16.08
N THR B 239 -12.01 -14.48 16.43
CA THR B 239 -13.20 -14.58 15.59
C THR B 239 -14.47 -14.20 16.31
N LYS B 240 -14.40 -14.06 17.63
CA LYS B 240 -15.56 -13.64 18.43
C LYS B 240 -15.29 -12.30 19.12
N LEU B 241 -15.99 -12.06 20.23
CA LEU B 241 -15.82 -10.79 20.95
C LEU B 241 -15.33 -11.05 22.37
N TYR B 242 -14.15 -10.54 22.70
CA TYR B 242 -13.54 -10.91 23.98
C TYR B 242 -13.43 -9.70 24.89
N ARG B 243 -14.22 -9.74 25.97
CA ARG B 243 -14.12 -8.75 27.03
C ARG B 243 -12.89 -9.03 27.91
N PHE B 244 -12.10 -8.00 28.16
CA PHE B 244 -10.94 -8.12 29.03
C PHE B 244 -10.81 -6.86 29.85
N THR B 245 -10.10 -6.94 30.96
CA THR B 245 -10.23 -5.92 31.99
C THR B 245 -8.90 -5.40 32.48
N GLU B 246 -7.81 -5.96 31.95
CA GLU B 246 -6.47 -5.47 32.28
C GLU B 246 -5.71 -5.26 30.97
N THR B 247 -4.77 -4.32 30.97
CA THR B 247 -4.00 -4.02 29.77
C THR B 247 -3.33 -5.27 29.20
N LEU B 248 -3.54 -5.53 27.91
CA LEU B 248 -2.82 -6.62 27.25
C LEU B 248 -1.49 -6.12 26.70
N TYR B 249 -0.42 -6.82 27.07
CA TYR B 249 0.92 -6.48 26.60
C TYR B 249 1.33 -7.50 25.54
N ILE B 250 1.43 -7.04 24.30
CA ILE B 250 1.76 -7.92 23.20
C ILE B 250 3.24 -8.20 23.18
N PRO B 251 3.63 -9.47 23.34
CA PRO B 251 5.05 -9.82 23.29
C PRO B 251 5.50 -9.88 21.85
N PRO B 252 6.82 -9.79 21.63
CA PRO B 252 7.36 -9.93 20.28
C PRO B 252 6.98 -11.28 19.67
N GLY B 253 6.84 -11.29 18.34
CA GLY B 253 6.56 -12.52 17.61
C GLY B 253 5.10 -12.91 17.63
N VAL B 254 4.22 -11.91 17.52
CA VAL B 254 2.80 -12.19 17.46
C VAL B 254 2.20 -11.53 16.23
N SER B 255 1.43 -12.31 15.49
CA SER B 255 0.61 -11.79 14.41
C SER B 255 -0.86 -11.99 14.78
N ILE B 256 -1.63 -10.91 14.82
CA ILE B 256 -3.02 -10.99 15.20
C ILE B 256 -3.91 -10.72 14.00
N GLU B 257 -4.99 -11.49 13.89
CA GLU B 257 -5.80 -11.48 12.69
C GLU B 257 -7.29 -11.63 13.01
N ILE B 258 -8.10 -10.85 12.29
CA ILE B 258 -9.54 -10.98 12.27
C ILE B 258 -9.85 -11.09 10.78
N PRO B 259 -10.84 -11.91 10.39
CA PRO B 259 -11.10 -12.09 8.96
C PRO B 259 -11.38 -10.78 8.23
N THR B 260 -12.15 -9.88 8.84
CA THR B 260 -12.42 -8.59 8.21
C THR B 260 -12.36 -7.41 9.19
N SER B 261 -11.81 -6.29 8.73
CA SER B 261 -11.79 -5.07 9.51
C SER B 261 -13.18 -4.46 9.53
N ASN B 262 -13.57 -3.95 10.69
CA ASN B 262 -14.81 -3.21 10.81
C ASN B 262 -14.60 -1.78 10.30
N PHE B 263 -15.67 -1.16 9.81
CA PHE B 263 -15.61 0.23 9.36
C PHE B 263 -16.65 1.05 10.12
N PHE B 264 -16.54 1.03 11.44
CA PHE B 264 -17.39 1.81 12.33
C PHE B 264 -18.87 1.42 12.29
N THR B 265 -19.16 0.15 12.56
CA THR B 265 -20.53 -0.33 12.65
C THR B 265 -21.03 -0.30 14.10
N ARG B 266 -22.34 -0.20 14.28
CA ARG B 266 -22.95 0.00 15.59
C ARG B 266 -22.59 -1.07 16.63
N GLU B 267 -23.23 -2.23 16.56
CA GLU B 267 -22.97 -3.30 17.52
C GLU B 267 -21.91 -4.26 17.00
N CYS B 268 -20.67 -4.07 17.43
CA CYS B 268 -19.56 -4.91 16.98
C CYS B 268 -19.68 -6.33 17.54
N LYS B 269 -19.65 -7.32 16.64
CA LYS B 269 -19.80 -8.71 17.03
C LYS B 269 -18.45 -9.45 17.13
N GLN B 270 -17.37 -8.76 16.77
CA GLN B 270 -16.04 -9.37 16.81
C GLN B 270 -15.02 -8.38 17.31
N GLY B 271 -13.99 -8.87 18.00
CA GLY B 271 -12.90 -8.03 18.43
C GLY B 271 -12.64 -8.10 19.93
N LEU B 272 -11.99 -7.06 20.44
CA LEU B 272 -11.61 -6.99 21.84
C LEU B 272 -12.31 -5.80 22.50
N PHE B 273 -12.84 -6.02 23.70
CA PHE B 273 -13.55 -4.99 24.42
C PHE B 273 -12.89 -4.78 25.76
N TYR B 274 -12.20 -3.65 25.89
CA TYR B 274 -11.47 -3.30 27.11
C TYR B 274 -12.40 -2.60 28.08
N ASP B 275 -12.55 -3.19 29.26
CA ASP B 275 -13.52 -2.71 30.25
C ASP B 275 -12.90 -2.79 31.65
N PRO B 276 -11.94 -1.90 31.95
CA PRO B 276 -11.20 -2.00 33.20
C PRO B 276 -11.92 -1.32 34.36
N VAL B 277 -11.53 -1.62 35.58
CA VAL B 277 -12.02 -0.83 36.71
C VAL B 277 -11.33 0.53 36.74
N ASP B 278 -10.02 0.55 36.54
CA ASP B 278 -9.25 1.80 36.42
C ASP B 278 -9.21 2.27 34.96
N LYS B 279 -9.98 3.31 34.63
CA LYS B 279 -10.04 3.86 33.26
C LYS B 279 -8.76 4.58 32.84
N ASN B 280 -7.91 4.94 33.80
CA ASN B 280 -6.69 5.69 33.53
C ASN B 280 -5.58 4.76 33.06
N THR B 281 -5.86 4.02 31.99
CA THR B 281 -4.97 2.96 31.52
C THR B 281 -5.13 2.80 30.00
N ALA B 282 -4.28 2.00 29.39
CA ALA B 282 -4.42 1.65 27.98
C ALA B 282 -5.03 0.25 27.80
N ALA B 283 -5.76 0.06 26.71
CA ALA B 283 -6.28 -1.26 26.37
C ALA B 283 -5.18 -2.23 25.95
N ILE B 284 -4.34 -1.79 25.03
CA ILE B 284 -3.29 -2.63 24.47
C ILE B 284 -1.99 -1.85 24.41
N SER B 285 -0.88 -2.50 24.78
CA SER B 285 0.43 -1.85 24.76
C SER B 285 1.52 -2.78 24.24
N LEU B 286 2.48 -2.22 23.53
CA LEU B 286 3.70 -2.95 23.24
C LEU B 286 4.57 -2.90 24.50
N VAL B 288 7.86 -2.14 26.56
CA VAL B 288 9.07 -1.36 26.71
C VAL B 288 9.59 -1.53 28.14
N TYR B 289 10.86 -1.88 28.26
CA TYR B 289 11.47 -2.10 29.56
C TYR B 289 12.27 -0.89 30.02
N ARG B 290 12.10 -0.53 31.29
CA ARG B 290 12.73 0.66 31.84
C ARG B 290 13.74 0.33 32.94
N LYS B 291 14.96 0.84 32.79
CA LYS B 291 16.03 0.57 33.75
C LYS B 291 15.64 1.07 35.14
N GLN B 292 15.89 0.23 36.14
CA GLN B 292 15.63 0.57 37.53
C GLN B 292 16.92 1.16 38.13
N PRO B 293 16.83 1.76 39.34
CA PRO B 293 18.06 2.23 39.99
C PRO B 293 19.10 1.13 40.14
N ASP B 294 18.65 -0.12 40.23
CA ASP B 294 19.54 -1.28 40.43
C ASP B 294 20.16 -1.77 39.13
N GLY B 295 19.88 -1.10 38.02
CA GLY B 295 20.39 -1.51 36.74
C GLY B 295 19.62 -2.66 36.11
N SER B 296 18.57 -3.12 36.80
CA SER B 296 17.68 -4.14 36.24
C SER B 296 16.56 -3.48 35.44
N TYR B 297 15.73 -4.30 34.78
CA TYR B 297 14.68 -3.79 33.91
C TYR B 297 13.27 -4.24 34.28
N LYS B 298 12.32 -3.31 34.22
CA LYS B 298 10.93 -3.59 34.51
C LYS B 298 10.03 -3.19 33.33
N LEU B 299 9.14 -4.09 32.94
CA LEU B 299 8.17 -3.81 31.90
C LEU B 299 7.41 -2.54 32.24
N ASN B 300 7.28 -1.62 31.28
CA ASN B 300 6.50 -0.43 31.56
C ASN B 300 5.02 -0.72 31.72
N LYS B 301 4.43 -0.17 32.78
CA LYS B 301 3.01 -0.31 33.01
C LYS B 301 2.35 1.04 33.27
N ASP B 302 3.12 2.12 33.16
CA ASP B 302 2.56 3.47 33.30
C ASP B 302 1.86 3.87 32.01
N VAL B 303 0.61 4.30 32.10
CA VAL B 303 -0.16 4.65 30.91
C VAL B 303 0.47 5.81 30.12
N ASP B 304 1.00 6.81 30.83
CA ASP B 304 1.51 8.02 30.19
C ASP B 304 2.91 7.87 29.62
N TYR B 305 3.62 6.82 30.02
CA TYR B 305 5.00 6.67 29.59
C TYR B 305 5.17 6.32 28.10
N TYR B 306 6.15 6.94 27.46
CA TYR B 306 6.56 6.53 26.12
C TYR B 306 8.06 6.73 26.02
N PRO B 307 8.75 5.81 25.37
CA PRO B 307 10.20 5.92 25.20
C PRO B 307 10.57 6.99 24.16
N THR B 308 11.71 7.62 24.35
CA THR B 308 12.26 8.56 23.37
C THR B 308 13.54 7.93 22.84
N GLY B 309 14.08 8.49 21.77
CA GLY B 309 15.39 8.07 21.27
C GLY B 309 16.45 8.21 22.35
N LEU B 310 16.38 9.31 23.11
CA LEU B 310 17.31 9.55 24.22
C LEU B 310 17.29 8.39 25.21
N ASP B 311 16.08 8.00 25.65
CA ASP B 311 15.89 6.88 26.58
C ASP B 311 16.55 5.62 26.06
N ILE B 312 16.31 5.31 24.79
CA ILE B 312 16.90 4.14 24.17
C ILE B 312 18.42 4.24 24.20
N ASP B 313 18.95 5.37 23.73
CA ASP B 313 20.40 5.55 23.62
C ASP B 313 21.09 5.59 24.98
N ASN B 314 20.42 6.14 25.98
CA ASN B 314 20.92 6.12 27.34
C ASN B 314 20.84 4.73 27.97
N GLY B 315 19.99 3.89 27.41
CA GLY B 315 19.75 2.57 27.95
C GLY B 315 18.70 2.59 29.06
N ASP B 316 18.11 3.75 29.30
CA ASP B 316 17.06 3.87 30.32
C ASP B 316 15.82 3.10 29.89
N ALA B 317 15.68 2.92 28.59
CA ALA B 317 14.60 2.12 28.04
C ALA B 317 15.18 1.15 27.03
N ILE B 318 14.65 -0.07 27.03
CA ILE B 318 14.96 -1.03 25.99
C ILE B 318 13.67 -1.54 25.40
N THR B 319 13.59 -1.50 24.09
CA THR B 319 12.41 -1.92 23.34
C THR B 319 12.33 -3.42 23.25
N CYS B 320 11.17 -3.96 23.63
CA CYS B 320 10.88 -5.37 23.45
C CYS B 320 9.63 -5.51 22.60
N ALA B 321 9.66 -4.87 21.42
CA ALA B 321 8.53 -4.87 20.50
C ALA B 321 9.03 -4.96 19.07
N ARG B 322 9.35 -6.19 18.65
CA ARG B 322 9.71 -6.46 17.26
C ARG B 322 8.88 -7.65 16.78
N LYS B 323 8.74 -7.78 15.47
CA LYS B 323 7.98 -8.87 14.88
C LYS B 323 6.53 -8.89 15.39
N ILE B 324 5.87 -7.73 15.32
CA ILE B 324 4.45 -7.66 15.66
C ILE B 324 3.64 -7.13 14.48
N ASP B 325 2.60 -7.87 14.11
CA ASP B 325 1.72 -7.48 13.02
C ASP B 325 0.26 -7.58 13.44
N ILE B 326 -0.53 -6.56 13.09
CA ILE B 326 -1.95 -6.58 13.37
C ILE B 326 -2.71 -6.50 12.06
N ASN B 327 -3.73 -7.33 11.92
CA ASN B 327 -4.54 -7.37 10.72
C ASN B 327 -6.02 -7.38 11.07
N ASN B 328 -6.66 -6.24 10.87
CA ASN B 328 -8.10 -6.09 11.06
C ASN B 328 -8.62 -6.17 12.49
N LEU B 329 -7.76 -6.00 13.49
CA LEU B 329 -8.23 -5.99 14.87
C LEU B 329 -9.24 -4.87 15.12
N ASN B 330 -10.40 -5.23 15.68
CA ASN B 330 -11.35 -4.24 16.18
C ASN B 330 -11.22 -4.10 17.69
N LEU B 331 -10.91 -2.89 18.16
CA LEU B 331 -10.78 -2.64 19.59
C LEU B 331 -11.84 -1.65 20.07
N ILE B 332 -12.66 -2.12 21.02
CA ILE B 332 -13.74 -1.35 21.64
C ILE B 332 -13.30 -1.10 23.08
N THR B 333 -13.78 -0.03 23.67
CA THR B 333 -13.28 0.42 24.95
C THR B 333 -14.45 0.96 25.77
N ALA B 334 -14.47 0.74 27.08
CA ALA B 334 -15.48 1.36 27.93
C ALA B 334 -15.38 2.89 27.82
N PRO B 335 -16.50 3.59 28.00
CA PRO B 335 -16.41 5.06 27.97
C PRO B 335 -15.45 5.54 29.05
N GLY B 336 -14.58 6.49 28.73
CA GLY B 336 -13.68 7.07 29.72
C GLY B 336 -12.30 6.46 29.78
N VAL B 337 -12.09 5.31 29.10
CA VAL B 337 -10.74 4.75 29.02
C VAL B 337 -9.79 5.75 28.36
N LYS B 338 -8.61 5.91 28.94
CA LYS B 338 -7.70 6.96 28.51
C LYS B 338 -7.09 6.71 27.12
N VAL B 339 -6.59 5.50 26.90
CA VAL B 339 -5.85 5.21 25.68
C VAL B 339 -6.25 3.87 25.07
N GLY B 340 -6.47 3.86 23.76
CA GLY B 340 -6.76 2.62 23.05
C GLY B 340 -5.52 1.76 22.94
N VAL B 341 -4.59 2.20 22.10
CA VAL B 341 -3.39 1.41 21.81
C VAL B 341 -2.14 2.25 22.04
N LYS B 342 -1.18 1.71 22.78
CA LYS B 342 0.13 2.32 22.91
C LYS B 342 1.14 1.58 22.03
N TRP B 343 1.41 2.16 20.86
CA TRP B 343 2.33 1.58 19.90
C TRP B 343 3.71 2.15 20.21
N ILE B 344 4.29 1.69 21.31
CA ILE B 344 5.54 2.26 21.82
C ILE B 344 6.74 1.34 21.57
N GLY B 345 7.77 1.87 20.92
CA GLY B 345 8.92 1.08 20.55
C GLY B 345 8.62 0.11 19.42
N GLY B 346 7.53 0.34 18.70
CA GLY B 346 7.10 -0.55 17.63
C GLY B 346 7.83 -0.43 16.30
N ALA B 347 9.16 -0.32 16.35
CA ALA B 347 9.97 -0.15 15.15
C ALA B 347 9.86 -1.34 14.20
N GLY B 348 9.49 -1.06 12.96
CA GLY B 348 9.33 -2.11 11.96
C GLY B 348 8.03 -2.89 12.04
N CYS B 349 7.25 -2.64 13.09
CA CYS B 349 5.99 -3.35 13.30
C CYS B 349 4.94 -2.77 12.39
N THR B 350 3.96 -3.57 12.02
CA THR B 350 2.98 -3.15 11.02
C THR B 350 1.54 -3.40 11.45
N THR B 351 0.65 -2.67 10.81
CA THR B 351 -0.75 -2.66 11.16
C THR B 351 -1.55 -2.46 9.85
N LYS B 352 -2.64 -3.22 9.70
CA LYS B 352 -3.58 -3.03 8.59
C LYS B 352 -5.00 -3.26 9.10
N GLY B 353 -5.89 -2.31 8.88
CA GLY B 353 -7.26 -2.44 9.32
C GLY B 353 -7.48 -2.36 10.83
N LEU B 354 -6.49 -1.84 11.57
CA LEU B 354 -6.67 -1.64 13.00
C LEU B 354 -7.76 -0.61 13.23
N SER B 355 -8.80 -1.02 13.93
CA SER B 355 -9.96 -0.19 14.16
C SER B 355 -10.11 0.04 15.67
N ILE B 356 -10.24 1.30 16.09
CA ILE B 356 -10.27 1.62 17.52
C ILE B 356 -11.49 2.47 17.82
N GLY B 357 -12.32 2.03 18.77
CA GLY B 357 -13.50 2.80 19.14
C GLY B 357 -14.75 2.40 18.38
N GLU B 358 -15.88 2.40 19.09
CA GLU B 358 -17.16 1.97 18.53
C GLU B 358 -18.10 3.13 18.26
N ASN B 359 -18.80 3.05 17.13
CA ASN B 359 -19.86 3.99 16.81
C ASN B 359 -21.15 3.63 17.55
N THR B 360 -21.12 3.81 18.86
CA THR B 360 -22.17 3.35 19.76
C THR B 360 -23.51 4.03 19.54
N GLY B 361 -23.47 5.33 19.31
CA GLY B 361 -24.69 6.11 19.18
C GLY B 361 -24.30 7.58 19.04
N SER B 362 -25.25 8.48 19.23
CA SER B 362 -24.99 9.89 19.01
C SER B 362 -24.45 10.61 20.25
N ASP B 363 -24.40 9.92 21.39
CA ASP B 363 -23.89 10.53 22.61
C ASP B 363 -22.48 10.08 22.96
N ILE B 364 -21.51 10.92 22.61
CA ILE B 364 -20.10 10.56 22.76
C ILE B 364 -19.69 10.25 24.21
N THR B 365 -20.36 10.84 25.18
CA THR B 365 -19.99 10.65 26.58
C THR B 365 -20.23 9.22 27.04
N THR B 366 -21.09 8.49 26.33
CA THR B 366 -21.35 7.11 26.68
C THR B 366 -20.96 6.15 25.55
N ALA B 367 -20.26 6.66 24.54
CA ALA B 367 -19.81 5.80 23.44
C ALA B 367 -18.67 4.91 23.89
N ARG B 368 -18.60 3.72 23.32
CA ARG B 368 -17.55 2.79 23.70
C ARG B 368 -16.26 3.04 22.89
N LEU B 369 -15.59 4.14 23.24
CA LEU B 369 -14.36 4.57 22.56
C LEU B 369 -13.44 5.23 23.58
N PRO B 370 -12.14 5.28 23.28
CA PRO B 370 -11.19 5.84 24.24
C PRO B 370 -11.06 7.35 24.07
N ARG B 371 -10.53 8.02 25.09
CA ARG B 371 -10.30 9.45 24.98
C ARG B 371 -9.19 9.72 23.94
N VAL B 372 -8.15 8.90 23.99
CA VAL B 372 -7.04 8.96 23.05
C VAL B 372 -6.95 7.62 22.30
N GLY B 373 -7.08 7.64 20.99
CA GLY B 373 -7.08 6.39 20.22
C GLY B 373 -5.75 5.67 20.21
N LEU B 374 -4.72 6.34 19.70
CA LEU B 374 -3.41 5.72 19.51
C LEU B 374 -2.31 6.67 19.97
N LEU B 375 -1.33 6.14 20.71
CA LEU B 375 -0.15 6.90 21.12
C LEU B 375 1.10 6.16 20.66
N GLN B 376 1.95 6.82 19.90
CA GLN B 376 3.09 6.16 19.27
C GLN B 376 4.40 6.93 19.42
N SER B 377 5.47 6.22 19.77
CA SER B 377 6.81 6.82 19.80
C SER B 377 7.83 5.71 19.51
N ALA B 378 9.07 6.10 19.18
CA ALA B 378 10.17 5.16 18.93
C ALA B 378 9.78 4.04 17.98
N SER B 379 9.05 4.39 16.92
CA SER B 379 8.51 3.41 15.99
C SER B 379 8.92 3.67 14.55
N TRP B 380 10.21 3.91 14.36
CA TRP B 380 10.72 4.14 13.01
C TRP B 380 10.43 2.93 12.13
N GLY B 381 10.03 3.19 10.89
CA GLY B 381 9.80 2.13 9.93
C GLY B 381 8.49 1.38 10.13
N SER B 382 7.68 1.84 11.07
CA SER B 382 6.36 1.22 11.26
C SER B 382 5.35 1.77 10.25
N ILE B 383 4.44 0.90 9.81
CA ILE B 383 3.44 1.27 8.82
C ILE B 383 2.06 0.94 9.33
N HIS B 384 1.15 1.91 9.31
CA HIS B 384 -0.26 1.64 9.58
C HIS B 384 -1.10 1.85 8.34
N GLU B 385 -1.64 0.77 7.76
CA GLU B 385 -2.57 0.89 6.64
C GLU B 385 -4.01 0.83 7.12
N ASN B 386 -4.85 1.69 6.55
CA ASN B 386 -6.28 1.70 6.86
C ASN B 386 -6.61 1.76 8.34
N LEU B 387 -5.81 2.53 9.08
CA LEU B 387 -6.10 2.79 10.48
C LEU B 387 -7.46 3.45 10.58
N ARG B 388 -8.31 2.96 11.47
CA ARG B 388 -9.61 3.59 11.69
C ARG B 388 -9.78 3.93 13.16
N ILE B 389 -9.94 5.21 13.46
CA ILE B 389 -10.06 5.63 14.85
C ILE B 389 -11.27 6.51 15.09
N LEU B 390 -12.09 6.11 16.05
CA LEU B 390 -13.13 6.96 16.58
C LEU B 390 -12.70 7.33 17.98
N TYR B 391 -12.60 8.63 18.25
CA TYR B 391 -12.05 9.08 19.52
C TYR B 391 -12.94 10.15 20.13
N LYS B 392 -12.62 10.54 21.36
CA LYS B 392 -13.32 11.62 22.04
C LYS B 392 -12.43 12.85 22.23
N THR B 393 -11.18 12.64 22.63
CA THR B 393 -10.29 13.75 22.89
C THR B 393 -9.17 13.90 21.85
N GLN B 394 -8.38 12.85 21.63
CA GLN B 394 -7.35 12.85 20.58
C GLN B 394 -7.44 11.55 19.79
N GLY B 395 -7.28 11.63 18.46
CA GLY B 395 -7.31 10.43 17.64
C GLY B 395 -6.01 9.67 17.73
N ALA B 396 -4.95 10.24 17.15
CA ALA B 396 -3.63 9.59 17.17
C ALA B 396 -2.55 10.60 17.54
N VAL B 397 -1.55 10.14 18.29
CA VAL B 397 -0.47 10.99 18.76
C VAL B 397 0.86 10.34 18.43
N PHE B 398 1.74 11.10 17.77
CA PHE B 398 3.04 10.58 17.36
C PHE B 398 4.15 11.45 17.92
N ILE B 399 5.07 10.86 18.70
CA ILE B 399 6.05 11.66 19.44
C ILE B 399 7.48 11.15 19.24
N ASP B 400 8.44 12.06 19.16
CA ASP B 400 9.87 11.70 19.14
C ASP B 400 10.16 10.79 17.93
N SER B 401 11.17 9.92 18.01
CA SER B 401 11.63 9.14 16.86
C SER B 401 10.53 8.29 16.19
N ASN B 402 10.22 8.61 14.94
CA ASN B 402 9.35 7.78 14.10
C ASN B 402 9.81 7.86 12.66
N GLY B 403 11.13 7.93 12.46
CA GLY B 403 11.68 8.09 11.12
C GLY B 403 11.19 7.06 10.12
N GLY B 404 10.71 7.51 8.97
CA GLY B 404 10.28 6.60 7.92
C GLY B 404 8.94 5.94 8.18
N ALA B 405 8.32 6.25 9.31
CA ALA B 405 6.99 5.74 9.62
C ALA B 405 5.95 6.29 8.66
N ALA B 406 4.92 5.49 8.38
CA ALA B 406 3.87 5.92 7.46
C ALA B 406 2.49 5.56 7.97
N VAL B 407 1.52 6.43 7.67
CA VAL B 407 0.13 6.20 8.00
C VAL B 407 -0.68 6.41 6.74
N ASN B 408 -1.10 5.31 6.11
CA ASN B 408 -1.73 5.36 4.80
C ASN B 408 -3.23 5.10 4.85
N ASN B 409 -3.99 6.01 4.25
CA ASN B 409 -5.44 5.90 4.18
C ASN B 409 -6.13 5.73 5.53
N ALA B 410 -5.68 6.51 6.51
CA ALA B 410 -6.34 6.52 7.81
C ALA B 410 -7.71 7.16 7.70
N TYR B 411 -8.61 6.74 8.57
CA TYR B 411 -9.86 7.44 8.78
C TYR B 411 -9.92 7.76 10.27
N ILE B 412 -9.86 9.03 10.62
CA ILE B 412 -9.79 9.40 12.02
C ILE B 412 -10.87 10.44 12.29
N SER B 413 -11.72 10.15 13.27
CA SER B 413 -12.94 10.90 13.46
C SER B 413 -13.32 10.99 14.94
N ARG B 414 -13.71 12.17 15.40
CA ARG B 414 -14.38 12.26 16.70
C ARG B 414 -15.80 11.81 16.43
N LEU B 415 -16.47 11.24 17.44
CA LEU B 415 -17.86 10.82 17.25
C LEU B 415 -18.77 12.04 17.36
N GLY B 416 -18.91 12.75 16.24
CA GLY B 416 -19.63 14.01 16.23
C GLY B 416 -18.83 15.19 16.78
N ASN B 417 -19.46 16.36 16.67
CA ASN B 417 -18.90 17.68 16.95
C ASN B 417 -19.22 18.24 18.33
N THR B 418 -20.17 17.62 19.01
CA THR B 418 -20.76 18.22 20.19
C THR B 418 -19.76 18.35 21.33
N ASN B 419 -19.57 19.60 21.76
CA ASN B 419 -18.61 19.94 22.80
C ASN B 419 -17.17 19.55 22.47
N GLY B 420 -16.91 19.29 21.18
CA GLY B 420 -15.56 18.97 20.76
C GLY B 420 -14.61 20.09 21.09
N GLU B 421 -15.13 21.32 21.07
CA GLU B 421 -14.28 22.47 21.32
C GLU B 421 -13.87 22.57 22.78
N LEU B 422 -14.45 21.72 23.64
CA LEU B 422 -14.12 21.76 25.07
C LEU B 422 -13.15 20.67 25.47
N GLU B 423 -12.83 19.76 24.54
CA GLU B 423 -11.86 18.71 24.84
C GLU B 423 -10.48 19.29 25.03
N GLN B 424 -9.75 18.76 26.00
CA GLN B 424 -8.39 19.19 26.24
C GLN B 424 -7.39 18.08 25.89
N ALA B 425 -6.59 18.32 24.85
CA ALA B 425 -5.57 17.36 24.43
C ALA B 425 -4.71 16.94 25.61
N VAL B 426 -4.42 15.65 25.68
CA VAL B 426 -3.70 15.05 26.79
C VAL B 426 -2.19 14.96 26.53
N TYR B 427 -1.83 14.42 25.37
CA TYR B 427 -0.44 14.28 24.97
C TYR B 427 -0.17 15.30 23.85
N LYS B 428 0.49 16.39 24.20
CA LYS B 428 0.62 17.54 23.30
C LYS B 428 1.95 18.25 23.54
N PRO B 429 2.44 18.98 22.52
CA PRO B 429 3.65 19.78 22.68
C PRO B 429 3.36 20.98 23.58
N ALA B 430 4.35 21.43 24.35
CA ALA B 430 4.14 22.57 25.27
C ALA B 430 3.59 23.80 24.55
N GLY B 431 4.05 24.03 23.32
CA GLY B 431 3.60 25.16 22.54
C GLY B 431 2.14 25.14 22.10
N PHE B 432 1.44 24.03 22.34
CA PHE B 432 0.02 23.96 22.00
C PHE B 432 -0.86 24.17 23.23
N THR B 433 -1.47 25.34 23.34
CA THR B 433 -2.19 25.72 24.55
C THR B 433 -3.69 25.87 24.29
N GLU B 434 -4.10 25.66 23.05
CA GLU B 434 -5.49 25.82 22.71
C GLU B 434 -6.34 24.68 23.26
N VAL B 435 -7.62 24.97 23.49
CA VAL B 435 -8.56 23.96 23.93
C VAL B 435 -9.32 23.49 22.70
N GLY B 436 -9.60 22.19 22.63
CA GLY B 436 -10.32 21.62 21.51
C GLY B 436 -9.74 20.27 21.18
N ASP B 437 -10.58 19.37 20.68
CA ASP B 437 -10.15 18.02 20.33
C ASP B 437 -9.19 18.04 19.16
N VAL B 438 -8.28 17.06 19.12
CA VAL B 438 -7.27 17.00 18.07
C VAL B 438 -7.17 15.62 17.41
N ALA B 439 -7.43 15.55 16.11
CA ALA B 439 -7.43 14.27 15.42
C ALA B 439 -6.05 13.64 15.39
N VAL B 440 -5.07 14.41 14.91
CA VAL B 440 -3.68 13.94 14.82
C VAL B 440 -2.72 14.94 15.47
N THR B 441 -1.91 14.47 16.41
CA THR B 441 -0.95 15.31 17.09
C THR B 441 0.44 14.76 16.85
N GLN B 442 1.40 15.61 16.54
CA GLN B 442 2.76 15.16 16.31
C GLN B 442 3.77 16.16 16.86
N PHE B 443 4.81 15.70 17.54
CA PHE B 443 5.80 16.63 18.08
C PHE B 443 7.10 15.94 18.49
N ALA B 444 8.06 16.73 18.97
CA ALA B 444 9.35 16.26 19.46
C ALA B 444 10.23 15.59 18.41
N GLY B 445 10.05 15.98 17.15
CA GLY B 445 10.90 15.45 16.11
C GLY B 445 10.31 14.30 15.32
N SER B 446 9.06 13.95 15.62
CA SER B 446 8.39 12.89 14.90
C SER B 446 8.09 13.41 13.50
N GLU B 447 8.27 12.55 12.51
CA GLU B 447 8.07 12.95 11.13
C GLU B 447 7.41 11.84 10.33
N VAL B 448 6.19 11.50 10.72
CA VAL B 448 5.40 10.45 10.10
C VAL B 448 4.78 10.96 8.80
N LYS B 449 4.78 10.12 7.76
CA LYS B 449 4.16 10.54 6.51
C LYS B 449 2.68 10.17 6.49
N PHE B 450 1.82 11.16 6.30
CA PHE B 450 0.39 10.91 6.25
C PHE B 450 -0.11 10.93 4.81
N ASN B 451 -0.54 9.78 4.31
CA ASN B 451 -1.05 9.66 2.94
C ASN B 451 -2.56 9.50 2.89
N SER B 452 -3.20 10.44 2.21
CA SER B 452 -4.65 10.50 2.08
C SER B 452 -5.46 10.16 3.33
N PRO B 453 -5.19 10.84 4.46
CA PRO B 453 -6.05 10.56 5.61
C PRO B 453 -7.41 11.18 5.42
N ILE B 454 -8.44 10.56 5.99
CA ILE B 454 -9.75 11.18 6.07
C ILE B 454 -9.94 11.59 7.51
N ILE B 455 -10.19 12.87 7.74
CA ILE B 455 -10.31 13.40 9.09
C ILE B 455 -11.67 14.07 9.27
N GLU B 456 -12.45 13.60 10.22
CA GLU B 456 -13.82 14.06 10.39
C GLU B 456 -14.14 14.58 11.79
N GLN B 457 -14.95 15.63 11.84
CA GLN B 457 -15.54 16.17 13.07
C GLN B 457 -14.56 16.73 14.07
N ALA B 458 -13.37 17.15 13.63
CA ALA B 458 -12.33 17.58 14.56
C ALA B 458 -12.23 19.11 14.76
N SER B 459 -11.97 19.54 15.99
CA SER B 459 -11.68 20.95 16.26
C SER B 459 -10.37 21.35 15.58
N PHE B 460 -9.36 20.52 15.77
CA PHE B 460 -8.08 20.67 15.09
C PHE B 460 -7.79 19.37 14.36
N ASP B 461 -7.53 19.44 13.06
CA ASP B 461 -7.23 18.23 12.32
C ASP B 461 -5.82 17.75 12.63
N PHE B 462 -4.85 18.65 12.48
CA PHE B 462 -3.47 18.33 12.77
C PHE B 462 -2.85 19.39 13.67
N VAL B 463 -2.21 18.93 14.74
CA VAL B 463 -1.31 19.78 15.52
C VAL B 463 0.07 19.17 15.42
N HIS B 464 1.01 19.94 14.87
CA HIS B 464 2.37 19.46 14.68
C HIS B 464 3.38 20.51 15.15
N ALA B 465 4.33 20.10 15.98
CA ALA B 465 5.41 20.97 16.41
C ALA B 465 6.75 20.35 16.02
N GLY B 466 7.66 21.18 15.53
CA GLY B 466 8.98 20.68 15.21
C GLY B 466 9.73 20.53 16.52
N ARG B 467 10.90 19.90 16.46
CA ARG B 467 11.72 19.70 17.65
C ARG B 467 12.18 21.06 18.21
N ASP B 468 12.11 21.20 19.54
CA ASP B 468 12.43 22.47 20.21
C ASP B 468 13.82 23.00 19.85
N THR B 469 14.78 22.09 19.79
CA THR B 469 16.16 22.46 19.56
C THR B 469 16.40 23.14 18.21
N ASP B 470 15.85 22.57 17.15
CA ASP B 470 16.26 22.95 15.80
C ASP B 470 15.13 22.90 14.77
N SER B 471 13.88 22.85 15.26
CA SER B 471 12.70 22.85 14.41
C SER B 471 12.63 21.62 13.51
N TYR B 472 13.31 20.54 13.90
CA TYR B 472 13.34 19.33 13.08
C TYR B 472 12.00 18.59 13.09
N GLY B 473 11.64 17.99 11.96
CA GLY B 473 10.44 17.18 11.84
C GLY B 473 9.46 17.79 10.86
N LEU B 474 9.58 17.41 9.60
CA LEU B 474 8.70 17.91 8.55
C LEU B 474 7.29 17.38 8.71
N PHE B 475 6.32 18.28 8.73
CA PHE B 475 4.92 17.88 8.72
C PHE B 475 4.50 17.57 7.29
N VAL B 477 1.60 15.89 4.78
CA VAL B 477 0.29 15.31 4.52
C VAL B 477 -0.07 15.43 3.04
N ASP B 478 -0.43 14.30 2.46
CA ASP B 478 -0.76 14.27 1.03
C ASP B 478 -2.25 14.02 0.88
N LYS B 479 -2.97 15.01 0.39
CA LYS B 479 -4.43 14.95 0.17
C LYS B 479 -5.29 14.61 1.39
N PRO B 480 -5.24 15.45 2.43
CA PRO B 480 -6.14 15.19 3.54
C PRO B 480 -7.56 15.48 3.08
N HIS B 481 -8.50 14.63 3.50
CA HIS B 481 -9.90 14.79 3.14
C HIS B 481 -10.59 15.16 4.44
N ILE B 482 -10.87 16.45 4.62
CA ILE B 482 -11.29 17.00 5.92
C ILE B 482 -12.73 17.51 5.88
N GLU B 483 -13.56 17.04 6.81
CA GLU B 483 -14.95 17.47 6.90
C GLU B 483 -15.39 17.59 8.34
N SER B 484 -16.41 18.41 8.60
CA SER B 484 -16.96 18.58 9.93
C SER B 484 -18.40 19.07 9.82
N SER B 485 -19.30 18.45 10.58
CA SER B 485 -20.71 18.76 10.49
C SER B 485 -21.00 20.18 10.95
N GLY B 486 -21.78 20.91 10.17
CA GLY B 486 -22.11 22.28 10.49
C GLY B 486 -20.95 23.22 10.23
N GLY B 487 -19.91 22.70 9.60
CA GLY B 487 -18.71 23.47 9.32
C GLY B 487 -18.03 23.96 10.60
N LYS B 488 -18.06 23.13 11.63
CA LYS B 488 -17.49 23.50 12.92
C LYS B 488 -16.00 23.12 13.00
N LYS B 489 -15.14 24.09 13.31
CA LYS B 489 -13.69 23.85 13.26
C LYS B 489 -12.88 25.05 13.75
N LYS B 490 -11.72 24.78 14.35
CA LYS B 490 -10.80 25.84 14.73
C LYS B 490 -9.74 26.02 13.63
N HIS B 491 -8.90 25.01 13.43
CA HIS B 491 -7.86 25.05 12.40
C HIS B 491 -7.63 23.64 11.87
N SER B 492 -7.13 23.51 10.65
CA SER B 492 -6.80 22.18 10.14
C SER B 492 -5.34 21.80 10.34
N PHE B 493 -4.45 22.77 10.17
CA PHE B 493 -3.01 22.56 10.31
C PHE B 493 -2.49 23.60 11.29
N TYR B 494 -2.34 23.20 12.54
CA TYR B 494 -1.80 24.06 13.58
C TYR B 494 -0.34 23.72 13.70
N LEU B 495 0.52 24.56 13.11
CA LEU B 495 1.92 24.24 12.94
C LEU B 495 2.86 25.09 13.80
N ILE B 496 3.62 24.45 14.68
CA ILE B 496 4.45 25.14 15.66
C ILE B 496 5.92 24.91 15.39
N ASN B 497 6.68 26.00 15.21
CA ASN B 497 8.12 25.91 15.05
C ASN B 497 8.51 24.82 14.07
N THR B 498 7.99 24.88 12.84
CA THR B 498 8.13 23.76 11.91
C THR B 498 8.03 24.17 10.44
N SER B 499 8.54 23.30 9.58
CA SER B 499 8.31 23.35 8.15
C SER B 499 7.22 22.31 7.81
N SER B 500 6.70 22.40 6.60
CA SER B 500 5.71 21.44 6.14
C SER B 500 5.62 21.37 4.62
N ASN B 501 5.01 20.28 4.15
CA ASN B 501 4.71 20.06 2.75
C ASN B 501 3.34 19.39 2.73
N VAL B 502 2.33 20.16 2.34
CA VAL B 502 0.95 19.69 2.30
C VAL B 502 0.38 19.82 0.90
N THR B 503 -0.23 18.76 0.39
CA THR B 503 -0.92 18.81 -0.89
C THR B 503 -2.42 18.74 -0.63
N LEU B 504 -3.12 19.83 -0.95
CA LEU B 504 -4.58 19.89 -0.76
C LEU B 504 -5.28 19.18 -1.93
N SER B 505 -6.51 18.70 -1.70
CA SER B 505 -7.18 17.88 -2.72
C SER B 505 -8.56 18.35 -3.18
N GLY B 506 -9.09 19.41 -2.54
CA GLY B 506 -10.38 19.99 -2.92
C GLY B 506 -11.40 19.91 -1.81
N VAL B 507 -11.09 19.09 -0.81
CA VAL B 507 -12.00 18.86 0.32
C VAL B 507 -11.43 19.52 1.57
N GLY B 508 -12.20 20.40 2.17
CA GLY B 508 -11.73 21.15 3.32
C GLY B 508 -12.68 22.27 3.65
N LEU B 509 -12.36 23.00 4.71
CA LEU B 509 -13.18 24.11 5.18
C LEU B 509 -12.38 24.90 6.20
N SER B 510 -12.86 26.10 6.51
CA SER B 510 -12.43 26.80 7.71
C SER B 510 -13.67 27.11 8.55
N GLY B 511 -13.50 27.28 9.85
CA GLY B 511 -14.62 27.33 10.78
C GLY B 511 -15.53 28.55 10.74
N GLN B 512 -16.45 28.58 11.70
CA GLN B 512 -17.55 29.54 11.68
C GLN B 512 -17.21 30.88 12.32
N ASP B 513 -16.12 30.94 13.07
CA ASP B 513 -15.67 32.20 13.65
C ASP B 513 -14.98 33.04 12.56
N PRO B 514 -15.59 34.18 12.21
CA PRO B 514 -15.10 35.02 11.11
C PRO B 514 -13.76 35.70 11.39
N ASP B 515 -13.25 35.66 12.62
CA ASP B 515 -11.95 36.25 12.94
C ASP B 515 -10.84 35.26 13.24
N LEU B 516 -11.17 34.18 13.94
CA LEU B 516 -10.12 33.33 14.53
C LEU B 516 -9.89 32.01 13.77
N ASP B 517 -10.89 31.54 13.06
CA ASP B 517 -10.80 30.23 12.42
C ASP B 517 -10.05 30.33 11.08
N SER B 518 -9.06 29.48 10.87
CA SER B 518 -8.34 29.49 9.61
C SER B 518 -7.83 28.09 9.30
N TYR B 520 -4.84 27.24 8.14
CA TYR B 520 -3.53 27.17 8.77
C TYR B 520 -3.43 28.11 9.95
N PHE B 521 -2.74 27.65 10.99
CA PHE B 521 -2.21 28.57 11.99
C PHE B 521 -0.72 28.31 12.14
N LEU B 522 0.09 29.33 11.85
CA LEU B 522 1.54 29.17 11.91
C LEU B 522 2.08 29.87 13.16
N LYS B 523 2.44 29.06 14.16
CA LYS B 523 2.89 29.61 15.43
C LYS B 523 4.40 29.58 15.55
N ASN B 524 5.03 30.75 15.49
CA ASN B 524 6.47 30.85 15.74
C ASN B 524 7.33 29.95 14.86
N CYS B 525 6.95 29.80 13.59
CA CYS B 525 7.81 29.09 12.66
C CYS B 525 9.00 29.98 12.32
N PRO B 526 10.21 29.42 12.37
CA PRO B 526 11.42 30.24 12.24
C PRO B 526 11.66 30.74 10.82
N GLU B 527 12.63 31.66 10.69
CA GLU B 527 12.90 32.30 9.42
C GLU B 527 13.25 31.29 8.33
N THR B 528 13.93 30.22 8.73
CA THR B 528 14.41 29.24 7.77
C THR B 528 13.35 28.22 7.40
N ALA B 529 12.21 28.24 8.07
CA ALA B 529 11.16 27.26 7.81
C ALA B 529 10.35 27.62 6.56
N ARG B 530 9.82 26.59 5.89
CA ARG B 530 8.91 26.79 4.78
C ARG B 530 7.72 25.86 4.96
N ASN B 531 6.54 26.43 4.82
CA ASN B 531 5.31 25.66 4.90
C ASN B 531 4.63 25.70 3.53
N VAL B 532 4.90 24.66 2.74
CA VAL B 532 4.58 24.62 1.33
C VAL B 532 3.19 24.05 1.08
N VAL B 533 2.40 24.78 0.29
CA VAL B 533 1.03 24.41 0.01
C VAL B 533 0.92 24.12 -1.48
N ARG B 534 0.63 22.86 -1.79
CA ARG B 534 0.38 22.42 -3.16
C ARG B 534 -1.04 21.90 -3.30
N GLY B 535 -1.43 21.56 -4.51
CA GLY B 535 -2.71 20.92 -4.74
C GLY B 535 -3.85 21.89 -5.01
N GLN B 536 -5.03 21.52 -4.56
CA GLN B 536 -6.24 22.28 -4.86
C GLN B 536 -6.94 22.75 -3.58
N PRO B 538 -10.03 24.04 -1.26
CA PRO B 538 -11.42 23.61 -1.19
C PRO B 538 -12.30 24.42 -2.13
N ILE B 539 -13.43 23.85 -2.53
CA ILE B 539 -14.34 24.56 -3.43
C ILE B 539 -15.00 25.73 -2.69
N SER B 540 -15.43 25.48 -1.46
CA SER B 540 -16.05 26.53 -0.65
C SER B 540 -14.99 27.50 -0.14
N GLY B 541 -15.37 28.77 0.01
CA GLY B 541 -14.45 29.78 0.51
C GLY B 541 -13.92 29.39 1.87
N VAL B 542 -12.62 29.54 2.06
CA VAL B 542 -12.02 29.38 3.39
C VAL B 542 -11.14 30.59 3.72
N LYS B 543 -10.81 30.76 5.00
CA LYS B 543 -9.74 31.67 5.38
C LYS B 543 -8.48 30.84 5.45
N LEU B 544 -7.46 31.23 4.71
CA LEU B 544 -6.26 30.39 4.55
C LEU B 544 -5.35 30.32 5.77
N VAL B 545 -4.93 31.47 6.30
CA VAL B 545 -3.85 31.44 7.26
C VAL B 545 -3.89 32.55 8.31
N ARG B 546 -3.54 32.19 9.55
CA ARG B 546 -3.31 33.15 10.63
C ARG B 546 -2.01 32.67 11.29
N GLY B 547 -1.41 33.48 12.16
CA GLY B 547 -0.15 33.05 12.75
C GLY B 547 0.32 33.98 13.86
N THR B 548 1.44 33.60 14.49
CA THR B 548 2.13 34.41 15.49
C THR B 548 3.59 34.28 15.17
N GLY B 549 4.39 35.31 15.46
CA GLY B 549 5.80 35.26 15.15
C GLY B 549 6.14 36.22 14.04
N ASN B 550 7.43 36.47 13.86
CA ASN B 550 7.89 37.57 13.02
C ASN B 550 8.35 37.16 11.61
N TYR B 551 8.09 35.92 11.22
CA TYR B 551 8.63 35.44 9.94
C TYR B 551 7.57 34.77 9.07
N PRO B 552 7.43 35.24 7.83
CA PRO B 552 6.52 34.56 6.90
C PRO B 552 7.12 33.23 6.45
N THR B 553 6.31 32.16 6.38
CA THR B 553 6.83 30.87 5.90
C THR B 553 5.93 30.14 4.91
N LEU B 554 4.70 30.60 4.70
CA LEU B 554 3.78 29.90 3.80
C LEU B 554 4.13 30.16 2.35
N VAL B 555 4.24 29.09 1.58
CA VAL B 555 4.58 29.16 0.16
C VAL B 555 3.44 28.55 -0.65
N LEU B 556 2.88 29.33 -1.58
CA LEU B 556 1.90 28.79 -2.51
C LEU B 556 2.63 28.29 -3.75
N ASP B 557 2.72 26.98 -3.90
CA ASP B 557 3.48 26.42 -5.02
C ASP B 557 2.53 25.87 -6.07
N CYS B 558 2.18 26.74 -7.03
CA CYS B 558 1.29 26.39 -8.12
C CYS B 558 -0.05 25.89 -7.62
N THR B 559 -0.42 26.37 -6.43
CA THR B 559 -1.66 25.99 -5.78
C THR B 559 -2.84 26.38 -6.66
N ASN B 560 -3.76 25.45 -6.84
CA ASN B 560 -4.99 25.69 -7.59
C ASN B 560 -5.96 26.38 -6.65
N GLY B 562 -8.83 27.84 -7.25
CA GLY B 562 -10.26 27.76 -7.56
C GLY B 562 -10.90 29.13 -7.53
N SER B 563 -11.99 29.28 -6.78
CA SER B 563 -12.61 30.59 -6.72
C SER B 563 -12.33 31.29 -5.38
N GLN B 564 -11.22 30.93 -4.74
CA GLN B 564 -10.96 31.45 -3.40
C GLN B 564 -10.82 32.99 -3.39
N PHE B 565 -10.32 33.59 -4.45
CA PHE B 565 -10.14 35.05 -4.45
C PHE B 565 -11.49 35.72 -4.31
N GLN B 566 -12.51 35.09 -4.91
CA GLN B 566 -13.85 35.65 -4.92
C GLN B 566 -14.64 35.28 -3.67
N PHE B 567 -14.44 34.07 -3.15
CA PHE B 567 -15.28 33.57 -2.06
C PHE B 567 -14.58 33.31 -0.74
N GLY B 568 -13.25 33.30 -0.77
CA GLY B 568 -12.50 32.97 0.43
C GLY B 568 -11.78 34.19 0.97
N GLU B 569 -10.76 33.97 1.80
CA GLU B 569 -10.00 35.02 2.46
C GLU B 569 -8.58 34.52 2.66
N VAL B 570 -7.59 35.41 2.55
CA VAL B 570 -6.24 35.00 2.91
C VAL B 570 -6.13 34.87 4.43
N GLY B 571 -6.85 35.73 5.16
CA GLY B 571 -6.65 35.87 6.59
C GLY B 571 -5.60 36.92 6.86
N ASP B 572 -4.37 36.48 7.11
CA ASP B 572 -3.28 37.37 7.44
C ASP B 572 -2.15 37.26 6.41
N ILE B 573 -2.17 38.18 5.44
CA ILE B 573 -1.17 38.20 4.36
C ILE B 573 0.27 38.24 4.85
N PHE B 574 0.51 38.72 6.08
CA PHE B 574 1.87 38.73 6.62
C PHE B 574 2.59 37.40 6.51
N TYR B 575 1.88 36.29 6.74
CA TYR B 575 2.52 34.97 6.81
C TYR B 575 2.85 34.29 5.48
N ILE B 576 2.42 34.86 4.35
CA ILE B 576 2.83 34.33 3.05
C ILE B 576 4.26 34.74 2.72
N LYS B 577 5.14 33.75 2.58
CA LYS B 577 6.53 34.00 2.22
C LYS B 577 6.75 34.18 0.72
N ASP B 578 6.17 33.30 -0.08
CA ASP B 578 6.40 33.34 -1.50
C ASP B 578 5.26 32.66 -2.24
N VAL B 579 5.09 33.02 -3.50
CA VAL B 579 4.06 32.45 -4.37
C VAL B 579 4.66 32.15 -5.74
N VAL B 580 4.41 30.94 -6.22
CA VAL B 580 4.86 30.48 -7.52
C VAL B 580 3.65 30.04 -8.33
N GLY B 581 3.53 30.51 -9.56
CA GLY B 581 2.49 30.01 -10.45
C GLY B 581 1.06 30.34 -10.04
N VAL B 582 0.89 31.46 -9.34
CA VAL B 582 -0.45 31.98 -9.03
C VAL B 582 -0.47 33.49 -9.30
N LYS B 583 -1.36 33.94 -10.18
CA LYS B 583 -1.38 35.36 -10.57
C LYS B 583 -2.77 35.96 -10.51
N ALA B 584 -2.82 37.29 -10.46
CA ALA B 584 -4.08 38.04 -10.61
C ALA B 584 -3.75 39.38 -11.25
N ASP B 585 -4.67 39.91 -12.05
CA ASP B 585 -4.38 41.15 -12.77
C ASP B 585 -4.48 42.41 -11.94
N THR B 586 -5.47 42.43 -11.05
CA THR B 586 -5.88 43.65 -10.37
C THR B 586 -6.05 43.44 -8.87
N LEU B 587 -5.59 44.42 -8.10
CA LEU B 587 -5.82 44.45 -6.66
C LEU B 587 -6.87 45.53 -6.37
N TYR B 588 -7.90 45.19 -5.60
CA TYR B 588 -9.00 46.11 -5.33
C TYR B 588 -8.96 46.60 -3.89
N ILE B 589 -9.02 47.93 -3.72
CA ILE B 589 -9.00 48.57 -2.41
C ILE B 589 -10.30 49.30 -2.20
N ASP B 590 -10.88 49.15 -1.01
CA ASP B 590 -12.08 49.88 -0.66
C ASP B 590 -12.01 50.32 0.81
N PRO B 591 -11.75 51.62 1.06
CA PRO B 591 -11.58 52.09 2.44
C PRO B 591 -12.91 52.12 3.21
N VAL B 592 -14.01 52.04 2.49
CA VAL B 592 -15.34 52.08 3.11
C VAL B 592 -15.90 50.67 3.34
N ASN B 593 -15.79 49.81 2.34
CA ASN B 593 -16.42 48.50 2.39
C ASN B 593 -15.45 47.32 2.37
N GLY B 594 -14.17 47.61 2.22
CA GLY B 594 -13.19 46.55 2.12
C GLY B 594 -12.95 45.82 3.43
N ASN B 595 -12.36 44.64 3.33
CA ASN B 595 -12.06 43.81 4.50
C ASN B 595 -10.63 43.32 4.33
N ASN B 596 -9.75 43.62 5.29
CA ASN B 596 -8.36 43.18 5.16
C ASN B 596 -8.12 41.67 5.18
N TYR B 597 -9.13 40.91 5.59
CA TYR B 597 -9.06 39.45 5.52
C TYR B 597 -9.08 38.96 4.08
N ASN B 598 -9.61 39.79 3.19
CA ASN B 598 -9.77 39.39 1.81
C ASN B 598 -8.45 39.29 1.08
N TRP B 599 -8.44 38.53 -0.02
CA TRP B 599 -7.27 38.46 -0.89
C TRP B 599 -7.06 39.81 -1.55
N GLY B 600 -8.17 40.43 -1.94
CA GLY B 600 -8.15 41.71 -2.64
C GLY B 600 -8.07 41.63 -4.15
N THR B 601 -7.89 40.43 -4.70
CA THR B 601 -7.62 40.26 -6.12
C THR B 601 -8.90 40.01 -6.92
N ASN B 602 -10.03 39.95 -6.23
CA ASN B 602 -11.30 39.86 -6.93
C ASN B 602 -12.12 41.08 -6.55
N GLY B 603 -12.74 41.73 -7.54
CA GLY B 603 -13.46 42.98 -7.30
C GLY B 603 -14.59 42.92 -6.30
N THR B 604 -15.18 41.75 -6.08
CA THR B 604 -16.28 41.62 -5.12
C THR B 604 -15.76 41.55 -3.69
N LYS B 605 -14.45 41.32 -3.53
CA LYS B 605 -13.83 41.23 -2.21
C LYS B 605 -12.58 42.06 -2.07
N PRO B 606 -12.73 43.39 -2.08
CA PRO B 606 -11.57 44.26 -1.94
C PRO B 606 -11.02 44.24 -0.53
N ILE B 607 -9.76 44.57 -0.36
CA ILE B 607 -9.21 44.81 0.97
C ILE B 607 -9.46 46.26 1.33
N ARG B 608 -9.09 46.66 2.54
CA ARG B 608 -9.45 48.03 2.90
C ARG B 608 -8.29 49.01 3.09
N GLU B 609 -7.11 48.51 3.47
CA GLU B 609 -5.94 49.33 3.81
C GLU B 609 -4.86 49.17 2.72
N LEU B 610 -3.92 50.13 2.66
CA LEU B 610 -2.84 50.14 1.67
C LEU B 610 -1.56 49.48 2.18
N THR B 611 -1.57 49.10 3.45
CA THR B 611 -0.38 48.62 4.14
C THR B 611 0.39 47.53 3.38
N ASN B 612 -0.33 46.56 2.83
CA ASN B 612 0.35 45.44 2.18
C ASN B 612 0.20 45.39 0.67
N ILE B 613 -0.11 46.50 0.04
CA ILE B 613 -0.41 46.41 -1.38
C ILE B 613 0.81 46.12 -2.23
N ALA B 614 1.99 46.58 -1.80
CA ALA B 614 3.19 46.31 -2.59
C ALA B 614 3.46 44.82 -2.55
N LYS B 615 3.41 44.27 -1.34
CA LYS B 615 3.65 42.85 -1.15
C LYS B 615 2.65 42.01 -1.97
N ILE B 616 1.38 42.34 -1.88
CA ILE B 616 0.36 41.59 -2.60
C ILE B 616 0.58 41.62 -4.11
N CYS B 617 0.88 42.80 -4.65
CA CYS B 617 1.15 42.92 -6.08
C CYS B 617 2.40 42.15 -6.49
N GLN B 618 3.41 42.14 -5.62
CA GLN B 618 4.65 41.43 -5.91
C GLN B 618 4.42 39.93 -6.00
N LEU B 619 3.61 39.42 -5.08
CA LEU B 619 3.31 37.99 -5.00
C LEU B 619 2.48 37.52 -6.19
N PHE B 620 1.46 38.29 -6.55
CA PHE B 620 0.52 37.84 -7.56
C PHE B 620 0.72 38.49 -8.93
N ARG B 621 1.76 39.32 -9.05
CA ARG B 621 2.13 39.96 -10.33
C ARG B 621 1.00 40.81 -10.89
N CYS B 622 0.33 41.56 -10.01
CA CYS B 622 -0.75 42.43 -10.43
C CYS B 622 -0.20 43.53 -11.32
N LYS B 623 -1.02 43.97 -12.28
CA LYS B 623 -0.67 45.01 -13.23
C LYS B 623 -1.33 46.32 -12.84
N SER B 624 -2.38 46.24 -12.03
CA SER B 624 -3.06 47.45 -11.61
C SER B 624 -3.69 47.39 -10.22
N VAL B 625 -3.91 48.56 -9.63
CA VAL B 625 -4.62 48.66 -8.37
C VAL B 625 -5.85 49.52 -8.61
N TYR B 626 -7.00 49.05 -8.15
CA TYR B 626 -8.22 49.80 -8.32
C TYR B 626 -8.65 50.37 -6.97
N LEU B 627 -8.77 51.69 -6.90
CA LEU B 627 -9.19 52.38 -5.67
C LEU B 627 -10.66 52.74 -5.78
N ASN B 628 -11.50 52.06 -5.02
CA ASN B 628 -12.90 52.41 -4.92
C ASN B 628 -13.04 53.78 -4.25
N ALA B 629 -14.22 54.39 -4.40
CA ALA B 629 -14.54 55.70 -3.86
C ALA B 629 -14.14 55.84 -2.40
N GLY B 630 -13.58 57.00 -2.06
CA GLY B 630 -13.15 57.28 -0.71
C GLY B 630 -11.65 57.53 -0.63
N GLU B 631 -11.20 58.00 0.53
CA GLU B 631 -9.80 58.32 0.72
C GLU B 631 -9.06 57.11 1.25
N SER B 632 -8.09 56.61 0.48
CA SER B 632 -7.18 55.57 0.98
C SER B 632 -5.98 56.24 1.63
N VAL B 633 -5.83 56.03 2.94
CA VAL B 633 -4.87 56.80 3.73
C VAL B 633 -3.76 55.94 4.27
N ILE B 634 -2.61 56.56 4.54
CA ILE B 634 -1.51 55.91 5.21
C ILE B 634 -1.09 56.88 6.33
N THR B 635 -0.59 56.35 7.44
CA THR B 635 -0.13 57.19 8.54
C THR B 635 1.33 56.90 8.86
N SER B 636 1.92 55.96 8.13
CA SER B 636 3.34 55.64 8.28
C SER B 636 3.84 55.34 6.87
N ASN B 637 5.15 55.46 6.64
CA ASN B 637 5.71 55.26 5.30
C ASN B 637 5.32 53.92 4.69
N THR B 638 4.77 53.95 3.48
CA THR B 638 4.26 52.75 2.81
C THR B 638 4.64 52.65 1.34
N GLU B 639 5.17 51.49 0.95
CA GLU B 639 5.59 51.25 -0.42
C GLU B 639 4.39 51.13 -1.37
N LEU B 640 4.51 51.76 -2.55
CA LEU B 640 3.54 51.56 -3.62
C LEU B 640 4.18 50.68 -4.68
N PRO B 641 3.42 49.71 -5.20
CA PRO B 641 3.96 48.92 -6.31
C PRO B 641 4.02 49.75 -7.59
N VAL B 643 2.80 50.14 -10.60
CA VAL B 643 1.74 49.70 -11.49
C VAL B 643 0.80 50.88 -11.75
N VAL B 644 -0.28 50.63 -12.47
CA VAL B 644 -1.27 51.66 -12.74
C VAL B 644 -2.32 51.67 -11.62
N PHE B 645 -2.59 52.85 -11.06
CA PHE B 645 -3.67 53.05 -10.11
C PHE B 645 -4.80 53.76 -10.83
N GLU B 646 -6.02 53.23 -10.72
CA GLU B 646 -7.19 53.83 -11.32
C GLU B 646 -8.35 53.77 -10.35
N GLY B 647 -9.51 54.25 -10.78
CA GLY B 647 -10.69 54.30 -9.93
C GLY B 647 -10.96 55.70 -9.39
N PRO B 648 -12.11 55.89 -8.74
CA PRO B 648 -12.52 57.18 -8.20
C PRO B 648 -11.88 57.55 -6.85
N GLY B 649 -11.19 56.59 -6.22
CA GLY B 649 -10.57 56.84 -4.92
C GLY B 649 -9.50 57.91 -4.97
N SER B 650 -9.09 58.37 -3.80
CA SER B 650 -7.96 59.27 -3.66
C SER B 650 -6.93 58.64 -2.72
N LEU B 651 -5.71 59.15 -2.76
CA LEU B 651 -4.62 58.67 -1.91
C LEU B 651 -4.19 59.80 -0.98
N LYS B 652 -3.97 59.49 0.30
CA LYS B 652 -3.59 60.53 1.27
C LYS B 652 -2.50 60.03 2.19
N ALA B 653 -1.40 60.77 2.28
CA ALA B 653 -0.35 60.46 3.23
C ALA B 653 -0.51 61.39 4.41
N ASN B 654 -0.87 60.83 5.56
CA ASN B 654 -1.05 61.59 6.79
C ASN B 654 0.06 61.39 7.81
N SER B 655 0.01 62.19 8.87
CA SER B 655 0.98 62.14 9.97
C SER B 655 2.41 62.33 9.50
N GLY B 656 2.55 63.09 8.41
CA GLY B 656 3.86 63.42 7.90
C GLY B 656 4.52 62.28 7.14
N SER B 657 3.76 61.24 6.83
CA SER B 657 4.34 60.10 6.13
C SER B 657 4.49 60.34 4.63
N SER B 658 5.16 59.39 3.97
CA SER B 658 5.41 59.44 2.52
C SER B 658 5.10 58.10 1.88
N PHE B 659 4.78 58.12 0.60
CA PHE B 659 4.70 56.88 -0.18
C PHE B 659 6.10 56.49 -0.61
N LEU B 660 6.41 55.20 -0.59
CA LEU B 660 7.76 54.75 -0.86
C LEU B 660 7.87 54.08 -2.22
N ILE B 661 8.89 54.47 -2.97
CA ILE B 661 9.21 53.81 -4.23
C ILE B 661 10.53 53.06 -4.08
N LYS B 662 10.47 51.73 -4.14
CA LYS B 662 11.63 50.87 -3.84
C LYS B 662 12.09 50.03 -5.02
N ALA B 663 11.42 50.15 -6.15
CA ALA B 663 11.77 49.35 -7.31
C ALA B 663 11.63 50.19 -8.56
N GLY B 664 12.38 49.84 -9.60
CA GLY B 664 12.24 50.50 -10.88
C GLY B 664 10.93 50.19 -11.58
N GLY B 665 10.63 50.95 -12.62
CA GLY B 665 9.42 50.71 -13.36
C GLY B 665 8.66 51.99 -13.45
N THR B 666 7.35 51.90 -13.70
CA THR B 666 6.55 53.11 -13.79
C THR B 666 5.40 53.03 -12.81
N LEU B 667 5.22 54.09 -12.02
CA LEU B 667 4.06 54.25 -11.16
C LEU B 667 3.13 55.24 -11.85
N SER B 668 1.88 54.85 -12.08
CA SER B 668 0.90 55.71 -12.75
C SER B 668 -0.32 55.90 -11.91
N LEU B 669 -0.73 57.15 -11.78
CA LEU B 669 -1.98 57.47 -11.10
C LEU B 669 -2.89 58.06 -12.17
N ILE B 670 -3.94 57.33 -12.56
CA ILE B 670 -4.74 57.74 -13.70
C ILE B 670 -6.19 58.00 -13.34
N GLY B 671 -6.57 59.27 -13.34
CA GLY B 671 -7.95 59.62 -13.07
C GLY B 671 -8.42 59.44 -11.63
N LEU B 672 -7.51 59.22 -10.70
CA LEU B 672 -7.86 59.21 -9.27
C LEU B 672 -8.52 60.53 -8.87
N SER B 673 -9.20 60.56 -7.73
CA SER B 673 -9.73 61.83 -7.24
C SER B 673 -8.62 62.68 -6.65
N GLY B 674 -7.39 62.22 -6.71
CA GLY B 674 -6.26 63.01 -6.24
C GLY B 674 -5.31 62.29 -5.32
N ILE B 675 -4.11 62.85 -5.17
CA ILE B 675 -3.18 62.39 -4.17
C ILE B 675 -2.56 63.61 -3.50
N SER B 676 -2.40 63.53 -2.18
CA SER B 676 -1.87 64.64 -1.41
C SER B 676 -1.27 64.13 -0.12
N THR B 677 -0.67 65.06 0.61
CA THR B 677 0.14 64.73 1.75
C THR B 677 -0.16 65.82 2.80
N ASP B 678 -0.12 65.46 4.08
CA ASP B 678 -0.29 66.50 5.10
C ASP B 678 1.03 67.11 5.58
N GLY B 679 2.07 66.96 4.77
CA GLY B 679 3.31 67.67 5.00
C GLY B 679 4.58 66.90 4.67
N GLY B 680 4.51 65.58 4.56
CA GLY B 680 5.68 64.80 4.16
C GLY B 680 5.94 64.89 2.66
N HIS B 681 7.16 64.62 2.20
CA HIS B 681 7.38 64.49 0.76
C HIS B 681 6.51 63.34 0.24
N PHE B 683 6.56 61.17 -2.60
CA PHE B 683 7.17 59.90 -3.02
C PHE B 683 8.63 59.91 -2.64
N ARG B 684 9.04 58.93 -1.82
CA ARG B 684 10.44 58.81 -1.46
C ARG B 684 11.08 57.63 -2.21
N VAL B 685 12.00 57.95 -3.11
CA VAL B 685 12.64 56.95 -3.96
C VAL B 685 13.92 56.41 -3.31
N SER B 686 13.99 55.11 -3.09
CA SER B 686 15.17 54.51 -2.49
C SER B 686 15.83 53.49 -3.41
N THR B 687 15.47 53.49 -4.69
CA THR B 687 16.14 52.63 -5.67
C THR B 687 16.94 53.49 -6.65
N VAL B 688 18.09 52.97 -7.05
CA VAL B 688 18.92 53.64 -8.06
C VAL B 688 18.47 53.25 -9.47
N GLU B 689 17.47 52.38 -9.58
CA GLU B 689 16.98 51.99 -10.90
C GLU B 689 16.15 53.10 -11.53
N LYS B 690 15.96 53.03 -12.85
CA LYS B 690 15.13 54.00 -13.53
C LYS B 690 13.70 53.96 -13.00
N VAL B 691 13.21 55.11 -12.57
CA VAL B 691 11.88 55.24 -11.99
C VAL B 691 11.10 56.26 -12.80
N ASN B 692 9.91 55.90 -13.24
CA ASN B 692 9.01 56.86 -13.89
C ASN B 692 7.80 57.08 -13.02
N ILE B 693 7.44 58.35 -12.80
CA ILE B 693 6.27 58.67 -12.02
C ILE B 693 5.36 59.47 -12.91
N HIS B 694 4.16 58.95 -13.10
CA HIS B 694 3.23 59.47 -14.08
C HIS B 694 1.95 59.83 -13.33
N THR B 695 1.66 61.12 -13.17
CA THR B 695 0.48 61.50 -12.41
C THR B 695 -0.52 62.22 -13.29
N ASN B 696 -1.64 61.55 -13.53
CA ASN B 696 -2.72 62.08 -14.34
C ASN B 696 -3.92 62.25 -13.41
N CYS B 697 -3.72 63.05 -12.38
CA CYS B 697 -4.72 63.37 -11.37
C CYS B 697 -4.17 64.56 -10.61
N SER B 698 -5.00 65.11 -9.74
CA SER B 698 -4.58 66.25 -8.93
C SER B 698 -3.48 65.83 -7.94
N VAL B 699 -2.44 66.66 -7.82
CA VAL B 699 -1.28 66.38 -6.96
C VAL B 699 -1.02 67.55 -6.02
N ASN B 700 -1.03 67.31 -4.70
CA ASN B 700 -0.71 68.35 -3.74
C ASN B 700 0.24 67.88 -2.64
N ALA B 701 1.51 68.24 -2.77
CA ALA B 701 2.54 67.97 -1.78
C ALA B 701 2.72 69.17 -0.83
N GLY B 702 1.95 70.24 -1.01
CA GLY B 702 2.05 71.41 -0.15
C GLY B 702 3.41 72.09 -0.21
N ALA B 703 4.04 72.26 0.95
CA ALA B 703 5.35 72.88 1.03
C ALA B 703 6.48 71.89 0.80
N ALA B 704 6.13 70.61 0.67
CA ALA B 704 7.13 69.56 0.43
C ALA B 704 7.27 69.30 -1.08
N TYR B 705 8.00 68.24 -1.43
CA TYR B 705 8.27 67.93 -2.83
C TYR B 705 7.36 66.81 -3.33
N VAL B 706 7.11 66.73 -4.63
CA VAL B 706 6.40 65.56 -5.16
C VAL B 706 7.31 64.33 -5.00
N VAL B 707 8.59 64.50 -5.33
CA VAL B 707 9.56 63.39 -5.30
C VAL B 707 10.81 63.76 -4.53
N LEU B 708 11.22 62.90 -3.60
CA LEU B 708 12.52 63.04 -2.93
C LEU B 708 13.33 61.77 -3.15
N SER B 709 14.52 61.91 -3.72
CA SER B 709 15.41 60.77 -3.93
C SER B 709 16.33 60.60 -2.75
N GLU B 710 16.29 59.41 -2.13
CA GLU B 710 17.11 59.14 -0.94
C GLU B 710 18.41 58.51 -1.35
N VAL B 711 18.55 58.29 -2.66
CA VAL B 711 19.75 57.69 -3.22
C VAL B 711 20.23 58.53 -4.39
N GLN B 712 21.27 58.08 -5.08
CA GLN B 712 21.69 58.72 -6.32
C GLN B 712 20.80 58.18 -7.45
N GLY B 713 19.65 58.82 -7.63
CA GLY B 713 18.54 58.28 -8.41
C GLY B 713 18.57 58.63 -9.88
N ASN B 714 17.52 58.19 -10.57
CA ASN B 714 17.40 58.37 -12.01
C ASN B 714 15.89 58.34 -12.27
N ILE B 715 15.29 59.51 -12.36
CA ILE B 715 13.85 59.65 -12.28
C ILE B 715 13.26 60.44 -13.46
N GLU B 716 12.10 60.04 -13.95
CA GLU B 716 11.39 60.90 -14.89
C GLU B 716 10.02 61.12 -14.33
N TYR B 717 9.63 62.38 -14.21
CA TYR B 717 8.33 62.70 -13.67
C TYR B 717 7.51 63.41 -14.74
N ARG B 718 6.27 62.99 -14.85
CA ARG B 718 5.32 63.43 -15.87
C ARG B 718 4.01 63.80 -15.16
N GLN B 719 3.65 65.08 -15.16
CA GLN B 719 2.34 65.51 -14.66
C GLN B 719 1.44 65.86 -15.84
N LEU B 720 0.27 65.23 -15.91
CA LEU B 720 -0.66 65.43 -17.04
C LEU B 720 -1.99 66.03 -16.64
N PHE B 721 -2.15 67.30 -16.99
CA PHE B 721 -3.36 68.04 -16.72
C PHE B 721 -3.70 68.07 -15.23
N TYR B 722 -4.97 68.23 -14.91
CA TYR B 722 -5.41 68.44 -13.53
C TYR B 722 -4.57 69.57 -12.92
N SER B 723 -4.00 69.34 -11.73
CA SER B 723 -3.22 70.39 -11.08
C SER B 723 -2.13 69.79 -10.23
N VAL B 724 -1.10 70.57 -9.97
CA VAL B 724 0.01 70.13 -9.15
C VAL B 724 0.48 71.29 -8.25
N ASN B 725 0.75 70.99 -6.98
CA ASN B 725 1.28 71.98 -6.04
C ASN B 725 2.39 71.30 -5.23
N CYS B 726 3.50 72.03 -5.05
CA CYS B 726 4.66 71.54 -4.31
C CYS B 726 5.63 72.70 -4.22
N SER B 727 6.70 72.54 -3.44
CA SER B 727 7.72 73.59 -3.36
C SER B 727 8.83 73.33 -4.38
N LYS B 728 9.05 72.05 -4.69
CA LYS B 728 9.91 71.62 -5.79
C LYS B 728 9.29 70.32 -6.28
N TYR B 729 9.41 70.04 -7.57
CA TYR B 729 8.90 68.78 -8.10
C TYR B 729 9.76 67.61 -7.63
N ILE B 730 11.08 67.78 -7.72
CA ILE B 730 12.03 66.74 -7.36
C ILE B 730 13.15 67.32 -6.51
N GLY B 731 13.49 66.59 -5.45
CA GLY B 731 14.63 66.92 -4.61
C GLY B 731 15.39 65.65 -4.27
N ALA B 732 16.56 65.80 -3.66
CA ALA B 732 17.34 64.64 -3.24
C ALA B 732 18.09 64.92 -1.96
N THR B 733 18.41 63.88 -1.20
CA THR B 733 19.00 64.07 0.13
C THR B 733 20.49 64.39 0.07
N ALA B 734 21.12 64.01 -1.03
CA ALA B 734 22.53 64.28 -1.19
C ALA B 734 22.93 64.35 -2.64
N GLY B 735 24.24 64.37 -2.84
CA GLY B 735 24.92 64.42 -4.12
C GLY B 735 24.33 63.84 -5.40
N GLN B 736 23.72 64.72 -6.17
CA GLN B 736 23.13 64.46 -7.48
C GLN B 736 22.28 63.22 -7.79
N THR B 737 21.14 63.51 -8.39
CA THR B 737 20.17 62.52 -8.85
C THR B 737 19.75 63.11 -10.18
N ILE B 738 19.68 62.29 -11.21
CA ILE B 738 19.33 62.84 -12.52
C ILE B 738 17.83 62.66 -12.69
N ALA B 739 17.21 63.62 -13.36
CA ALA B 739 15.78 63.60 -13.54
C ALA B 739 15.38 64.31 -14.83
N GLY B 740 14.29 63.85 -15.43
CA GLY B 740 13.64 64.56 -16.51
C GLY B 740 12.23 64.90 -16.09
N ILE B 741 11.73 66.06 -16.47
CA ILE B 741 10.40 66.48 -16.02
C ILE B 741 9.52 66.98 -17.17
N VAL B 743 5.72 68.91 -17.06
CA VAL B 743 4.56 69.33 -16.31
C VAL B 743 3.59 69.98 -17.28
N LYS B 744 2.55 69.24 -17.65
CA LYS B 744 1.58 69.69 -18.62
C LYS B 744 0.27 70.09 -17.95
N THR B 745 0.29 71.27 -17.32
CA THR B 745 -0.93 71.83 -16.77
C THR B 745 -0.67 73.31 -16.49
N ALA B 746 -1.70 74.12 -16.66
CA ALA B 746 -1.59 75.55 -16.39
C ALA B 746 -1.67 75.77 -14.88
N THR B 747 -2.26 74.81 -14.19
CA THR B 747 -2.41 74.90 -12.73
C THR B 747 -1.23 74.25 -12.00
N ARG B 748 -0.16 75.01 -11.87
CA ARG B 748 1.10 74.52 -11.31
C ARG B 748 1.76 75.73 -10.61
N PRO B 749 2.78 75.49 -9.77
CA PRO B 749 3.52 76.64 -9.20
C PRO B 749 4.46 77.27 -10.22
N THR B 750 3.95 78.19 -11.01
CA THR B 750 4.76 78.81 -12.07
C THR B 750 6.01 79.47 -11.51
N GLY B 751 5.97 79.81 -10.23
CA GLY B 751 7.11 80.39 -9.55
C GLY B 751 8.38 79.56 -9.65
N ILE B 752 8.25 78.24 -9.84
CA ILE B 752 9.43 77.38 -9.93
C ILE B 752 9.67 76.80 -11.33
N ASP B 753 9.01 77.37 -12.35
CA ASP B 753 9.30 76.98 -13.74
C ASP B 753 10.78 77.09 -14.03
N ALA B 754 11.42 78.10 -13.45
CA ALA B 754 12.81 78.40 -13.71
C ALA B 754 13.76 77.56 -12.87
N ALA B 755 13.26 77.06 -11.73
CA ALA B 755 14.05 76.18 -10.88
C ALA B 755 13.17 75.07 -10.33
N PRO B 756 12.85 74.07 -11.18
CA PRO B 756 11.87 73.03 -10.83
C PRO B 756 12.35 72.07 -9.74
N VAL B 757 13.66 71.91 -9.57
CA VAL B 757 14.20 70.90 -8.65
C VAL B 757 15.17 71.50 -7.62
N ASP B 758 15.47 70.75 -6.57
CA ASP B 758 16.44 71.25 -5.58
C ASP B 758 17.87 71.14 -6.15
N GLY B 759 18.86 71.58 -5.40
CA GLY B 759 20.21 71.65 -5.92
C GLY B 759 20.90 70.32 -6.10
N ASN B 760 20.35 69.26 -5.50
CA ASN B 760 20.91 67.92 -5.60
C ASN B 760 20.37 67.10 -6.79
N VAL B 761 19.59 67.75 -7.63
CA VAL B 761 19.01 67.12 -8.82
C VAL B 761 19.49 67.86 -10.08
N SER B 762 19.95 67.11 -11.08
CA SER B 762 20.25 67.68 -12.39
C SER B 762 19.23 67.23 -13.42
N LEU B 763 18.80 68.15 -14.27
CA LEU B 763 17.78 67.83 -15.29
C LEU B 763 18.35 67.27 -16.59
N THR B 764 17.73 66.21 -17.09
CA THR B 764 18.05 65.68 -18.42
C THR B 764 17.22 66.39 -19.46
N TYR B 765 15.92 66.45 -19.26
CA TYR B 765 15.05 67.31 -20.06
C TYR B 765 14.11 68.08 -19.16
N LYS B 766 13.47 69.10 -19.72
CA LYS B 766 12.49 69.87 -18.98
C LYS B 766 11.41 70.38 -19.91
N ILE B 767 10.22 69.82 -19.80
CA ILE B 767 9.16 70.19 -20.68
C ILE B 767 8.09 70.88 -19.86
N ILE B 768 8.12 72.21 -19.88
CA ILE B 768 7.16 73.06 -19.19
C ILE B 768 6.93 74.30 -20.05
N GLU B 769 5.67 74.69 -20.25
CA GLU B 769 5.34 75.86 -21.07
C GLU B 769 5.56 77.19 -20.33
N LYS C 10 -29.50 -83.30 33.47
CA LYS C 10 -29.73 -82.89 34.86
C LYS C 10 -29.15 -81.51 35.16
N GLY C 11 -29.51 -80.97 36.34
CA GLY C 11 -29.24 -79.60 36.72
C GLY C 11 -27.77 -79.21 36.91
N SER C 12 -27.05 -79.99 37.71
CA SER C 12 -25.65 -79.71 38.01
C SER C 12 -24.81 -79.72 36.74
N THR C 13 -25.15 -80.64 35.84
CA THR C 13 -24.51 -80.71 34.53
C THR C 13 -24.77 -79.43 33.76
N GLY C 14 -26.04 -79.00 33.73
CA GLY C 14 -26.42 -77.75 33.10
C GLY C 14 -25.67 -76.55 33.65
N ILE C 15 -25.40 -76.56 34.95
CA ILE C 15 -24.65 -75.51 35.60
C ILE C 15 -23.18 -75.53 35.15
N LEU C 16 -22.57 -76.71 35.08
CA LEU C 16 -21.19 -76.83 34.62
C LEU C 16 -21.03 -76.40 33.17
N THR C 17 -22.00 -76.75 32.33
CA THR C 17 -21.91 -76.40 30.92
C THR C 17 -22.16 -74.91 30.73
N ASN C 18 -22.99 -74.33 31.59
CA ASN C 18 -23.21 -72.90 31.52
C ASN C 18 -21.97 -72.12 31.92
N LYS C 19 -21.32 -72.53 33.01
CA LYS C 19 -20.06 -71.95 33.46
C LYS C 19 -19.00 -72.00 32.37
N GLN C 20 -18.98 -73.14 31.67
CA GLN C 20 -18.11 -73.34 30.53
C GLN C 20 -18.39 -72.31 29.41
N ALA C 21 -19.66 -72.11 29.07
CA ALA C 21 -20.06 -71.13 28.05
C ALA C 21 -19.73 -69.68 28.46
N VAL C 22 -19.99 -69.36 29.73
CA VAL C 22 -19.61 -68.07 30.28
C VAL C 22 -18.09 -67.89 30.21
N ALA C 23 -17.36 -68.90 30.65
CA ALA C 23 -15.90 -68.81 30.68
C ALA C 23 -15.29 -68.62 29.30
N ARG C 24 -15.83 -69.33 28.30
CA ARG C 24 -15.36 -69.16 26.93
C ARG C 24 -15.63 -67.74 26.42
N HIS C 25 -16.76 -67.17 26.81
CA HIS C 25 -17.10 -65.82 26.36
C HIS C 25 -16.14 -64.77 26.93
N PHE C 26 -15.71 -64.94 28.19
CA PHE C 26 -14.84 -63.96 28.85
C PHE C 26 -13.36 -64.32 28.78
N GLY C 27 -13.04 -65.54 28.34
CA GLY C 27 -11.66 -65.97 28.22
C GLY C 27 -11.03 -66.36 29.55
N VAL C 28 -11.85 -66.83 30.48
CA VAL C 28 -11.36 -67.31 31.77
C VAL C 28 -11.50 -68.82 31.86
N LYS C 29 -11.07 -69.41 32.97
CA LYS C 29 -11.21 -70.85 33.19
C LYS C 29 -12.59 -71.16 33.76
N GLN C 30 -13.08 -72.36 33.48
CA GLN C 30 -14.39 -72.78 33.98
C GLN C 30 -14.51 -72.67 35.51
N SER C 31 -13.41 -72.96 36.21
CA SER C 31 -13.38 -72.89 37.66
C SER C 31 -13.46 -71.45 38.16
N GLU C 32 -13.26 -70.48 37.27
CA GLU C 32 -13.19 -69.07 37.67
C GLU C 32 -14.54 -68.37 37.58
N VAL C 33 -15.59 -69.13 37.27
CA VAL C 33 -16.95 -68.60 37.16
C VAL C 33 -17.79 -69.03 38.38
N VAL C 34 -18.42 -68.07 39.06
CA VAL C 34 -19.28 -68.37 40.20
C VAL C 34 -20.71 -67.89 39.96
N TYR C 35 -21.67 -68.69 40.42
CA TYR C 35 -23.07 -68.29 40.42
C TYR C 35 -23.35 -67.40 41.62
N PHE C 36 -24.11 -66.33 41.44
CA PHE C 36 -24.55 -65.60 42.62
C PHE C 36 -25.57 -66.42 43.41
N SER C 37 -25.36 -66.48 44.72
CA SER C 37 -26.36 -66.95 45.67
C SER C 37 -26.00 -66.31 47.01
N VAL C 38 -27.00 -66.03 47.84
CA VAL C 38 -26.75 -65.39 49.13
C VAL C 38 -25.79 -66.26 49.95
N GLY C 39 -24.65 -65.69 50.34
CA GLY C 39 -23.69 -66.42 51.14
C GLY C 39 -22.56 -67.11 50.40
N VAL C 40 -22.58 -67.13 49.07
CA VAL C 40 -21.48 -67.77 48.34
C VAL C 40 -20.14 -67.05 48.59
N ASP C 41 -19.09 -67.83 48.79
CA ASP C 41 -17.74 -67.27 48.88
C ASP C 41 -17.34 -66.78 47.49
N LEU C 42 -16.81 -65.57 47.42
CA LEU C 42 -16.48 -64.94 46.15
C LEU C 42 -14.99 -64.93 45.86
N GLY C 43 -14.19 -65.37 46.82
CA GLY C 43 -12.75 -65.32 46.69
C GLY C 43 -12.23 -66.15 45.53
N GLY C 44 -11.30 -65.58 44.76
CA GLY C 44 -10.64 -66.30 43.68
C GLY C 44 -11.35 -66.33 42.34
N TYR C 45 -12.65 -66.08 42.32
CA TYR C 45 -13.42 -66.11 41.08
C TYR C 45 -13.21 -64.84 40.25
N LYS C 46 -13.38 -64.95 38.93
CA LYS C 46 -13.13 -63.84 38.02
C LYS C 46 -14.41 -63.32 37.39
N VAL C 47 -15.41 -64.19 37.33
CA VAL C 47 -16.66 -63.84 36.68
C VAL C 47 -17.82 -64.34 37.56
N ILE C 48 -18.85 -63.52 37.71
CA ILE C 48 -20.04 -63.92 38.45
C ILE C 48 -21.24 -64.01 37.51
N TYR C 49 -22.04 -65.06 37.70
CA TYR C 49 -23.24 -65.27 36.91
C TYR C 49 -24.51 -65.09 37.76
N ASP C 50 -25.44 -64.30 37.25
CA ASP C 50 -26.75 -64.10 37.87
C ASP C 50 -27.77 -65.03 37.18
N LYS C 51 -28.24 -66.06 37.89
CA LYS C 51 -29.23 -67.04 37.39
C LYS C 51 -30.53 -66.38 36.97
N GLU C 52 -30.94 -65.36 37.70
CA GLU C 52 -32.21 -64.73 37.47
C GLU C 52 -32.24 -63.96 36.15
N THR C 53 -31.34 -62.99 36.03
CA THR C 53 -31.29 -62.15 34.84
C THR C 53 -30.59 -62.85 33.68
N GLN C 54 -29.86 -63.91 33.98
CA GLN C 54 -28.97 -64.60 33.04
C GLN C 54 -27.96 -63.65 32.39
N ARG C 55 -27.25 -62.94 33.27
CA ARG C 55 -26.19 -62.04 32.87
C ARG C 55 -24.91 -62.40 33.63
N ALA C 56 -23.77 -62.22 32.97
CA ALA C 56 -22.49 -62.49 33.61
C ALA C 56 -21.68 -61.20 33.69
N TYR C 57 -20.81 -61.12 34.70
CA TYR C 57 -20.01 -59.91 34.95
C TYR C 57 -18.64 -60.27 35.47
N SER C 58 -17.60 -59.62 34.96
CA SER C 58 -16.30 -59.77 35.56
C SER C 58 -16.36 -59.19 36.97
N LEU C 59 -15.69 -59.83 37.91
CA LEU C 59 -15.62 -59.37 39.29
C LEU C 59 -14.40 -58.49 39.45
N PRO C 60 -14.48 -57.49 40.36
CA PRO C 60 -13.26 -56.71 40.63
C PRO C 60 -12.22 -57.60 41.27
N VAL C 61 -10.96 -57.35 40.98
CA VAL C 61 -9.86 -58.04 41.65
C VAL C 61 -9.82 -57.57 43.12
N GLY C 62 -9.31 -58.40 44.02
CA GLY C 62 -9.16 -57.99 45.40
C GLY C 62 -10.25 -58.48 46.34
N ILE C 63 -11.17 -59.29 45.83
CA ILE C 63 -12.15 -59.90 46.73
C ILE C 63 -11.43 -60.98 47.51
N ALA C 64 -11.37 -60.81 48.82
CA ALA C 64 -10.66 -61.76 49.68
C ALA C 64 -11.43 -63.07 49.84
N SER C 65 -10.69 -64.16 49.95
CA SER C 65 -11.28 -65.44 50.28
C SER C 65 -11.96 -65.29 51.63
N GLY C 66 -13.20 -65.75 51.73
CA GLY C 66 -13.97 -65.56 52.95
C GLY C 66 -15.03 -64.49 52.80
N THR C 67 -14.83 -63.59 51.85
CA THR C 67 -15.83 -62.55 51.55
C THR C 67 -17.03 -63.22 50.91
N THR C 68 -18.21 -62.95 51.46
CA THR C 68 -19.42 -63.64 50.99
C THR C 68 -20.47 -62.72 50.36
N ALA C 69 -21.22 -63.26 49.41
CA ALA C 69 -22.22 -62.46 48.69
C ALA C 69 -23.41 -62.18 49.60
N VAL C 70 -24.03 -61.02 49.41
CA VAL C 70 -25.15 -60.60 50.24
C VAL C 70 -26.34 -60.36 49.35
N SER C 71 -26.14 -59.57 48.30
CA SER C 71 -27.22 -59.25 47.38
C SER C 71 -26.69 -58.82 46.02
N LEU C 72 -27.52 -58.98 44.99
CA LEU C 72 -27.16 -58.59 43.65
C LEU C 72 -28.42 -58.09 42.98
N SER C 73 -28.47 -56.78 42.73
CA SER C 73 -29.66 -56.14 42.19
C SER C 73 -29.78 -56.30 40.68
N THR C 74 -30.94 -55.94 40.14
CA THR C 74 -31.16 -56.00 38.70
C THR C 74 -30.39 -54.92 37.94
N ALA C 75 -29.76 -53.99 38.68
CA ALA C 75 -28.84 -53.02 38.09
C ALA C 75 -27.40 -53.52 38.22
N ALA C 76 -27.26 -54.78 38.61
CA ALA C 76 -25.96 -55.44 38.79
C ALA C 76 -25.08 -54.82 39.86
N VAL C 77 -25.71 -54.25 40.89
CA VAL C 77 -24.97 -53.80 42.05
C VAL C 77 -24.79 -54.99 43.00
N LEU C 78 -23.56 -55.39 43.20
CA LEU C 78 -23.28 -56.51 44.08
C LEU C 78 -22.89 -55.99 45.47
N VAL C 79 -23.56 -56.50 46.49
CA VAL C 79 -23.19 -56.19 47.86
C VAL C 79 -22.65 -57.48 48.46
N HIS C 80 -21.48 -57.39 49.10
CA HIS C 80 -20.89 -58.53 49.80
C HIS C 80 -20.42 -58.13 51.20
N SER C 81 -19.83 -59.07 51.92
CA SER C 81 -19.51 -58.82 53.33
C SER C 81 -18.39 -57.80 53.56
N ALA C 82 -17.60 -57.52 52.53
CA ALA C 82 -16.53 -56.54 52.67
C ALA C 82 -16.88 -55.20 52.02
N GLY C 83 -17.98 -55.13 51.29
CA GLY C 83 -18.32 -53.91 50.60
C GLY C 83 -19.35 -54.08 49.49
N SER C 84 -19.23 -53.24 48.47
CA SER C 84 -20.24 -53.13 47.44
C SER C 84 -19.55 -52.72 46.14
N VAL C 85 -20.09 -53.16 45.00
CA VAL C 85 -19.52 -52.82 43.70
C VAL C 85 -20.60 -52.81 42.62
N ASP C 86 -20.63 -51.77 41.80
CA ASP C 86 -21.51 -51.72 40.62
C ASP C 86 -20.81 -52.48 39.50
N LEU C 87 -21.20 -53.73 39.30
CA LEU C 87 -20.61 -54.57 38.27
C LEU C 87 -20.87 -54.03 36.87
N GLY C 88 -21.96 -53.29 36.70
CA GLY C 88 -22.32 -52.71 35.43
C GLY C 88 -21.32 -51.62 35.05
N SER C 89 -20.96 -50.82 36.05
CA SER C 89 -19.96 -49.77 35.89
C SER C 89 -18.55 -50.34 35.64
N LEU C 90 -18.20 -51.38 36.39
CA LEU C 90 -16.96 -52.09 36.13
C LEU C 90 -16.92 -52.67 34.71
N ALA C 91 -18.03 -53.26 34.26
CA ALA C 91 -18.12 -53.79 32.90
C ALA C 91 -17.91 -52.73 31.82
N VAL C 92 -18.45 -51.54 32.02
CA VAL C 92 -18.26 -50.45 31.06
C VAL C 92 -16.76 -50.13 30.95
N SER C 93 -16.06 -50.13 32.08
CA SER C 93 -14.64 -49.75 32.07
C SER C 93 -13.82 -50.79 31.33
N ARG C 94 -14.33 -52.02 31.30
CA ARG C 94 -13.67 -53.14 30.63
C ARG C 94 -14.23 -53.36 29.23
N GLU C 95 -15.12 -52.47 28.81
CA GLU C 95 -15.78 -52.61 27.51
C GLU C 95 -16.43 -53.99 27.33
N GLU C 96 -17.13 -54.44 28.36
CA GLU C 96 -17.87 -55.70 28.35
C GLU C 96 -19.36 -55.37 28.40
N TYR C 97 -20.01 -55.39 27.25
CA TYR C 97 -21.38 -54.92 27.17
C TYR C 97 -22.32 -56.03 26.78
N VAL C 98 -23.61 -55.74 26.93
CA VAL C 98 -24.65 -56.54 26.30
C VAL C 98 -25.49 -55.64 25.41
N THR C 99 -25.65 -56.03 24.15
CA THR C 99 -26.49 -55.28 23.22
C THR C 99 -27.92 -55.81 23.28
N LEU C 100 -28.81 -55.01 23.85
CA LEU C 100 -30.19 -55.45 24.10
C LEU C 100 -30.91 -55.83 22.81
N PRO C 101 -31.91 -56.72 22.90
CA PRO C 101 -32.72 -56.95 21.70
C PRO C 101 -33.43 -55.66 21.33
N GLY C 102 -33.80 -55.53 20.06
CA GLY C 102 -34.55 -54.36 19.65
C GLY C 102 -33.69 -53.13 19.48
N SER C 103 -34.31 -51.97 19.61
CA SER C 103 -33.70 -50.72 19.13
C SER C 103 -34.44 -49.54 19.69
N PHE C 104 -33.98 -48.34 19.33
CA PHE C 104 -34.67 -47.11 19.68
C PHE C 104 -36.05 -47.10 18.98
N ASP C 105 -36.11 -47.67 17.79
CA ASP C 105 -37.36 -47.78 17.03
C ASP C 105 -38.38 -48.64 17.81
N SER C 106 -37.96 -49.82 18.23
CA SER C 106 -38.86 -50.73 18.95
C SER C 106 -39.13 -50.25 20.36
N GLY C 107 -38.21 -49.47 20.91
CA GLY C 107 -38.25 -49.08 22.31
C GLY C 107 -37.66 -50.20 23.16
N SER C 108 -37.38 -49.94 24.42
CA SER C 108 -36.79 -50.94 25.31
C SER C 108 -36.77 -50.40 26.75
N THR C 109 -36.33 -51.23 27.68
CA THR C 109 -36.03 -50.78 29.04
C THR C 109 -34.60 -51.21 29.42
N LEU C 110 -33.80 -50.25 29.83
CA LEU C 110 -32.42 -50.51 30.24
C LEU C 110 -32.38 -50.58 31.76
N ASN C 111 -31.70 -51.60 32.29
CA ASN C 111 -31.56 -51.76 33.74
C ASN C 111 -30.12 -51.69 34.24
N VAL C 112 -29.15 -51.89 33.35
CA VAL C 112 -27.75 -52.05 33.75
C VAL C 112 -26.86 -51.09 32.96
N LYS C 113 -25.77 -50.64 33.57
CA LYS C 113 -24.91 -49.64 32.93
C LYS C 113 -24.17 -50.15 31.70
N ASN C 114 -24.02 -51.48 31.57
CA ASN C 114 -23.32 -52.06 30.43
C ASN C 114 -24.25 -52.53 29.30
N GLU C 115 -25.53 -52.19 29.39
CA GLU C 115 -26.47 -52.44 28.30
C GLU C 115 -26.42 -51.36 27.23
N LEU C 116 -26.39 -51.78 25.98
CA LEU C 116 -26.39 -50.88 24.83
C LEU C 116 -27.72 -51.02 24.10
N LEU C 117 -28.26 -49.90 23.65
CA LEU C 117 -29.43 -49.93 22.78
C LEU C 117 -29.00 -49.44 21.41
N THR C 118 -29.34 -50.21 20.38
CA THR C 118 -28.93 -49.91 19.01
C THR C 118 -29.82 -48.84 18.39
N TYR C 119 -29.21 -47.86 17.72
CA TYR C 119 -29.90 -46.84 16.97
C TYR C 119 -29.38 -46.93 15.54
N THR C 120 -29.94 -46.14 14.63
CA THR C 120 -29.56 -46.27 13.23
C THR C 120 -28.08 -45.88 12.97
N ASP C 121 -27.49 -45.09 13.85
CA ASP C 121 -26.09 -44.66 13.61
C ASP C 121 -25.08 -45.22 14.60
N GLY C 122 -25.47 -46.25 15.35
CA GLY C 122 -24.58 -46.88 16.31
C GLY C 122 -25.28 -47.19 17.63
N LYS C 123 -24.51 -47.62 18.61
CA LYS C 123 -25.02 -47.99 19.92
C LYS C 123 -24.79 -46.93 20.99
N TYR C 124 -25.65 -46.93 22.02
CA TYR C 124 -25.55 -45.99 23.13
C TYR C 124 -25.81 -46.73 24.44
N ARG C 125 -25.12 -46.32 25.50
CA ARG C 125 -25.48 -46.75 26.85
C ARG C 125 -26.10 -45.57 27.59
N TRP C 126 -26.85 -45.87 28.65
CA TRP C 126 -27.51 -44.81 29.40
C TRP C 126 -26.72 -44.49 30.66
N ASP C 127 -26.34 -43.23 30.79
CA ASP C 127 -25.45 -42.80 31.87
C ASP C 127 -26.23 -42.03 32.94
N GLY C 128 -27.56 -42.09 32.86
CA GLY C 128 -28.42 -41.43 33.84
C GLY C 128 -29.00 -42.42 34.83
N ILE C 129 -30.11 -42.04 35.43
CA ILE C 129 -30.80 -42.88 36.42
C ILE C 129 -31.33 -44.14 35.75
N LEU C 130 -31.09 -45.29 36.37
CA LEU C 130 -31.65 -46.55 35.91
C LEU C 130 -32.76 -46.96 36.87
N PRO C 131 -33.78 -47.69 36.39
CA PRO C 131 -33.94 -48.10 34.98
C PRO C 131 -34.40 -46.96 34.08
N LYS C 132 -34.12 -47.10 32.79
CA LYS C 132 -34.47 -46.10 31.80
C LYS C 132 -35.43 -46.71 30.79
N THR C 133 -36.65 -46.16 30.69
CA THR C 133 -37.61 -46.64 29.71
C THR C 133 -37.47 -45.84 28.41
N VAL C 134 -37.43 -46.54 27.29
CA VAL C 134 -37.34 -45.90 26.00
C VAL C 134 -38.61 -46.25 25.21
N ALA C 135 -39.46 -45.27 24.95
CA ALA C 135 -40.68 -45.51 24.17
C ALA C 135 -40.34 -45.94 22.74
N PRO C 136 -41.22 -46.74 22.13
CA PRO C 136 -41.06 -47.03 20.71
C PRO C 136 -40.98 -45.73 19.91
N GLY C 137 -40.16 -45.68 18.87
CA GLY C 137 -40.04 -44.50 18.04
C GLY C 137 -39.21 -43.39 18.65
N SER C 138 -38.33 -43.75 19.57
CA SER C 138 -37.43 -42.80 20.23
C SER C 138 -36.15 -42.57 19.43
N THR C 139 -35.48 -41.46 19.72
CA THR C 139 -34.11 -41.23 19.27
C THR C 139 -33.32 -40.75 20.49
N PRO C 140 -31.99 -40.91 20.48
CA PRO C 140 -31.21 -40.43 21.63
C PRO C 140 -31.46 -38.94 21.89
N ALA C 141 -31.52 -38.16 20.82
CA ALA C 141 -31.71 -36.72 20.94
C ALA C 141 -33.09 -36.37 21.55
N SER C 142 -34.09 -37.22 21.31
CA SER C 142 -35.43 -36.92 21.82
C SER C 142 -35.71 -37.58 23.16
N THR C 143 -34.73 -38.28 23.71
CA THR C 143 -34.92 -38.95 25.00
C THR C 143 -33.80 -38.66 26.00
N GLY C 144 -33.26 -37.45 25.95
CA GLY C 144 -32.31 -37.05 26.98
C GLY C 144 -31.06 -36.46 26.39
N GLY C 145 -30.88 -36.64 25.08
CA GLY C 145 -29.72 -36.10 24.40
C GLY C 145 -28.50 -36.94 24.74
N VAL C 146 -27.38 -36.63 24.10
CA VAL C 146 -26.15 -37.38 24.29
C VAL C 146 -25.17 -36.57 25.13
N GLY C 147 -24.61 -37.20 26.17
CA GLY C 147 -23.69 -36.52 27.05
C GLY C 147 -23.70 -37.18 28.41
N LEU C 148 -22.81 -36.71 29.28
CA LEU C 148 -22.74 -37.20 30.66
C LEU C 148 -24.10 -37.14 31.33
N GLY C 149 -24.43 -38.17 32.10
CA GLY C 149 -25.75 -38.27 32.68
C GLY C 149 -26.88 -38.59 31.70
N ALA C 150 -26.53 -38.75 30.42
CA ALA C 150 -27.54 -39.11 29.42
C ALA C 150 -27.08 -40.28 28.54
N TRP C 151 -27.35 -40.20 27.24
CA TRP C 151 -26.92 -41.21 26.29
C TRP C 151 -25.44 -41.01 25.97
N ILE C 152 -24.66 -42.09 26.10
CA ILE C 152 -23.24 -42.07 25.75
C ILE C 152 -23.02 -43.04 24.59
N SER C 153 -22.45 -42.55 23.49
CA SER C 153 -22.20 -43.40 22.34
C SER C 153 -21.04 -44.37 22.60
N VAL C 154 -21.20 -45.60 22.13
CA VAL C 154 -20.29 -46.67 22.48
C VAL C 154 -19.98 -47.47 21.22
N GLY C 155 -18.72 -47.81 21.02
CA GLY C 155 -18.38 -48.71 19.93
C GLY C 155 -17.93 -48.03 18.64
N ASP C 156 -17.35 -48.83 17.75
CA ASP C 156 -16.81 -48.32 16.52
C ASP C 156 -17.84 -47.78 15.52
N ALA C 157 -19.00 -48.41 15.40
CA ALA C 157 -20.00 -47.87 14.48
C ALA C 157 -20.40 -46.46 14.90
N SER C 158 -20.63 -46.27 16.19
CA SER C 158 -20.93 -44.94 16.75
C SER C 158 -19.79 -43.94 16.52
N LEU C 159 -18.57 -44.38 16.74
CA LEU C 159 -17.43 -43.47 16.60
C LEU C 159 -17.35 -42.96 15.15
N ARG C 160 -17.56 -43.87 14.20
CA ARG C 160 -17.48 -43.52 12.79
C ARG C 160 -18.52 -42.45 12.44
N THR C 161 -19.77 -42.66 12.85
CA THR C 161 -20.81 -41.68 12.55
C THR C 161 -20.65 -40.37 13.32
N GLN C 162 -20.19 -40.45 14.56
CA GLN C 162 -19.87 -39.24 15.34
C GLN C 162 -18.82 -38.38 14.68
N LEU C 163 -17.75 -39.02 14.24
CA LEU C 163 -16.66 -38.31 13.56
C LEU C 163 -17.15 -37.73 12.25
N ALA C 164 -17.84 -38.55 11.45
CA ALA C 164 -18.33 -38.15 10.13
C ALA C 164 -19.30 -36.96 10.20
N ASN C 165 -20.07 -36.88 11.26
CA ASN C 165 -21.10 -35.86 11.35
C ASN C 165 -20.82 -34.78 12.39
N GLY C 166 -19.62 -34.78 12.96
CA GLY C 166 -19.31 -33.81 14.01
C GLY C 166 -18.74 -32.51 13.49
N ASP C 167 -18.09 -31.77 14.38
CA ASP C 167 -17.48 -30.51 14.00
C ASP C 167 -15.97 -30.52 14.27
N GLY C 168 -15.47 -31.66 14.76
CA GLY C 168 -14.05 -31.81 15.05
C GLY C 168 -13.77 -31.76 16.54
N SER C 169 -14.82 -31.65 17.35
CA SER C 169 -14.66 -31.55 18.80
C SER C 169 -14.13 -32.83 19.45
N LEU C 170 -14.09 -33.94 18.71
CA LEU C 170 -13.52 -35.19 19.22
C LEU C 170 -12.01 -35.29 19.01
N ILE C 171 -11.47 -34.32 18.28
CA ILE C 171 -10.06 -34.34 17.89
C ILE C 171 -9.27 -33.28 18.65
N GLY C 172 -8.40 -33.72 19.55
CA GLY C 172 -7.56 -32.80 20.32
C GLY C 172 -6.42 -32.26 19.46
N ILE C 173 -6.00 -31.03 19.76
CA ILE C 173 -4.90 -30.39 19.05
C ILE C 173 -3.96 -29.72 20.05
N HIS C 174 -2.77 -29.36 19.59
CA HIS C 174 -1.86 -28.65 20.49
C HIS C 174 -1.93 -27.13 20.35
N PRO C 175 -1.54 -26.38 21.41
CA PRO C 175 -1.08 -26.88 22.72
C PRO C 175 -2.23 -27.38 23.57
N GLN C 176 -3.44 -26.93 23.24
CA GLN C 176 -4.64 -27.43 23.90
C GLN C 176 -5.87 -27.11 23.07
N GLY C 177 -7.02 -27.62 23.50
CA GLY C 177 -8.26 -27.42 22.79
C GLY C 177 -8.51 -28.54 21.81
N THR C 178 -9.52 -28.34 20.96
CA THR C 178 -9.88 -29.31 19.96
C THR C 178 -9.99 -28.67 18.58
N LEU C 179 -10.03 -29.52 17.56
CA LEU C 179 -9.93 -29.11 16.16
C LEU C 179 -10.92 -28.02 15.78
N ASN C 180 -12.17 -28.17 16.24
CA ASN C 180 -13.18 -27.14 15.98
C ASN C 180 -12.76 -25.73 16.42
N ASN C 181 -11.91 -25.63 17.44
CA ASN C 181 -11.45 -24.31 17.93
C ASN C 181 -10.64 -23.50 16.91
N VAL C 182 -10.04 -24.19 15.93
CA VAL C 182 -9.11 -23.50 15.04
C VAL C 182 -9.46 -23.57 13.57
N LEU C 183 -10.65 -24.07 13.25
CA LEU C 183 -11.08 -24.14 11.86
C LEU C 183 -11.81 -22.84 11.50
N THR C 184 -11.15 -21.97 10.74
CA THR C 184 -11.69 -20.63 10.49
C THR C 184 -11.79 -20.31 9.01
N VAL C 185 -11.76 -21.34 8.17
CA VAL C 185 -11.79 -21.17 6.73
C VAL C 185 -13.01 -21.89 6.16
N ARG C 186 -13.78 -21.20 5.32
CA ARG C 186 -14.85 -21.84 4.56
C ARG C 186 -14.41 -22.04 3.12
N THR C 187 -15.09 -22.97 2.45
CA THR C 187 -14.62 -23.46 1.18
C THR C 187 -15.83 -24.00 0.41
N PRO C 188 -15.83 -23.82 -0.94
CA PRO C 188 -16.91 -24.37 -1.78
C PRO C 188 -16.96 -25.88 -1.76
N GLU C 189 -15.84 -26.52 -1.45
CA GLU C 189 -15.77 -27.97 -1.37
C GLU C 189 -16.57 -28.51 -0.18
N GLN C 190 -16.75 -27.69 0.83
CA GLN C 190 -17.59 -28.07 1.96
C GLN C 190 -19.03 -28.27 1.54
N TYR C 191 -19.39 -27.65 0.42
CA TYR C 191 -20.74 -27.72 -0.10
C TYR C 191 -20.77 -28.59 -1.34
N ASN C 192 -19.69 -29.34 -1.54
CA ASN C 192 -19.53 -30.28 -2.66
C ASN C 192 -19.50 -29.64 -4.04
N ALA C 193 -18.94 -28.43 -4.14
CA ALA C 193 -18.76 -27.80 -5.43
C ALA C 193 -17.82 -28.67 -6.25
N VAL C 194 -18.07 -28.71 -7.56
CA VAL C 194 -17.25 -29.52 -8.44
C VAL C 194 -15.90 -28.87 -8.73
N GLY C 195 -15.91 -27.57 -8.98
CA GLY C 195 -14.67 -26.84 -9.16
C GLY C 195 -13.87 -27.18 -10.39
N ASP C 196 -14.56 -27.57 -11.45
CA ASP C 196 -13.92 -27.90 -12.72
C ASP C 196 -14.18 -26.85 -13.80
N GLY C 197 -14.98 -25.84 -13.46
CA GLY C 197 -15.34 -24.80 -14.41
C GLY C 197 -16.30 -25.28 -15.48
N ILE C 198 -16.94 -26.43 -15.25
CA ILE C 198 -17.90 -26.99 -16.19
C ILE C 198 -19.27 -27.12 -15.53
N ALA C 199 -19.32 -27.86 -14.43
CA ALA C 199 -20.55 -27.99 -13.66
C ALA C 199 -21.00 -26.64 -13.12
N ASP C 200 -22.30 -26.49 -12.92
CA ASP C 200 -22.85 -25.24 -12.44
C ASP C 200 -22.81 -25.22 -10.92
N ASP C 201 -21.85 -24.48 -10.37
CA ASP C 201 -21.64 -24.45 -8.93
C ASP C 201 -22.36 -23.30 -8.25
N THR C 202 -23.24 -22.63 -8.98
CA THR C 202 -23.95 -21.44 -8.47
C THR C 202 -24.61 -21.64 -7.09
N SER C 203 -25.49 -22.61 -6.99
CA SER C 203 -26.28 -22.81 -5.77
C SER C 203 -25.38 -23.14 -4.57
N LYS C 204 -24.25 -23.80 -4.85
CA LYS C 204 -23.26 -24.13 -3.83
C LYS C 204 -22.59 -22.87 -3.28
N LEU C 205 -22.12 -22.01 -4.18
CA LEU C 205 -21.49 -20.75 -3.82
C LEU C 205 -22.46 -19.90 -3.01
N LYS C 206 -23.71 -19.85 -3.47
CA LYS C 206 -24.73 -19.05 -2.83
C LYS C 206 -25.03 -19.53 -1.42
N GLU C 207 -25.06 -20.85 -1.25
CA GLU C 207 -25.31 -21.42 0.06
C GLU C 207 -24.13 -21.10 0.99
N LEU C 209 -22.18 -18.42 0.85
CA LEU C 209 -22.30 -17.01 1.22
C LEU C 209 -23.45 -16.76 2.20
N SER C 210 -24.56 -17.42 1.94
CA SER C 210 -25.74 -17.36 2.79
C SER C 210 -25.47 -17.88 4.22
N ASP C 211 -24.70 -18.96 4.33
CA ASP C 211 -24.33 -19.51 5.64
C ASP C 211 -23.47 -18.54 6.45
N ILE C 212 -22.83 -17.59 5.77
CA ILE C 212 -22.03 -16.59 6.45
C ILE C 212 -22.86 -15.39 6.87
N ASN C 213 -23.68 -14.90 5.95
CA ASN C 213 -24.57 -13.79 6.23
C ASN C 213 -25.79 -13.89 5.31
N ASN C 214 -26.93 -14.21 5.89
CA ASN C 214 -28.15 -14.50 5.13
C ASN C 214 -29.06 -13.28 4.99
N VAL C 215 -28.54 -12.20 4.42
CA VAL C 215 -29.35 -11.01 4.23
C VAL C 215 -30.40 -11.26 3.16
N PRO C 216 -31.68 -11.11 3.52
CA PRO C 216 -32.78 -11.31 2.57
C PRO C 216 -32.79 -10.28 1.45
N GLU C 217 -33.41 -10.63 0.33
CA GLU C 217 -33.50 -9.71 -0.80
C GLU C 217 -34.48 -8.57 -0.54
N THR C 218 -35.37 -8.77 0.43
CA THR C 218 -36.33 -7.73 0.82
C THR C 218 -36.20 -7.45 2.31
N LEU C 219 -36.29 -6.17 2.68
CA LEU C 219 -36.21 -5.77 4.08
C LEU C 219 -37.37 -4.83 4.40
N PRO C 220 -37.95 -4.98 5.60
CA PRO C 220 -39.11 -4.19 6.04
C PRO C 220 -38.80 -2.70 6.14
N ASP C 221 -37.70 -2.37 6.81
CA ASP C 221 -37.30 -0.97 6.96
C ASP C 221 -35.79 -0.79 6.86
N ALA C 222 -35.34 0.46 7.04
CA ALA C 222 -33.92 0.78 6.97
C ALA C 222 -33.16 0.12 8.13
N ALA C 223 -33.77 0.13 9.30
CA ALA C 223 -33.16 -0.44 10.51
C ALA C 223 -32.79 -1.90 10.27
N ALA C 224 -33.66 -2.62 9.56
CA ALA C 224 -33.40 -4.00 9.21
C ALA C 224 -32.16 -4.13 8.33
N VAL C 225 -31.97 -3.18 7.42
CA VAL C 225 -30.87 -3.30 6.46
C VAL C 225 -29.50 -3.04 7.10
N VAL C 232 -21.01 -11.63 12.36
CA VAL C 232 -19.67 -12.23 12.39
C VAL C 232 -19.06 -12.40 11.00
N ALA C 233 -17.84 -11.88 10.83
CA ALA C 233 -17.09 -11.99 9.57
C ALA C 233 -16.39 -13.33 9.43
N VAL C 234 -16.25 -13.89 8.19
CA VAL C 234 -15.71 -15.23 7.96
C VAL C 234 -14.81 -15.24 6.73
N LYS C 235 -13.74 -16.03 6.77
CA LYS C 235 -12.82 -16.13 5.62
C LYS C 235 -13.12 -17.30 4.64
N ILE C 236 -13.28 -16.97 3.37
CA ILE C 236 -13.52 -17.94 2.30
C ILE C 236 -12.26 -18.17 1.48
N ASP C 237 -11.90 -19.43 1.30
CA ASP C 237 -10.75 -19.79 0.48
C ASP C 237 -11.23 -20.46 -0.80
N LEU C 238 -10.93 -19.84 -1.94
CA LEU C 238 -11.29 -20.43 -3.23
C LEU C 238 -10.02 -21.00 -3.81
N THR C 239 -10.01 -22.31 -4.08
CA THR C 239 -8.79 -22.96 -4.55
C THR C 239 -8.94 -23.70 -5.87
N LYS C 240 -10.18 -23.83 -6.33
CA LYS C 240 -10.43 -24.45 -7.62
C LYS C 240 -11.07 -23.43 -8.58
N LEU C 241 -11.74 -23.92 -9.62
CA LEU C 241 -12.36 -23.05 -10.60
C LEU C 241 -13.86 -23.30 -10.65
N TYR C 242 -14.63 -22.32 -10.20
CA TYR C 242 -16.07 -22.53 -10.07
C TYR C 242 -16.89 -21.77 -11.10
N ARG C 243 -17.54 -22.51 -11.98
CA ARG C 243 -18.47 -21.91 -12.94
C ARG C 243 -19.78 -21.59 -12.25
N PHE C 244 -20.32 -20.41 -12.56
CA PHE C 244 -21.62 -20.04 -12.00
C PHE C 244 -22.38 -19.22 -13.04
N THR C 245 -23.68 -19.09 -12.85
CA THR C 245 -24.56 -18.67 -13.94
C THR C 245 -25.55 -17.56 -13.55
N GLU C 246 -25.46 -17.07 -12.32
CA GLU C 246 -26.30 -15.97 -11.86
C GLU C 246 -25.39 -15.05 -11.05
N THR C 247 -25.70 -13.76 -11.07
CA THR C 247 -24.91 -12.77 -10.31
C THR C 247 -24.79 -13.17 -8.85
N LEU C 248 -23.55 -13.18 -8.35
CA LEU C 248 -23.28 -13.42 -6.94
C LEU C 248 -23.27 -12.12 -6.15
N TYR C 249 -24.12 -12.03 -5.14
CA TYR C 249 -24.15 -10.87 -4.29
C TYR C 249 -23.35 -11.12 -3.00
N ILE C 250 -22.25 -10.38 -2.83
CA ILE C 250 -21.37 -10.56 -1.68
C ILE C 250 -21.91 -9.81 -0.47
N PRO C 251 -22.22 -10.53 0.61
CA PRO C 251 -22.81 -9.93 1.80
C PRO C 251 -21.73 -9.26 2.63
N PRO C 252 -22.11 -8.29 3.47
CA PRO C 252 -21.15 -7.69 4.39
C PRO C 252 -20.50 -8.74 5.29
N GLY C 253 -19.25 -8.53 5.66
CA GLY C 253 -18.57 -9.41 6.60
C GLY C 253 -17.87 -10.59 5.94
N VAL C 254 -17.58 -10.45 4.65
CA VAL C 254 -16.96 -11.54 3.93
C VAL C 254 -15.55 -11.20 3.54
N SER C 255 -14.63 -12.13 3.78
CA SER C 255 -13.28 -12.04 3.28
C SER C 255 -13.04 -13.21 2.32
N ILE C 256 -12.71 -12.90 1.07
CA ILE C 256 -12.48 -13.92 0.06
C ILE C 256 -11.00 -13.90 -0.28
N GLU C 257 -10.45 -15.10 -0.47
CA GLU C 257 -9.03 -15.29 -0.62
C GLU C 257 -8.71 -16.40 -1.62
N ILE C 258 -7.62 -16.21 -2.37
CA ILE C 258 -7.07 -17.22 -3.26
C ILE C 258 -5.55 -17.17 -2.99
N PRO C 259 -4.86 -18.32 -3.08
CA PRO C 259 -3.41 -18.32 -2.79
C PRO C 259 -2.60 -17.23 -3.52
N THR C 260 -2.74 -17.11 -4.84
CA THR C 260 -2.09 -16.01 -5.57
C THR C 260 -3.02 -15.37 -6.60
N SER C 261 -2.65 -14.19 -7.09
CA SER C 261 -3.44 -13.53 -8.13
C SER C 261 -2.91 -13.89 -9.52
N ASN C 262 -3.80 -13.91 -10.50
CA ASN C 262 -3.38 -14.09 -11.88
C ASN C 262 -2.81 -12.80 -12.44
N PHE C 263 -2.10 -12.92 -13.55
CA PHE C 263 -1.52 -11.77 -14.20
C PHE C 263 -1.42 -12.05 -15.69
N PHE C 264 -2.49 -11.72 -16.42
CA PHE C 264 -2.58 -11.95 -17.85
C PHE C 264 -2.50 -13.45 -18.15
N THR C 265 -3.06 -14.23 -17.23
CA THR C 265 -3.06 -15.69 -17.31
C THR C 265 -3.94 -16.20 -18.46
N ARG C 266 -3.40 -17.16 -19.21
CA ARG C 266 -4.04 -17.66 -20.42
C ARG C 266 -5.21 -18.59 -20.13
N GLU C 267 -5.00 -19.56 -19.25
CA GLU C 267 -6.06 -20.47 -18.86
C GLU C 267 -6.25 -20.44 -17.35
N CYS C 268 -7.36 -19.84 -16.91
CA CYS C 268 -7.68 -19.81 -15.50
C CYS C 268 -7.99 -21.24 -15.03
N LYS C 269 -7.37 -21.64 -13.92
CA LYS C 269 -7.62 -22.95 -13.33
C LYS C 269 -8.00 -22.76 -11.87
N GLN C 270 -8.24 -21.50 -11.50
CA GLN C 270 -8.49 -21.13 -10.13
C GLN C 270 -9.26 -19.82 -10.02
N GLY C 271 -10.50 -19.91 -9.56
CA GLY C 271 -11.30 -18.72 -9.31
C GLY C 271 -12.75 -18.88 -9.78
N LEU C 272 -13.34 -17.77 -10.21
CA LEU C 272 -14.75 -17.75 -10.57
C LEU C 272 -14.95 -17.53 -12.08
N PHE C 273 -15.87 -18.29 -12.68
CA PHE C 273 -16.16 -18.21 -14.11
C PHE C 273 -17.65 -17.94 -14.26
N TYR C 274 -17.99 -16.71 -14.65
CA TYR C 274 -19.38 -16.30 -14.80
C TYR C 274 -19.87 -16.59 -16.21
N ASP C 275 -20.90 -17.42 -16.32
CA ASP C 275 -21.35 -17.95 -17.60
C ASP C 275 -22.87 -17.94 -17.65
N PRO C 276 -23.47 -16.75 -17.69
CA PRO C 276 -24.92 -16.61 -17.60
C PRO C 276 -25.56 -16.80 -18.95
N VAL C 277 -26.85 -17.12 -18.96
CA VAL C 277 -27.62 -17.10 -20.20
C VAL C 277 -27.86 -15.65 -20.60
N ASP C 278 -28.28 -14.83 -19.64
CA ASP C 278 -28.48 -13.40 -19.85
C ASP C 278 -27.19 -12.63 -19.59
N LYS C 279 -26.58 -12.10 -20.66
CA LYS C 279 -25.27 -11.45 -20.55
C LYS C 279 -25.32 -9.97 -20.16
N ASN C 280 -26.52 -9.40 -20.07
CA ASN C 280 -26.68 -8.02 -19.62
C ASN C 280 -26.75 -7.98 -18.11
N THR C 281 -25.72 -8.51 -17.49
CA THR C 281 -25.70 -8.69 -16.05
C THR C 281 -24.27 -8.51 -15.53
N ALA C 282 -24.13 -8.44 -14.21
CA ALA C 282 -22.81 -8.40 -13.58
C ALA C 282 -22.45 -9.79 -13.05
N ALA C 283 -21.17 -10.11 -13.05
CA ALA C 283 -20.71 -11.37 -12.47
C ALA C 283 -20.81 -11.32 -10.94
N ILE C 284 -20.28 -10.25 -10.36
CA ILE C 284 -20.22 -10.09 -8.92
C ILE C 284 -20.73 -8.70 -8.54
N SER C 285 -21.52 -8.60 -7.48
CA SER C 285 -22.00 -7.30 -7.07
C SER C 285 -22.05 -7.19 -5.55
N LEU C 286 -21.73 -6.00 -5.02
CA LEU C 286 -22.01 -5.72 -3.62
C LEU C 286 -23.50 -5.47 -3.50
N VAL C 288 -26.74 -3.37 -2.48
CA VAL C 288 -27.33 -2.07 -2.18
C VAL C 288 -28.83 -2.21 -2.21
N TYR C 289 -29.49 -1.74 -1.15
CA TYR C 289 -30.94 -1.82 -1.05
C TYR C 289 -31.61 -0.51 -1.45
N ARG C 290 -32.58 -0.61 -2.33
CA ARG C 290 -33.26 0.56 -2.84
C ARG C 290 -34.67 0.70 -2.27
N LYS C 291 -35.03 1.93 -1.91
CA LYS C 291 -36.32 2.20 -1.30
C LYS C 291 -37.48 1.95 -2.25
N GLN C 292 -38.50 1.29 -1.75
CA GLN C 292 -39.71 1.03 -2.50
C GLN C 292 -40.78 2.06 -2.13
N PRO C 293 -41.79 2.24 -3.00
CA PRO C 293 -42.86 3.22 -2.75
C PRO C 293 -43.58 2.99 -1.40
N ASP C 294 -43.62 1.76 -0.91
CA ASP C 294 -44.25 1.48 0.39
C ASP C 294 -43.34 1.70 1.60
N GLY C 295 -42.08 2.06 1.35
CA GLY C 295 -41.15 2.31 2.44
C GLY C 295 -40.26 1.12 2.76
N SER C 296 -40.52 -0.02 2.13
CA SER C 296 -39.66 -1.19 2.27
C SER C 296 -38.44 -1.08 1.34
N TYR C 297 -37.49 -1.99 1.51
CA TYR C 297 -36.28 -1.99 0.69
C TYR C 297 -36.08 -3.30 -0.07
N LYS C 298 -35.66 -3.19 -1.32
CA LYS C 298 -35.32 -4.36 -2.12
C LYS C 298 -33.86 -4.29 -2.60
N LEU C 299 -33.17 -5.43 -2.49
CA LEU C 299 -31.82 -5.58 -3.02
C LEU C 299 -31.78 -5.17 -4.49
N ASN C 300 -30.79 -4.35 -4.88
CA ASN C 300 -30.67 -4.01 -6.29
C ASN C 300 -30.23 -5.21 -7.11
N LYS C 301 -30.95 -5.46 -8.20
CA LYS C 301 -30.58 -6.51 -9.13
C LYS C 301 -30.43 -5.97 -10.54
N ASP C 302 -30.52 -4.65 -10.70
CA ASP C 302 -30.33 -4.01 -12.01
C ASP C 302 -28.84 -3.83 -12.31
N VAL C 303 -28.41 -4.33 -13.47
CA VAL C 303 -27.00 -4.27 -13.84
C VAL C 303 -26.48 -2.82 -13.94
N ASP C 304 -27.32 -1.90 -14.39
CA ASP C 304 -26.90 -0.52 -14.63
C ASP C 304 -27.00 0.39 -13.42
N TYR C 305 -27.75 -0.05 -12.40
CA TYR C 305 -27.97 0.80 -11.22
C TYR C 305 -26.69 1.00 -10.39
N TYR C 306 -26.48 2.22 -9.93
CA TYR C 306 -25.43 2.48 -8.93
C TYR C 306 -25.92 3.57 -7.98
N PRO C 307 -25.61 3.45 -6.68
CA PRO C 307 -26.10 4.46 -5.76
C PRO C 307 -25.27 5.74 -5.85
N THR C 308 -25.91 6.89 -5.67
CA THR C 308 -25.19 8.15 -5.62
C THR C 308 -25.03 8.52 -4.14
N GLY C 309 -24.10 9.43 -3.87
CA GLY C 309 -23.83 9.86 -2.52
C GLY C 309 -25.10 10.41 -1.91
N LEU C 310 -25.84 11.15 -2.72
CA LEU C 310 -27.14 11.68 -2.35
C LEU C 310 -28.13 10.58 -1.96
N ASP C 311 -28.23 9.53 -2.80
CA ASP C 311 -29.09 8.37 -2.52
C ASP C 311 -28.79 7.82 -1.12
N ILE C 312 -27.50 7.68 -0.82
CA ILE C 312 -27.06 7.16 0.47
C ILE C 312 -27.44 8.13 1.59
N ASP C 313 -27.64 9.41 1.23
CA ASP C 313 -28.03 10.44 2.19
C ASP C 313 -29.54 10.50 2.45
N ASN C 314 -30.33 10.64 1.39
CA ASN C 314 -31.78 10.73 1.54
C ASN C 314 -32.47 9.37 1.74
N GLY C 315 -31.68 8.33 1.90
CA GLY C 315 -32.19 6.99 2.17
C GLY C 315 -32.86 6.25 1.02
N ASP C 316 -32.85 6.82 -0.18
CA ASP C 316 -33.34 6.11 -1.35
C ASP C 316 -32.55 4.83 -1.58
N ALA C 317 -31.33 4.81 -1.08
CA ALA C 317 -30.49 3.63 -1.12
C ALA C 317 -29.86 3.42 0.24
N ILE C 318 -29.76 2.17 0.66
CA ILE C 318 -29.08 1.81 1.89
C ILE C 318 -27.95 0.86 1.58
N THR C 319 -26.74 1.24 1.94
CA THR C 319 -25.57 0.40 1.74
C THR C 319 -25.58 -0.77 2.72
N CYS C 320 -25.44 -1.96 2.16
CA CYS C 320 -25.27 -3.17 2.94
C CYS C 320 -24.00 -3.80 2.42
N ALA C 321 -22.92 -3.03 2.49
CA ALA C 321 -21.60 -3.46 2.01
C ALA C 321 -20.53 -2.76 2.85
N ARG C 322 -20.37 -3.24 4.08
CA ARG C 322 -19.24 -2.88 4.91
C ARG C 322 -18.55 -4.17 5.32
N LYS C 323 -17.27 -4.07 5.70
CA LYS C 323 -16.49 -5.23 6.07
C LYS C 323 -16.39 -6.28 4.96
N ILE C 324 -15.93 -5.89 3.78
CA ILE C 324 -15.67 -6.85 2.70
C ILE C 324 -14.24 -6.71 2.21
N ASP C 325 -13.53 -7.83 2.12
CA ASP C 325 -12.14 -7.81 1.71
C ASP C 325 -11.93 -8.92 0.68
N ILE C 326 -11.19 -8.61 -0.38
CA ILE C 326 -10.91 -9.58 -1.41
C ILE C 326 -9.41 -9.70 -1.64
N ASN C 327 -8.85 -10.90 -1.46
CA ASN C 327 -7.45 -11.17 -1.79
C ASN C 327 -7.34 -12.11 -2.99
N ASN C 328 -6.71 -11.62 -4.04
CA ASN C 328 -6.33 -12.46 -5.18
C ASN C 328 -7.47 -13.15 -5.92
N LEU C 329 -8.68 -12.65 -5.80
CA LEU C 329 -9.78 -13.23 -6.56
C LEU C 329 -9.55 -13.12 -8.07
N ASN C 330 -9.68 -14.24 -8.77
CA ASN C 330 -9.66 -14.26 -10.21
C ASN C 330 -11.07 -14.46 -10.74
N LEU C 331 -11.52 -13.54 -11.57
CA LEU C 331 -12.87 -13.60 -12.13
C LEU C 331 -12.79 -13.65 -13.65
N ILE C 332 -13.37 -14.71 -14.20
CA ILE C 332 -13.43 -14.98 -15.63
C ILE C 332 -14.87 -14.80 -16.04
N THR C 333 -15.10 -14.45 -17.29
CA THR C 333 -16.42 -14.06 -17.71
C THR C 333 -16.67 -14.62 -19.11
N ALA C 334 -17.88 -15.08 -19.43
CA ALA C 334 -18.13 -15.48 -20.81
C ALA C 334 -18.01 -14.22 -21.69
N PRO C 335 -17.60 -14.37 -22.96
CA PRO C 335 -17.52 -13.19 -23.83
C PRO C 335 -18.89 -12.51 -23.91
N GLY C 336 -18.91 -11.18 -23.90
CA GLY C 336 -20.17 -10.47 -24.01
C GLY C 336 -20.84 -10.08 -22.70
N VAL C 337 -20.39 -10.63 -21.58
CA VAL C 337 -20.91 -10.24 -20.26
C VAL C 337 -20.64 -8.74 -20.02
N LYS C 338 -21.67 -8.03 -19.56
CA LYS C 338 -21.63 -6.57 -19.50
C LYS C 338 -20.63 -6.05 -18.47
N VAL C 339 -20.74 -6.53 -17.23
CA VAL C 339 -19.89 -6.00 -16.14
C VAL C 339 -19.26 -7.14 -15.38
N GLY C 340 -17.97 -7.01 -15.07
CA GLY C 340 -17.32 -7.97 -14.18
C GLY C 340 -17.74 -7.80 -12.73
N VAL C 341 -17.35 -6.67 -12.12
CA VAL C 341 -17.57 -6.43 -10.71
C VAL C 341 -18.28 -5.11 -10.48
N LYS C 342 -19.38 -5.15 -9.74
CA LYS C 342 -20.05 -3.92 -9.34
C LYS C 342 -19.74 -3.59 -7.88
N TRP C 343 -18.77 -2.69 -7.71
CA TRP C 343 -18.32 -2.28 -6.38
C TRP C 343 -19.12 -1.06 -5.99
N ILE C 344 -20.38 -1.30 -5.62
CA ILE C 344 -21.29 -0.22 -5.33
C ILE C 344 -21.61 -0.16 -3.84
N GLY C 345 -21.44 1.02 -3.25
CA GLY C 345 -21.62 1.22 -1.81
C GLY C 345 -20.54 0.58 -0.95
N GLY C 346 -19.41 0.23 -1.54
CA GLY C 346 -18.36 -0.49 -0.85
C GLY C 346 -17.41 0.42 -0.07
N ALA C 347 -17.99 1.35 0.68
CA ALA C 347 -17.22 2.28 1.49
C ALA C 347 -16.29 1.54 2.45
N GLY C 348 -15.00 1.89 2.44
CA GLY C 348 -14.05 1.24 3.32
C GLY C 348 -13.76 -0.22 3.00
N CYS C 349 -14.33 -0.73 1.91
CA CYS C 349 -14.05 -2.11 1.51
C CYS C 349 -12.76 -2.16 0.71
N THR C 350 -12.10 -3.29 0.74
CA THR C 350 -10.74 -3.37 0.23
C THR C 350 -10.52 -4.56 -0.68
N THR C 351 -9.55 -4.39 -1.56
CA THR C 351 -9.27 -5.37 -2.58
C THR C 351 -7.76 -5.40 -2.80
N LYS C 352 -7.20 -6.60 -2.98
CA LYS C 352 -5.79 -6.75 -3.29
C LYS C 352 -5.62 -7.88 -4.28
N GLY C 353 -5.03 -7.58 -5.42
CA GLY C 353 -4.82 -8.58 -6.46
C GLY C 353 -6.10 -9.10 -7.08
N LEU C 354 -7.16 -8.29 -7.08
CA LEU C 354 -8.36 -8.67 -7.84
C LEU C 354 -8.00 -8.67 -9.32
N SER C 355 -8.20 -9.80 -9.99
CA SER C 355 -7.96 -9.89 -11.42
C SER C 355 -9.26 -10.18 -12.14
N ILE C 356 -9.57 -9.36 -13.14
CA ILE C 356 -10.81 -9.51 -13.90
C ILE C 356 -10.49 -9.71 -15.37
N GLY C 357 -10.98 -10.80 -15.96
CA GLY C 357 -10.80 -11.05 -17.38
C GLY C 357 -9.67 -12.02 -17.70
N GLU C 358 -9.91 -12.89 -18.68
CA GLU C 358 -8.92 -13.90 -19.10
C GLU C 358 -8.22 -13.55 -20.41
N ASN C 359 -6.90 -13.69 -20.42
CA ASN C 359 -6.13 -13.55 -21.65
C ASN C 359 -6.29 -14.78 -22.54
N THR C 360 -7.49 -14.96 -23.09
CA THR C 360 -7.86 -16.19 -23.77
C THR C 360 -7.09 -16.41 -25.06
N GLY C 361 -7.02 -15.37 -25.89
CA GLY C 361 -6.31 -15.42 -27.16
C GLY C 361 -6.36 -14.08 -27.86
N SER C 362 -6.00 -14.06 -29.14
CA SER C 362 -5.87 -12.82 -29.91
C SER C 362 -7.21 -12.20 -30.29
N ASP C 363 -8.23 -13.03 -30.43
CA ASP C 363 -9.56 -12.54 -30.79
C ASP C 363 -10.32 -12.09 -29.55
N ILE C 364 -10.45 -10.78 -29.37
CA ILE C 364 -11.09 -10.24 -28.18
C ILE C 364 -12.58 -10.54 -28.16
N THR C 365 -13.12 -10.79 -29.36
CA THR C 365 -14.52 -11.16 -29.52
C THR C 365 -14.90 -12.49 -28.82
N THR C 366 -13.92 -13.36 -28.62
CA THR C 366 -14.16 -14.67 -28.01
C THR C 366 -13.43 -14.83 -26.67
N ALA C 367 -12.74 -13.77 -26.25
CA ALA C 367 -12.00 -13.80 -25.01
C ALA C 367 -12.95 -13.83 -23.82
N ARG C 368 -12.56 -14.59 -22.80
CA ARG C 368 -13.42 -14.71 -21.63
C ARG C 368 -13.22 -13.54 -20.65
N LEU C 369 -13.68 -12.37 -21.07
CA LEU C 369 -13.53 -11.14 -20.28
C LEU C 369 -14.78 -10.30 -20.50
N PRO C 370 -15.08 -9.38 -19.56
CA PRO C 370 -16.32 -8.61 -19.70
C PRO C 370 -16.14 -7.34 -20.54
N ARG C 371 -17.27 -6.76 -20.96
CA ARG C 371 -17.28 -5.49 -21.69
C ARG C 371 -16.74 -4.38 -20.80
N VAL C 372 -17.25 -4.34 -19.57
CA VAL C 372 -16.79 -3.40 -18.54
C VAL C 372 -16.23 -4.18 -17.35
N GLY C 373 -14.97 -3.94 -16.99
CA GLY C 373 -14.36 -4.68 -15.89
C GLY C 373 -14.96 -4.42 -14.51
N LEU C 374 -14.93 -3.15 -14.10
CA LEU C 374 -15.30 -2.76 -12.74
C LEU C 374 -16.13 -1.47 -12.76
N LEU C 375 -17.24 -1.45 -12.02
CA LEU C 375 -18.05 -0.25 -11.93
C LEU C 375 -18.20 0.09 -10.46
N GLN C 376 -17.79 1.30 -10.08
CA GLN C 376 -17.73 1.67 -8.67
C GLN C 376 -18.41 3.00 -8.37
N SER C 377 -19.24 3.01 -7.34
CA SER C 377 -19.83 4.23 -6.84
C SER C 377 -20.03 4.16 -5.33
N ALA C 378 -20.15 5.31 -4.69
CA ALA C 378 -20.44 5.40 -3.25
C ALA C 378 -19.49 4.57 -2.40
N SER C 379 -18.19 4.57 -2.74
CA SER C 379 -17.21 3.72 -2.07
C SER C 379 -16.09 4.58 -1.51
N TRP C 380 -16.47 5.62 -0.78
CA TRP C 380 -15.45 6.47 -0.15
C TRP C 380 -14.58 5.62 0.75
N GLY C 381 -13.27 5.88 0.69
CA GLY C 381 -12.32 5.20 1.56
C GLY C 381 -11.94 3.81 1.11
N SER C 382 -12.40 3.40 -0.07
CA SER C 382 -12.15 2.08 -0.61
C SER C 382 -10.75 2.02 -1.20
N ILE C 383 -10.05 0.92 -1.01
CA ILE C 383 -8.72 0.77 -1.57
C ILE C 383 -8.66 -0.47 -2.43
N HIS C 384 -8.19 -0.31 -3.68
CA HIS C 384 -7.87 -1.45 -4.54
C HIS C 384 -6.36 -1.50 -4.79
N GLU C 385 -5.69 -2.55 -4.33
CA GLU C 385 -4.25 -2.70 -4.58
C GLU C 385 -4.00 -3.74 -5.63
N ASN C 386 -3.11 -3.44 -6.57
CA ASN C 386 -2.74 -4.37 -7.64
C ASN C 386 -3.97 -4.93 -8.35
N LEU C 387 -4.93 -4.07 -8.62
CA LEU C 387 -6.08 -4.39 -9.45
C LEU C 387 -5.59 -4.74 -10.85
N ARG C 388 -6.04 -5.89 -11.38
CA ARG C 388 -5.67 -6.28 -12.74
C ARG C 388 -6.93 -6.52 -13.57
N ILE C 389 -7.11 -5.69 -14.59
CA ILE C 389 -8.30 -5.76 -15.42
C ILE C 389 -7.93 -5.92 -16.89
N LEU C 390 -8.43 -6.99 -17.49
CA LEU C 390 -8.36 -7.14 -18.93
C LEU C 390 -9.78 -6.96 -19.48
N TYR C 391 -9.97 -6.00 -20.39
CA TYR C 391 -11.33 -5.64 -20.78
C TYR C 391 -11.51 -5.51 -22.29
N LYS C 392 -12.77 -5.35 -22.70
CA LYS C 392 -13.08 -5.14 -24.12
C LYS C 392 -13.46 -3.69 -24.41
N THR C 393 -14.34 -3.16 -23.58
CA THR C 393 -14.92 -1.82 -23.79
C THR C 393 -14.45 -0.74 -22.77
N GLN C 394 -14.60 -1.01 -21.48
CA GLN C 394 -14.11 -0.12 -20.44
C GLN C 394 -13.47 -0.94 -19.33
N GLY C 395 -12.32 -0.49 -18.82
CA GLY C 395 -11.63 -1.21 -17.77
C GLY C 395 -12.35 -1.01 -16.45
N ALA C 396 -12.27 0.21 -15.93
CA ALA C 396 -12.88 0.55 -14.65
C ALA C 396 -13.60 1.89 -14.75
N VAL C 397 -14.73 1.99 -14.06
CA VAL C 397 -15.56 3.19 -14.07
C VAL C 397 -15.86 3.60 -12.63
N PHE C 398 -15.66 4.88 -12.34
CA PHE C 398 -15.77 5.45 -11.00
C PHE C 398 -16.73 6.62 -11.01
N ILE C 399 -17.81 6.50 -10.26
CA ILE C 399 -18.89 7.46 -10.39
C ILE C 399 -19.33 7.98 -9.03
N ASP C 400 -19.61 9.29 -9.00
CA ASP C 400 -20.21 9.93 -7.84
C ASP C 400 -19.29 9.80 -6.61
N SER C 401 -19.85 9.74 -5.42
CA SER C 401 -19.04 9.81 -4.20
C SER C 401 -18.01 8.68 -4.05
N ASN C 402 -16.73 9.03 -4.12
CA ASN C 402 -15.64 8.09 -3.88
C ASN C 402 -14.50 8.76 -3.10
N GLY C 403 -14.87 9.63 -2.17
CA GLY C 403 -13.88 10.43 -1.44
C GLY C 403 -12.82 9.61 -0.73
N GLY C 404 -11.56 9.95 -0.95
CA GLY C 404 -10.47 9.28 -0.28
C GLY C 404 -10.20 7.87 -0.77
N ALA C 405 -10.95 7.42 -1.77
CA ALA C 405 -10.69 6.10 -2.38
C ALA C 405 -9.36 6.14 -3.12
N ALA C 406 -8.69 4.99 -3.20
CA ALA C 406 -7.40 4.90 -3.87
C ALA C 406 -7.31 3.64 -4.70
N VAL C 407 -6.61 3.73 -5.83
CA VAL C 407 -6.36 2.60 -6.72
C VAL C 407 -4.85 2.55 -6.97
N ASN C 408 -4.20 1.58 -6.34
CA ASN C 408 -2.74 1.57 -6.29
C ASN C 408 -2.14 0.48 -7.14
N ASN C 409 -1.20 0.86 -7.99
CA ASN C 409 -0.49 -0.07 -8.87
C ASN C 409 -1.44 -0.93 -9.70
N ALA C 410 -2.53 -0.33 -10.17
CA ALA C 410 -3.44 -1.05 -11.05
C ALA C 410 -2.75 -1.44 -12.36
N TYR C 411 -3.20 -2.53 -12.95
CA TYR C 411 -2.74 -2.88 -14.27
C TYR C 411 -3.98 -3.09 -15.10
N ILE C 412 -4.26 -2.16 -16.01
CA ILE C 412 -5.51 -2.18 -16.76
C ILE C 412 -5.22 -2.11 -18.25
N SER C 413 -5.70 -3.12 -18.97
CA SER C 413 -5.33 -3.32 -20.36
C SER C 413 -6.49 -3.86 -21.16
N ARG C 414 -6.69 -3.33 -22.37
CA ARG C 414 -7.58 -3.98 -23.30
C ARG C 414 -6.83 -5.20 -23.84
N LEU C 415 -7.54 -6.25 -24.21
CA LEU C 415 -6.86 -7.39 -24.81
C LEU C 415 -6.47 -7.03 -26.25
N GLY C 416 -5.32 -6.37 -26.40
CA GLY C 416 -4.90 -5.82 -27.68
C GLY C 416 -5.72 -4.60 -28.07
N ASN C 417 -5.25 -3.86 -29.06
CA ASN C 417 -5.94 -2.65 -29.51
C ASN C 417 -6.58 -2.78 -30.90
N THR C 418 -6.71 -4.01 -31.39
CA THR C 418 -7.40 -4.26 -32.65
C THR C 418 -8.87 -3.88 -32.54
N ASN C 419 -9.30 -2.96 -33.39
CA ASN C 419 -10.65 -2.39 -33.34
C ASN C 419 -11.00 -1.66 -32.02
N GLY C 420 -10.00 -1.40 -31.19
CA GLY C 420 -10.21 -0.66 -29.96
C GLY C 420 -10.91 0.66 -30.20
N GLU C 421 -10.54 1.31 -31.30
CA GLU C 421 -11.08 2.63 -31.62
C GLU C 421 -12.58 2.61 -31.96
N LEU C 422 -13.16 1.42 -32.11
CA LEU C 422 -14.57 1.29 -32.46
C LEU C 422 -15.45 0.95 -31.27
N GLU C 423 -14.83 0.67 -30.12
CA GLU C 423 -15.59 0.40 -28.89
C GLU C 423 -16.34 1.63 -28.48
N GLN C 424 -17.52 1.44 -27.92
CA GLN C 424 -18.31 2.55 -27.40
C GLN C 424 -18.49 2.44 -25.88
N ALA C 425 -17.97 3.42 -25.14
CA ALA C 425 -18.09 3.46 -23.69
C ALA C 425 -19.53 3.31 -23.27
N VAL C 426 -19.76 2.46 -22.27
CA VAL C 426 -21.10 2.16 -21.79
C VAL C 426 -21.58 3.09 -20.67
N TYR C 427 -20.72 3.28 -19.67
CA TYR C 427 -21.01 4.16 -18.53
C TYR C 427 -20.08 5.36 -18.60
N LYS C 428 -20.64 6.54 -18.89
CA LYS C 428 -19.82 7.70 -19.25
C LYS C 428 -20.56 8.99 -18.97
N PRO C 429 -19.81 10.08 -18.72
CA PRO C 429 -20.47 11.37 -18.55
C PRO C 429 -21.06 11.80 -19.91
N ALA C 430 -22.14 12.56 -19.89
CA ALA C 430 -22.77 13.08 -21.10
C ALA C 430 -21.80 13.84 -22.00
N GLY C 431 -20.82 14.54 -21.40
CA GLY C 431 -19.87 15.31 -22.18
C GLY C 431 -18.85 14.51 -22.95
N PHE C 432 -18.78 13.20 -22.73
CA PHE C 432 -17.87 12.35 -23.50
C PHE C 432 -18.65 11.64 -24.60
N THR C 433 -18.48 12.12 -25.83
CA THR C 433 -19.23 11.62 -26.97
C THR C 433 -18.34 10.93 -28.00
N GLU C 434 -17.05 10.82 -27.70
CA GLU C 434 -16.11 10.16 -28.61
C GLU C 434 -16.30 8.65 -28.62
N VAL C 435 -15.89 8.04 -29.73
CA VAL C 435 -15.87 6.59 -29.88
C VAL C 435 -14.47 6.10 -29.54
N GLY C 436 -14.39 4.93 -28.93
CA GLY C 436 -13.11 4.34 -28.58
C GLY C 436 -13.19 3.77 -27.19
N ASP C 437 -12.44 2.70 -26.94
CA ASP C 437 -12.42 2.06 -25.63
C ASP C 437 -11.75 2.96 -24.60
N VAL C 438 -12.18 2.87 -23.34
CA VAL C 438 -11.63 3.73 -22.30
C VAL C 438 -11.14 2.86 -21.15
N ALA C 439 -9.86 2.98 -20.79
CA ALA C 439 -9.34 2.17 -19.68
C ALA C 439 -9.96 2.55 -18.34
N VAL C 440 -9.90 3.85 -18.03
CA VAL C 440 -10.43 4.39 -16.77
C VAL C 440 -11.35 5.57 -17.06
N THR C 441 -12.57 5.48 -16.53
CA THR C 441 -13.59 6.51 -16.69
C THR C 441 -14.03 6.99 -15.31
N GLN C 442 -14.11 8.31 -15.12
CA GLN C 442 -14.50 8.89 -13.84
C GLN C 442 -15.38 10.11 -14.04
N PHE C 443 -16.45 10.21 -13.28
CA PHE C 443 -17.33 11.36 -13.41
C PHE C 443 -18.25 11.58 -12.22
N ALA C 444 -19.00 12.67 -12.31
CA ALA C 444 -20.05 13.01 -11.36
C ALA C 444 -19.54 13.28 -9.94
N GLY C 445 -18.33 13.82 -9.83
CA GLY C 445 -17.79 14.17 -8.54
C GLY C 445 -16.86 13.18 -7.90
N SER C 446 -16.62 12.06 -8.60
CA SER C 446 -15.71 11.02 -8.12
C SER C 446 -14.28 11.56 -8.16
N GLU C 447 -13.53 11.31 -7.10
CA GLU C 447 -12.18 11.81 -6.98
C GLU C 447 -11.25 10.74 -6.42
N VAL C 448 -11.13 9.65 -7.17
CA VAL C 448 -10.27 8.54 -6.77
C VAL C 448 -8.81 8.87 -7.04
N LYS C 449 -7.91 8.46 -6.16
CA LYS C 449 -6.49 8.70 -6.37
C LYS C 449 -5.84 7.53 -7.10
N PHE C 450 -5.28 7.79 -8.28
CA PHE C 450 -4.62 6.75 -9.06
C PHE C 450 -3.12 6.83 -8.89
N ASN C 451 -2.57 5.87 -8.15
CA ASN C 451 -1.13 5.82 -7.89
C ASN C 451 -0.46 4.78 -8.76
N SER C 452 0.44 5.25 -9.62
CA SER C 452 1.23 4.41 -10.54
C SER C 452 0.45 3.33 -11.31
N PRO C 453 -0.63 3.72 -12.03
CA PRO C 453 -1.33 2.72 -12.85
C PRO C 453 -0.54 2.35 -14.09
N ILE C 454 -0.62 1.09 -14.50
CA ILE C 454 -0.12 0.67 -15.80
C ILE C 454 -1.35 0.60 -16.70
N ILE C 455 -1.33 1.33 -17.81
CA ILE C 455 -2.47 1.31 -18.72
C ILE C 455 -2.01 0.92 -20.11
N GLU C 456 -2.61 -0.14 -20.66
CA GLU C 456 -2.11 -0.73 -21.91
C GLU C 456 -3.18 -0.88 -22.99
N GLN C 457 -2.82 -0.55 -24.23
CA GLN C 457 -3.63 -0.83 -25.42
C GLN C 457 -4.97 -0.11 -25.48
N ALA C 458 -5.08 1.05 -24.84
CA ALA C 458 -6.36 1.77 -24.76
C ALA C 458 -6.46 2.90 -25.78
N SER C 459 -7.66 3.14 -26.31
CA SER C 459 -7.88 4.32 -27.15
C SER C 459 -7.83 5.58 -26.29
N PHE C 460 -8.48 5.50 -25.13
CA PHE C 460 -8.44 6.58 -24.14
C PHE C 460 -7.95 5.99 -22.82
N ASP C 461 -6.85 6.51 -22.27
CA ASP C 461 -6.37 5.99 -21.00
C ASP C 461 -7.29 6.41 -19.88
N PHE C 462 -7.58 7.72 -19.83
CA PHE C 462 -8.47 8.27 -18.83
C PHE C 462 -9.49 9.23 -19.45
N VAL C 463 -10.76 9.04 -19.12
CA VAL C 463 -11.80 10.03 -19.38
C VAL C 463 -12.30 10.47 -18.02
N HIS C 464 -12.22 11.76 -17.73
CA HIS C 464 -12.64 12.27 -16.45
C HIS C 464 -13.45 13.55 -16.61
N ALA C 465 -14.63 13.58 -16.00
CA ALA C 465 -15.42 14.79 -15.99
C ALA C 465 -15.61 15.26 -14.55
N GLY C 466 -15.54 16.58 -14.35
CA GLY C 466 -15.92 17.16 -13.08
C GLY C 466 -17.43 17.19 -12.93
N ARG C 467 -17.88 17.44 -11.71
CA ARG C 467 -19.30 17.49 -11.42
C ARG C 467 -19.96 18.64 -12.21
N ASP C 468 -21.14 18.40 -12.78
CA ASP C 468 -21.83 19.37 -13.63
C ASP C 468 -22.09 20.71 -12.96
N THR C 469 -22.36 20.66 -11.67
CA THR C 469 -22.71 21.85 -10.92
C THR C 469 -21.53 22.82 -10.77
N ASP C 470 -20.40 22.31 -10.30
CA ASP C 470 -19.33 23.17 -9.86
C ASP C 470 -17.95 22.68 -10.25
N SER C 471 -17.90 21.71 -11.16
CA SER C 471 -16.63 21.17 -11.64
C SER C 471 -15.86 20.42 -10.55
N TYR C 472 -16.55 20.08 -9.47
CA TYR C 472 -15.89 19.38 -8.38
C TYR C 472 -15.41 17.99 -8.82
N GLY C 473 -14.26 17.58 -8.29
CA GLY C 473 -13.74 16.26 -8.54
C GLY C 473 -12.41 16.33 -9.25
N LEU C 474 -11.34 16.37 -8.45
CA LEU C 474 -9.98 16.48 -8.98
C LEU C 474 -9.48 15.16 -9.60
N PHE C 475 -9.01 15.24 -10.83
CA PHE C 475 -8.41 14.10 -11.50
C PHE C 475 -6.96 14.03 -11.05
N VAL C 477 -3.58 11.55 -11.04
CA VAL C 477 -2.80 10.40 -11.45
C VAL C 477 -1.34 10.68 -11.26
N ASP C 478 -0.67 9.77 -10.56
CA ASP C 478 0.74 9.85 -10.24
C ASP C 478 1.51 8.78 -11.02
N LYS C 479 2.33 9.23 -11.96
CA LYS C 479 3.24 8.37 -12.70
C LYS C 479 2.54 7.24 -13.46
N PRO C 480 1.62 7.58 -14.37
CA PRO C 480 0.95 6.53 -15.13
C PRO C 480 1.92 5.96 -16.14
N HIS C 481 1.91 4.64 -16.28
CA HIS C 481 2.78 3.98 -17.22
C HIS C 481 1.88 3.60 -18.38
N ILE C 482 1.92 4.39 -19.45
CA ILE C 482 1.01 4.24 -20.57
C ILE C 482 1.71 3.75 -21.84
N GLU C 483 1.19 2.67 -22.42
CA GLU C 483 1.76 2.07 -23.62
C GLU C 483 0.67 1.51 -24.52
N SER C 484 0.98 1.38 -25.80
CA SER C 484 0.03 0.85 -26.76
C SER C 484 0.75 0.41 -28.02
N SER C 485 0.51 -0.84 -28.43
CA SER C 485 1.17 -1.43 -29.59
C SER C 485 0.94 -0.63 -30.86
N GLY C 486 2.01 -0.38 -31.61
CA GLY C 486 1.90 0.35 -32.86
C GLY C 486 1.64 1.83 -32.64
N GLY C 487 1.74 2.28 -31.40
CA GLY C 487 1.47 3.67 -31.08
C GLY C 487 0.04 4.11 -31.40
N LYS C 488 -0.90 3.17 -31.33
CA LYS C 488 -2.31 3.50 -31.56
C LYS C 488 -2.95 4.08 -30.30
N LYS C 489 -3.52 5.27 -30.41
CA LYS C 489 -4.12 5.97 -29.27
C LYS C 489 -4.91 7.18 -29.72
N LYS C 490 -5.90 7.60 -28.95
CA LYS C 490 -6.62 8.83 -29.25
C LYS C 490 -6.18 9.94 -28.30
N HIS C 491 -6.45 9.74 -27.01
CA HIS C 491 -6.01 10.69 -25.98
C HIS C 491 -5.66 9.91 -24.69
N SER C 492 -4.75 10.44 -23.89
CA SER C 492 -4.42 9.79 -22.62
C SER C 492 -5.26 10.37 -21.48
N PHE C 493 -5.42 11.70 -21.49
CA PHE C 493 -6.23 12.38 -20.47
C PHE C 493 -7.28 13.24 -21.13
N TYR C 494 -8.49 12.70 -21.23
CA TYR C 494 -9.61 13.41 -21.81
C TYR C 494 -10.41 14.02 -20.67
N LEU C 495 -10.26 15.33 -20.48
CA LEU C 495 -10.68 15.97 -19.23
C LEU C 495 -11.81 16.97 -19.47
N ILE C 496 -12.96 16.73 -18.87
CA ILE C 496 -14.15 17.53 -19.13
C ILE C 496 -14.52 18.32 -17.89
N ASN C 497 -14.56 19.65 -18.02
CA ASN C 497 -15.07 20.52 -16.95
C ASN C 497 -14.40 20.20 -15.61
N THR C 498 -13.08 20.24 -15.58
CA THR C 498 -12.38 19.72 -14.42
C THR C 498 -11.00 20.34 -14.23
N SER C 499 -10.47 20.19 -13.01
CA SER C 499 -9.07 20.44 -12.72
C SER C 499 -8.36 19.11 -12.63
N SER C 500 -7.03 19.13 -12.56
CA SER C 500 -6.26 17.89 -12.42
C SER C 500 -4.84 18.18 -11.94
N ASN C 501 -4.20 17.15 -11.41
CA ASN C 501 -2.78 17.17 -11.07
C ASN C 501 -2.24 15.84 -11.55
N VAL C 502 -1.41 15.87 -12.59
CA VAL C 502 -0.80 14.65 -13.12
C VAL C 502 0.72 14.74 -13.04
N THR C 503 1.38 13.70 -12.54
CA THR C 503 2.84 13.65 -12.59
C THR C 503 3.25 12.59 -13.60
N LEU C 504 3.89 13.01 -14.69
CA LEU C 504 4.35 12.06 -15.71
C LEU C 504 5.67 11.41 -15.30
N SER C 505 5.89 10.19 -15.75
CA SER C 505 7.07 9.41 -15.33
C SER C 505 8.01 9.11 -16.50
N GLY C 506 7.75 9.73 -17.64
CA GLY C 506 8.60 9.53 -18.81
C GLY C 506 8.10 8.43 -19.71
N VAL C 507 6.94 7.88 -19.40
CA VAL C 507 6.39 6.80 -20.22
C VAL C 507 5.05 7.25 -20.79
N GLY C 508 4.89 7.14 -22.11
CA GLY C 508 3.68 7.61 -22.75
C GLY C 508 3.87 7.88 -24.23
N LEU C 509 2.80 8.34 -24.89
CA LEU C 509 2.81 8.54 -26.32
C LEU C 509 1.58 9.35 -26.72
N SER C 510 1.57 9.86 -27.95
CA SER C 510 0.33 10.34 -28.56
C SER C 510 0.08 9.57 -29.87
N GLY C 511 -1.17 9.54 -30.33
CA GLY C 511 -1.57 8.66 -31.42
C GLY C 511 -1.06 9.04 -32.81
N GLN C 512 -1.51 8.29 -33.82
CA GLN C 512 -0.96 8.40 -35.17
C GLN C 512 -1.63 9.45 -36.06
N ASP C 513 -2.82 9.90 -35.67
CA ASP C 513 -3.49 10.95 -36.44
C ASP C 513 -2.76 12.26 -36.12
N PRO C 514 -2.14 12.88 -37.14
CA PRO C 514 -1.26 14.03 -36.92
C PRO C 514 -2.03 15.29 -36.60
N ASP C 515 -3.35 15.20 -36.64
CA ASP C 515 -4.21 16.34 -36.35
C ASP C 515 -5.01 16.21 -35.04
N LEU C 516 -5.58 15.03 -34.79
CA LEU C 516 -6.56 14.91 -33.71
C LEU C 516 -6.04 14.26 -32.43
N ASP C 517 -4.97 13.47 -32.52
CA ASP C 517 -4.51 12.74 -31.35
C ASP C 517 -3.57 13.61 -30.49
N SER C 518 -3.82 13.62 -29.19
CA SER C 518 -2.97 14.40 -28.29
C SER C 518 -3.00 13.78 -26.91
N TYR C 520 -3.30 15.29 -23.95
CA TYR C 520 -4.45 15.87 -23.26
C TYR C 520 -5.52 16.34 -24.24
N PHE C 521 -6.77 16.17 -23.84
CA PHE C 521 -7.86 16.92 -24.46
C PHE C 521 -8.62 17.60 -23.35
N LEU C 522 -8.61 18.94 -23.38
CA LEU C 522 -9.28 19.73 -22.36
C LEU C 522 -10.62 20.23 -22.90
N LYS C 523 -11.71 19.62 -22.44
CA LYS C 523 -13.03 19.97 -22.93
C LYS C 523 -13.82 20.85 -21.96
N ASN C 524 -14.00 22.11 -22.35
CA ASN C 524 -14.82 23.04 -21.58
C ASN C 524 -14.43 23.15 -20.10
N CYS C 525 -13.13 23.15 -19.83
CA CYS C 525 -12.68 23.33 -18.46
C CYS C 525 -12.84 24.80 -18.11
N PRO C 526 -13.44 25.08 -16.94
CA PRO C 526 -13.78 26.45 -16.55
C PRO C 526 -12.56 27.35 -16.28
N GLU C 527 -12.81 28.66 -16.24
CA GLU C 527 -11.74 29.63 -16.07
C GLU C 527 -10.93 29.42 -14.78
N THR C 528 -11.60 28.99 -13.71
CA THR C 528 -10.92 28.79 -12.43
C THR C 528 -10.22 27.43 -12.31
N ALA C 529 -10.41 26.56 -13.30
CA ALA C 529 -9.77 25.25 -13.29
C ALA C 529 -8.28 25.32 -13.62
N ARG C 530 -7.52 24.36 -13.11
CA ARG C 530 -6.10 24.25 -13.42
C ARG C 530 -5.79 22.78 -13.66
N ASN C 531 -5.14 22.48 -14.78
CA ASN C 531 -4.73 21.13 -15.08
C ASN C 531 -3.22 21.08 -15.07
N VAL C 532 -2.67 20.59 -13.96
CA VAL C 532 -1.25 20.76 -13.69
C VAL C 532 -0.45 19.55 -14.11
N VAL C 533 0.63 19.79 -14.84
CA VAL C 533 1.47 18.75 -15.37
C VAL C 533 2.88 18.84 -14.78
N ARG C 534 3.27 17.81 -14.04
CA ARG C 534 4.63 17.73 -13.49
C ARG C 534 5.31 16.50 -14.06
N GLY C 535 6.57 16.30 -13.73
CA GLY C 535 7.25 15.06 -14.07
C GLY C 535 7.97 15.11 -15.40
N GLN C 536 8.14 13.94 -16.03
CA GLN C 536 8.94 13.84 -17.25
C GLN C 536 8.08 13.48 -18.46
N PRO C 538 7.34 12.02 -22.22
CA PRO C 538 7.88 10.83 -22.89
C PRO C 538 9.16 11.13 -23.69
N ILE C 539 10.02 10.14 -23.86
CA ILE C 539 11.23 10.32 -24.65
C ILE C 539 10.88 10.65 -26.11
N SER C 540 9.94 9.90 -26.68
CA SER C 540 9.51 10.15 -28.05
C SER C 540 8.58 11.34 -28.13
N GLY C 541 8.63 12.04 -29.24
CA GLY C 541 7.82 13.23 -29.43
C GLY C 541 6.33 12.92 -29.38
N VAL C 542 5.59 13.79 -28.70
CA VAL C 542 4.16 13.66 -28.62
C VAL C 542 3.52 15.00 -28.91
N LYS C 543 2.23 15.01 -29.23
CA LYS C 543 1.46 16.25 -29.23
C LYS C 543 0.81 16.39 -27.86
N LEU C 544 1.14 17.49 -27.18
CA LEU C 544 0.75 17.65 -25.79
C LEU C 544 -0.75 17.87 -25.57
N VAL C 545 -1.35 18.81 -26.29
CA VAL C 545 -2.69 19.23 -25.89
C VAL C 545 -3.58 19.78 -27.01
N ARG C 546 -4.86 19.43 -26.95
CA ARG C 546 -5.90 20.02 -27.78
C ARG C 546 -7.05 20.31 -26.82
N GLY C 547 -8.06 21.05 -27.29
CA GLY C 547 -9.20 21.32 -26.46
C GLY C 547 -10.34 22.08 -27.11
N THR C 548 -11.40 22.32 -26.34
CA THR C 548 -12.53 23.15 -26.73
C THR C 548 -12.89 23.99 -25.54
N GLY C 549 -13.46 25.17 -25.76
CA GLY C 549 -13.80 26.05 -24.66
C GLY C 549 -12.90 27.29 -24.66
N ASN C 550 -13.30 28.30 -23.89
CA ASN C 550 -12.70 29.62 -24.01
C ASN C 550 -11.59 29.95 -23.03
N TYR C 551 -11.25 28.99 -22.16
CA TYR C 551 -10.27 29.26 -21.10
C TYR C 551 -9.08 28.32 -21.06
N PRO C 552 -7.87 28.87 -21.04
CA PRO C 552 -6.68 28.02 -20.89
C PRO C 552 -6.59 27.52 -19.44
N THR C 553 -6.21 26.25 -19.24
CA THR C 553 -6.07 25.72 -17.88
C THR C 553 -4.83 24.86 -17.69
N LEU C 554 -4.12 24.56 -18.78
CA LEU C 554 -2.96 23.69 -18.64
C LEU C 554 -1.80 24.45 -18.01
N VAL C 555 -1.15 23.83 -17.02
CA VAL C 555 -0.02 24.45 -16.33
C VAL C 555 1.17 23.51 -16.39
N LEU C 556 2.30 23.98 -16.92
CA LEU C 556 3.54 23.20 -16.87
C LEU C 556 4.33 23.59 -15.64
N ASP C 557 4.37 22.71 -14.65
CA ASP C 557 5.08 23.02 -13.42
C ASP C 557 6.40 22.27 -13.33
N CYS C 558 7.47 22.94 -13.79
CA CYS C 558 8.80 22.36 -13.83
C CYS C 558 8.84 21.05 -14.59
N THR C 559 7.94 20.92 -15.55
CA THR C 559 7.85 19.71 -16.35
C THR C 559 9.16 19.51 -17.08
N ASN C 560 9.71 18.30 -16.99
CA ASN C 560 10.91 17.92 -17.71
C ASN C 560 10.50 17.63 -19.16
N GLY C 562 12.39 17.12 -21.86
CA GLY C 562 13.27 16.29 -22.66
C GLY C 562 13.57 16.95 -23.99
N SER C 563 13.33 16.23 -25.07
CA SER C 563 13.59 16.75 -26.42
C SER C 563 12.29 17.07 -27.15
N GLN C 564 11.23 17.35 -26.39
CA GLN C 564 9.91 17.58 -26.98
C GLN C 564 9.85 18.82 -27.89
N PHE C 565 10.61 19.87 -27.57
CA PHE C 565 10.61 21.08 -28.40
C PHE C 565 11.07 20.73 -29.82
N GLN C 566 12.03 19.82 -29.92
CA GLN C 566 12.59 19.39 -31.19
C GLN C 566 11.78 18.30 -31.90
N PHE C 567 11.24 17.35 -31.15
CA PHE C 567 10.60 16.19 -31.79
C PHE C 567 9.10 16.08 -31.58
N GLY C 568 8.55 16.83 -30.62
CA GLY C 568 7.13 16.78 -30.34
C GLY C 568 6.40 18.02 -30.83
N GLU C 569 5.18 18.22 -30.32
CA GLU C 569 4.33 19.33 -30.69
C GLU C 569 3.54 19.79 -29.47
N VAL C 570 3.22 21.08 -29.39
CA VAL C 570 2.33 21.53 -28.34
C VAL C 570 0.89 21.14 -28.70
N GLY C 571 0.58 21.18 -29.99
CA GLY C 571 -0.79 21.02 -30.43
C GLY C 571 -1.46 22.39 -30.43
N ASP C 572 -2.27 22.68 -29.43
CA ASP C 572 -2.98 23.94 -29.38
C ASP C 572 -2.52 24.81 -28.20
N ILE C 573 -1.57 25.71 -28.49
CA ILE C 573 -0.96 26.58 -27.48
C ILE C 573 -2.00 27.40 -26.72
N PHE C 574 -3.17 27.60 -27.30
CA PHE C 574 -4.22 28.38 -26.63
C PHE C 574 -4.53 27.87 -25.21
N TYR C 575 -4.48 26.55 -25.04
CA TYR C 575 -4.94 25.93 -23.80
C TYR C 575 -3.92 25.93 -22.66
N ILE C 576 -2.70 26.41 -22.93
CA ILE C 576 -1.71 26.55 -21.87
C ILE C 576 -1.91 27.85 -21.10
N LYS C 577 -2.13 27.71 -19.80
CA LYS C 577 -2.43 28.84 -18.93
C LYS C 577 -1.14 29.45 -18.38
N ASP C 578 -0.24 28.62 -17.87
CA ASP C 578 1.07 29.14 -17.50
C ASP C 578 2.15 28.08 -17.39
N VAL C 579 3.38 28.53 -17.27
CA VAL C 579 4.56 27.71 -17.31
C VAL C 579 5.54 28.16 -16.24
N VAL C 580 6.03 27.20 -15.46
CA VAL C 580 7.00 27.45 -14.42
C VAL C 580 8.22 26.57 -14.67
N GLY C 581 9.41 27.15 -14.58
CA GLY C 581 10.65 26.39 -14.65
C GLY C 581 10.94 25.76 -16.00
N VAL C 582 10.33 26.30 -17.05
CA VAL C 582 10.64 25.85 -18.42
C VAL C 582 10.89 27.07 -19.31
N LYS C 583 12.07 27.11 -19.92
CA LYS C 583 12.49 28.26 -20.69
C LYS C 583 13.01 27.86 -22.08
N ALA C 584 13.01 28.81 -22.99
CA ALA C 584 13.69 28.65 -24.28
C ALA C 584 14.19 30.02 -24.69
N ASP C 585 15.33 30.06 -25.38
CA ASP C 585 15.92 31.33 -25.76
C ASP C 585 15.27 31.99 -26.98
N THR C 586 14.78 31.18 -27.91
CA THR C 586 14.36 31.69 -29.21
C THR C 586 13.10 31.02 -29.73
N LEU C 587 12.22 31.82 -30.34
CA LEU C 587 11.03 31.33 -31.01
C LEU C 587 11.25 31.45 -32.52
N TYR C 588 11.01 30.37 -33.24
CA TYR C 588 11.21 30.32 -34.69
C TYR C 588 9.89 30.34 -35.47
N ILE C 589 9.77 31.27 -36.41
CA ILE C 589 8.59 31.42 -37.25
C ILE C 589 8.96 31.15 -38.71
N ASP C 590 8.09 30.43 -39.41
CA ASP C 590 8.28 30.15 -40.82
C ASP C 590 6.92 30.14 -41.49
N PRO C 591 6.57 31.23 -42.19
CA PRO C 591 5.24 31.38 -42.77
C PRO C 591 5.01 30.44 -43.94
N VAL C 592 6.08 29.81 -44.42
CA VAL C 592 6.01 28.89 -45.56
C VAL C 592 6.02 27.41 -45.14
N ASN C 593 7.03 27.01 -44.37
CA ASN C 593 7.19 25.61 -43.94
C ASN C 593 6.83 25.31 -42.48
N GLY C 594 6.55 26.35 -41.70
CA GLY C 594 6.26 26.17 -40.29
C GLY C 594 4.93 25.47 -40.06
N ASN C 595 4.75 25.00 -38.84
CA ASN C 595 3.54 24.27 -38.48
C ASN C 595 3.12 24.76 -37.12
N ASN C 596 1.89 25.25 -37.01
CA ASN C 596 1.40 25.81 -35.76
C ASN C 596 1.25 24.79 -34.62
N TYR C 597 1.26 23.50 -34.95
CA TYR C 597 1.25 22.46 -33.92
C TYR C 597 2.54 22.44 -33.14
N ASN C 598 3.61 22.95 -33.74
CA ASN C 598 4.94 22.89 -33.12
C ASN C 598 5.04 23.82 -31.92
N TRP C 599 5.98 23.52 -31.03
CA TRP C 599 6.31 24.42 -29.94
C TRP C 599 6.86 25.75 -30.49
N GLY C 600 7.75 25.66 -31.47
CA GLY C 600 8.33 26.83 -32.10
C GLY C 600 9.66 27.24 -31.49
N THR C 601 10.03 26.60 -30.39
CA THR C 601 11.22 26.98 -29.63
C THR C 601 12.47 26.20 -30.05
N ASN C 602 12.32 25.32 -31.03
CA ASN C 602 13.46 24.67 -31.67
C ASN C 602 13.50 24.95 -33.17
N GLY C 603 14.66 25.32 -33.69
CA GLY C 603 14.80 25.77 -35.06
C GLY C 603 14.35 24.79 -36.13
N THR C 604 14.39 23.50 -35.83
CA THR C 604 13.95 22.50 -36.81
C THR C 604 12.43 22.35 -36.81
N LYS C 605 11.78 22.95 -35.82
CA LYS C 605 10.34 22.88 -35.72
C LYS C 605 9.73 24.24 -35.44
N PRO C 606 9.77 25.14 -36.44
CA PRO C 606 9.21 26.48 -36.24
C PRO C 606 7.69 26.46 -36.34
N ILE C 607 7.05 27.46 -35.76
CA ILE C 607 5.63 27.63 -35.98
C ILE C 607 5.40 28.44 -37.24
N ARG C 608 4.15 28.65 -37.61
CA ARG C 608 3.81 29.28 -38.89
C ARG C 608 3.29 30.71 -38.78
N GLU C 609 2.41 30.97 -37.81
CA GLU C 609 1.67 32.24 -37.72
C GLU C 609 2.20 33.13 -36.59
N LEU C 610 1.78 34.39 -36.59
CA LEU C 610 2.22 35.35 -35.57
C LEU C 610 1.24 35.48 -34.40
N THR C 611 0.06 34.89 -34.57
CA THR C 611 -1.04 35.06 -33.64
C THR C 611 -0.66 34.96 -32.16
N ASN C 612 0.17 33.98 -31.81
CA ASN C 612 0.44 33.67 -30.41
C ASN C 612 1.86 33.94 -30.00
N ILE C 613 2.61 34.70 -30.80
CA ILE C 613 4.01 34.80 -30.47
C ILE C 613 4.29 35.57 -29.17
N ALA C 614 3.43 36.53 -28.82
CA ALA C 614 3.65 37.25 -27.56
C ALA C 614 3.41 36.27 -26.40
N LYS C 615 2.28 35.58 -26.43
CA LYS C 615 1.99 34.53 -25.44
C LYS C 615 3.12 33.51 -25.27
N ILE C 616 3.64 32.98 -26.38
CA ILE C 616 4.69 31.98 -26.31
C ILE C 616 5.98 32.53 -25.69
N CYS C 617 6.39 33.72 -26.10
CA CYS C 617 7.58 34.35 -25.53
C CYS C 617 7.40 34.63 -24.04
N GLN C 618 6.21 35.08 -23.64
CA GLN C 618 5.94 35.31 -22.22
C GLN C 618 6.03 34.01 -21.42
N LEU C 619 5.45 32.93 -21.97
CA LEU C 619 5.46 31.64 -21.30
C LEU C 619 6.86 31.07 -21.10
N PHE C 620 7.69 31.12 -22.15
CA PHE C 620 8.99 30.47 -22.09
C PHE C 620 10.18 31.42 -21.95
N ARG C 621 9.89 32.69 -21.74
CA ARG C 621 10.91 33.72 -21.49
C ARG C 621 11.92 33.86 -22.64
N CYS C 622 11.42 33.77 -23.88
CA CYS C 622 12.25 33.88 -25.06
C CYS C 622 12.94 35.25 -25.15
N LYS C 623 14.17 35.26 -25.62
CA LYS C 623 14.94 36.51 -25.77
C LYS C 623 14.89 37.05 -27.20
N SER C 624 14.59 36.16 -28.15
CA SER C 624 14.61 36.49 -29.57
C SER C 624 13.50 35.79 -30.32
N VAL C 625 13.12 36.37 -31.46
CA VAL C 625 12.25 35.72 -32.42
C VAL C 625 13.02 35.68 -33.74
N TYR C 626 13.06 34.50 -34.36
CA TYR C 626 13.73 34.36 -35.66
C TYR C 626 12.70 34.15 -36.76
N LEU C 627 12.69 35.07 -37.71
CA LEU C 627 11.76 35.01 -38.80
C LEU C 627 12.46 34.39 -40.02
N ASN C 628 12.04 33.18 -40.38
CA ASN C 628 12.53 32.56 -41.61
C ASN C 628 12.01 33.32 -42.81
N ALA C 629 12.58 33.04 -43.97
CA ALA C 629 12.24 33.73 -45.20
C ALA C 629 10.75 33.74 -45.53
N GLY C 630 10.30 34.84 -46.12
CA GLY C 630 8.90 35.02 -46.44
C GLY C 630 8.25 36.11 -45.61
N GLU C 631 7.00 36.40 -45.92
CA GLU C 631 6.27 37.46 -45.25
C GLU C 631 5.40 36.91 -44.12
N SER C 632 5.73 37.30 -42.89
CA SER C 632 4.87 36.99 -41.75
C SER C 632 3.83 38.09 -41.59
N VAL C 633 2.56 37.71 -41.70
CA VAL C 633 1.48 38.67 -41.83
C VAL C 633 0.47 38.61 -40.68
N ILE C 634 -0.15 39.74 -40.35
CA ILE C 634 -1.36 39.75 -39.54
C ILE C 634 -2.47 40.44 -40.30
N THR C 635 -3.70 40.09 -39.99
CA THR C 635 -4.88 40.74 -40.59
C THR C 635 -5.78 41.26 -39.48
N SER C 636 -5.29 41.12 -38.24
CA SER C 636 -6.01 41.56 -37.06
C SER C 636 -4.95 42.05 -36.07
N ASN C 637 -5.30 43.01 -35.21
CA ASN C 637 -4.29 43.59 -34.33
C ASN C 637 -3.64 42.51 -33.47
N THR C 638 -2.33 42.50 -33.46
CA THR C 638 -1.59 41.41 -32.85
C THR C 638 -0.40 41.93 -32.04
N GLU C 639 -0.31 41.49 -30.79
CA GLU C 639 0.79 41.86 -29.90
C GLU C 639 2.12 41.29 -30.33
N LEU C 640 3.15 42.12 -30.26
CA LEU C 640 4.53 41.67 -30.40
C LEU C 640 5.21 41.69 -29.05
N PRO C 641 5.97 40.63 -28.74
CA PRO C 641 6.74 40.57 -27.49
C PRO C 641 7.94 41.52 -27.58
N VAL C 643 11.15 41.81 -27.72
CA VAL C 643 12.39 41.08 -27.88
C VAL C 643 13.09 41.50 -29.17
N VAL C 644 14.23 40.89 -29.45
CA VAL C 644 14.96 41.10 -30.69
C VAL C 644 14.39 40.18 -31.78
N PHE C 645 13.96 40.76 -32.90
CA PHE C 645 13.56 39.96 -34.06
C PHE C 645 14.71 39.96 -35.05
N GLU C 646 15.05 38.78 -35.55
CA GLU C 646 16.12 38.61 -36.53
C GLU C 646 15.71 37.64 -37.63
N GLY C 647 16.52 37.55 -38.68
CA GLY C 647 16.26 36.63 -39.76
C GLY C 647 15.92 37.33 -41.07
N PRO C 648 15.79 36.54 -42.16
CA PRO C 648 15.52 37.10 -43.49
C PRO C 648 14.05 37.42 -43.73
N GLY C 649 13.16 37.01 -42.82
CA GLY C 649 11.74 37.25 -43.00
C GLY C 649 11.36 38.72 -42.93
N SER C 650 10.13 39.02 -43.32
CA SER C 650 9.59 40.37 -43.20
C SER C 650 8.28 40.34 -42.42
N LEU C 651 7.86 41.49 -41.91
CA LEU C 651 6.62 41.60 -41.14
C LEU C 651 5.63 42.46 -41.87
N LYS C 652 4.38 42.04 -41.90
CA LYS C 652 3.35 42.78 -42.63
C LYS C 652 2.03 42.85 -41.88
N ALA C 653 1.50 44.06 -41.70
CA ALA C 653 0.16 44.23 -41.16
C ALA C 653 -0.81 44.56 -42.28
N ASN C 654 -1.77 43.65 -42.53
CA ASN C 654 -2.76 43.82 -43.59
C ASN C 654 -4.14 44.11 -43.02
N SER C 655 -5.10 44.43 -43.89
CA SER C 655 -6.49 44.71 -43.52
C SER C 655 -6.64 45.88 -42.53
N GLY C 656 -5.73 46.85 -42.60
CA GLY C 656 -5.79 48.01 -41.73
C GLY C 656 -5.37 47.73 -40.30
N SER C 657 -4.81 46.55 -40.06
CA SER C 657 -4.41 46.13 -38.69
C SER C 657 -3.10 46.76 -38.22
N SER C 658 -2.84 46.68 -36.91
CA SER C 658 -1.61 47.20 -36.30
C SER C 658 -0.89 46.15 -35.46
N PHE C 659 0.42 46.29 -35.31
CA PHE C 659 1.14 45.52 -34.32
C PHE C 659 0.89 46.23 -32.98
N LEU C 660 0.69 45.44 -31.92
CA LEU C 660 0.38 46.02 -30.61
C LEU C 660 1.55 45.91 -29.66
N ILE C 661 1.82 47.01 -28.94
CA ILE C 661 2.84 46.99 -27.91
C ILE C 661 2.16 47.19 -26.55
N LYS C 662 2.24 46.18 -25.71
CA LYS C 662 1.42 46.14 -24.52
C LYS C 662 2.26 46.06 -23.26
N ALA C 663 3.57 45.92 -23.42
CA ALA C 663 4.47 45.81 -22.29
C ALA C 663 5.69 46.71 -22.49
N GLY C 664 6.26 47.16 -21.38
CA GLY C 664 7.50 47.94 -21.40
C GLY C 664 8.69 47.12 -21.87
N GLY C 665 9.75 47.81 -22.28
CA GLY C 665 10.96 47.13 -22.72
C GLY C 665 11.44 47.64 -24.06
N THR C 666 12.19 46.79 -24.74
CA THR C 666 12.70 47.13 -26.05
C THR C 666 12.22 46.14 -27.10
N LEU C 667 11.60 46.67 -28.15
CA LEU C 667 11.32 45.89 -29.34
C LEU C 667 12.38 46.23 -30.38
N SER C 668 13.12 45.21 -30.85
CA SER C 668 14.15 45.44 -31.87
C SER C 668 13.89 44.61 -33.13
N LEU C 669 13.89 45.27 -34.28
CA LEU C 669 13.85 44.60 -35.56
C LEU C 669 15.23 44.77 -36.23
N ILE C 670 16.00 43.69 -36.25
CA ILE C 670 17.39 43.75 -36.68
C ILE C 670 17.65 42.88 -37.91
N GLY C 671 17.82 43.52 -39.06
CA GLY C 671 18.23 42.83 -40.28
C GLY C 671 17.11 42.12 -41.01
N LEU C 672 15.87 42.34 -40.58
CA LEU C 672 14.71 41.80 -41.28
C LEU C 672 14.64 42.34 -42.71
N SER C 673 13.92 41.63 -43.58
CA SER C 673 13.69 42.12 -44.94
C SER C 673 12.70 43.27 -44.94
N GLY C 674 12.20 43.63 -43.76
CA GLY C 674 11.41 44.84 -43.64
C GLY C 674 10.11 44.67 -42.89
N ILE C 675 9.53 45.81 -42.49
CA ILE C 675 8.21 45.80 -41.91
C ILE C 675 7.37 46.89 -42.56
N SER C 676 6.10 46.61 -42.80
CA SER C 676 5.21 47.59 -43.39
C SER C 676 3.76 47.28 -43.07
N THR C 677 2.87 48.23 -43.36
CA THR C 677 1.45 47.99 -43.18
C THR C 677 0.70 48.42 -44.44
N ASP C 678 -0.51 47.93 -44.62
CA ASP C 678 -1.30 48.33 -45.77
C ASP C 678 -2.26 49.45 -45.40
N GLY C 679 -1.97 50.13 -44.30
CA GLY C 679 -2.73 51.33 -44.00
C GLY C 679 -2.97 51.67 -42.52
N GLY C 680 -2.83 50.70 -41.63
CA GLY C 680 -2.97 51.01 -40.20
C GLY C 680 -1.69 51.59 -39.66
N HIS C 681 -1.76 52.29 -38.52
CA HIS C 681 -0.54 52.69 -37.83
C HIS C 681 0.24 51.42 -37.50
N PHE C 683 2.80 50.45 -35.03
CA PHE C 683 2.81 50.02 -33.63
C PHE C 683 1.82 50.83 -32.81
N ARG C 684 0.82 50.17 -32.23
CA ARG C 684 -0.07 50.84 -31.29
C ARG C 684 0.32 50.53 -29.86
N VAL C 685 0.74 51.56 -29.13
CA VAL C 685 1.27 51.38 -27.78
C VAL C 685 0.18 51.60 -26.76
N SER C 686 -0.10 50.57 -25.95
CA SER C 686 -1.14 50.70 -24.93
C SER C 686 -0.61 50.57 -23.49
N THR C 687 0.71 50.67 -23.33
CA THR C 687 1.31 50.65 -22.00
C THR C 687 1.89 52.02 -21.66
N VAL C 688 1.81 52.39 -20.38
CA VAL C 688 2.37 53.66 -19.90
C VAL C 688 3.83 53.49 -19.50
N GLU C 689 4.32 52.25 -19.54
CA GLU C 689 5.71 51.97 -19.23
C GLU C 689 6.65 52.44 -20.34
N LYS C 690 7.93 52.58 -20.00
CA LYS C 690 8.93 52.98 -20.97
C LYS C 690 9.01 51.92 -22.09
N VAL C 691 8.84 52.40 -23.32
CA VAL C 691 8.90 51.56 -24.51
C VAL C 691 9.98 52.09 -25.42
N ASN C 692 10.90 51.21 -25.80
CA ASN C 692 11.91 51.54 -26.80
C ASN C 692 11.60 50.73 -28.05
N ILE C 693 11.53 51.41 -29.20
CA ILE C 693 11.32 50.74 -30.48
C ILE C 693 12.55 51.01 -31.34
N HIS C 694 13.21 49.93 -31.73
CA HIS C 694 14.51 49.98 -32.37
C HIS C 694 14.39 49.24 -33.70
N THR C 695 14.34 50.01 -34.79
CA THR C 695 14.20 49.42 -36.12
C THR C 695 15.48 49.59 -36.96
N ASN C 696 16.17 48.48 -37.17
CA ASN C 696 17.37 48.38 -37.99
C ASN C 696 17.05 47.55 -39.23
N CYS C 697 16.06 48.03 -39.98
CA CYS C 697 15.57 47.34 -41.16
C CYS C 697 14.72 48.35 -41.88
N SER C 698 14.26 47.98 -43.06
CA SER C 698 13.35 48.83 -43.81
C SER C 698 11.99 48.99 -43.10
N VAL C 699 11.52 50.22 -43.02
CA VAL C 699 10.24 50.52 -42.38
C VAL C 699 9.32 51.36 -43.27
N ASN C 700 8.11 50.88 -43.48
CA ASN C 700 7.16 51.64 -44.29
C ASN C 700 5.75 51.64 -43.75
N ALA C 701 5.36 52.74 -43.12
CA ALA C 701 4.00 52.92 -42.60
C ALA C 701 3.12 53.70 -43.55
N GLY C 702 3.61 53.99 -44.75
CA GLY C 702 2.82 54.72 -45.73
C GLY C 702 2.33 56.06 -45.20
N ALA C 703 1.02 56.28 -45.27
CA ALA C 703 0.42 57.53 -44.84
C ALA C 703 0.23 57.58 -43.33
N ALA C 704 0.43 56.44 -42.68
CA ALA C 704 0.18 56.29 -41.24
C ALA C 704 1.44 56.59 -40.43
N TYR C 705 1.41 56.32 -39.13
CA TYR C 705 2.56 56.60 -38.28
C TYR C 705 3.36 55.33 -38.00
N VAL C 706 4.64 55.47 -37.65
CA VAL C 706 5.38 54.31 -37.15
C VAL C 706 4.81 53.92 -35.76
N VAL C 707 4.57 54.92 -34.92
CA VAL C 707 4.07 54.67 -33.56
C VAL C 707 2.86 55.54 -33.22
N LEU C 708 1.80 54.91 -32.75
CA LEU C 708 0.66 55.61 -32.19
C LEU C 708 0.47 55.20 -30.73
N SER C 709 0.57 56.16 -29.82
CA SER C 709 0.30 55.87 -28.41
C SER C 709 -1.17 56.02 -28.09
N GLU C 710 -1.78 54.97 -27.56
CA GLU C 710 -3.18 55.01 -27.16
C GLU C 710 -3.36 55.47 -25.71
N VAL C 711 -2.25 55.68 -25.02
CA VAL C 711 -2.28 56.12 -23.63
C VAL C 711 -1.31 57.29 -23.47
N GLN C 712 -1.19 57.83 -22.26
CA GLN C 712 -0.17 58.83 -22.01
C GLN C 712 1.17 58.12 -21.90
N GLY C 713 1.85 58.02 -23.04
CA GLY C 713 3.00 57.13 -23.19
C GLY C 713 4.34 57.75 -22.90
N ASN C 714 5.37 56.91 -23.01
CA ASN C 714 6.74 57.29 -22.73
C ASN C 714 7.61 56.43 -23.65
N ILE C 715 8.01 57.00 -24.79
CA ILE C 715 8.54 56.20 -25.88
C ILE C 715 9.88 56.74 -26.40
N GLU C 716 10.82 55.85 -26.69
CA GLU C 716 12.01 56.22 -27.44
C GLU C 716 12.06 55.39 -28.72
N TYR C 717 12.09 56.07 -29.87
CA TYR C 717 12.15 55.41 -31.17
C TYR C 717 13.49 55.67 -31.82
N ARG C 718 14.13 54.61 -32.30
CA ARG C 718 15.38 54.77 -33.06
C ARG C 718 15.38 53.96 -34.35
N GLN C 719 15.55 54.66 -35.47
CA GLN C 719 15.68 54.06 -36.80
C GLN C 719 17.16 54.05 -37.19
N LEU C 720 17.70 52.87 -37.45
CA LEU C 720 19.11 52.80 -37.81
C LEU C 720 19.31 52.36 -39.24
N PHE C 721 19.74 53.31 -40.06
CA PHE C 721 20.07 53.04 -41.46
C PHE C 721 18.87 52.52 -42.22
N TYR C 722 19.10 51.71 -43.25
CA TYR C 722 18.02 51.30 -44.14
C TYR C 722 17.18 52.50 -44.57
N SER C 723 15.86 52.38 -44.45
CA SER C 723 14.96 53.44 -44.83
C SER C 723 13.70 53.46 -43.98
N VAL C 724 13.09 54.63 -43.87
CA VAL C 724 11.83 54.75 -43.14
C VAL C 724 10.87 55.67 -43.87
N ASN C 725 9.60 55.29 -43.88
CA ASN C 725 8.57 56.11 -44.47
C ASN C 725 7.31 56.12 -43.61
N CYS C 726 6.71 57.30 -43.46
CA CYS C 726 5.54 57.53 -42.61
C CYS C 726 5.13 58.99 -42.74
N SER C 727 3.95 59.35 -42.26
CA SER C 727 3.55 60.75 -42.26
C SER C 727 4.08 61.48 -41.02
N LYS C 728 4.11 60.77 -39.89
CA LYS C 728 4.76 61.26 -38.67
C LYS C 728 5.39 60.04 -38.05
N TYR C 729 6.52 60.21 -37.37
CA TYR C 729 7.15 59.08 -36.69
C TYR C 729 6.29 58.59 -35.52
N ILE C 730 5.79 59.52 -34.71
CA ILE C 730 5.04 59.16 -33.52
C ILE C 730 3.82 60.07 -33.37
N GLY C 731 2.70 59.49 -32.95
CA GLY C 731 1.50 60.25 -32.64
C GLY C 731 0.84 59.69 -31.40
N ALA C 732 -0.23 60.31 -30.94
CA ALA C 732 -0.96 59.82 -29.78
C ALA C 732 -2.43 60.22 -29.87
N THR C 733 -3.31 59.42 -29.27
CA THR C 733 -4.75 59.64 -29.39
C THR C 733 -5.25 60.79 -28.53
N ALA C 734 -4.47 61.18 -27.54
CA ALA C 734 -4.88 62.28 -26.69
C ALA C 734 -3.72 62.97 -26.07
N GLY C 735 -4.09 63.86 -25.16
CA GLY C 735 -3.21 64.68 -24.34
C GLY C 735 -1.84 64.21 -23.90
N GLN C 736 -0.87 64.50 -24.74
CA GLN C 736 0.54 64.23 -24.51
C GLN C 736 1.09 62.85 -24.13
N THR C 737 2.16 62.51 -24.84
CA THR C 737 2.92 61.28 -24.69
C THR C 737 4.33 61.79 -24.92
N ILE C 738 5.26 61.47 -24.04
CA ILE C 738 6.61 61.98 -24.20
C ILE C 738 7.38 60.98 -25.04
N ALA C 739 8.28 61.50 -25.88
CA ALA C 739 9.04 60.64 -26.76
C ALA C 739 10.40 61.20 -27.10
N GLY C 740 11.35 60.29 -27.32
CA GLY C 740 12.65 60.63 -27.85
C GLY C 740 12.78 59.97 -29.20
N ILE C 741 13.36 60.67 -30.16
CA ILE C 741 13.51 60.12 -31.51
C ILE C 741 14.94 60.27 -32.01
N VAL C 743 16.62 59.27 -35.82
CA VAL C 743 16.46 58.69 -37.15
C VAL C 743 17.78 58.87 -37.90
N LYS C 744 18.51 57.77 -38.06
CA LYS C 744 19.83 57.80 -38.64
C LYS C 744 19.80 57.15 -40.02
N THR C 745 19.28 57.89 -40.99
CA THR C 745 19.30 57.44 -42.38
C THR C 745 18.91 58.60 -43.28
N ALA C 746 19.54 58.67 -44.46
CA ALA C 746 19.21 59.70 -45.43
C ALA C 746 17.90 59.39 -46.14
N THR C 747 17.48 58.12 -46.11
CA THR C 747 16.22 57.77 -46.75
C THR C 747 15.04 57.83 -45.76
N ARG C 748 14.52 59.05 -45.55
CA ARG C 748 13.46 59.32 -44.60
C ARG C 748 12.58 60.44 -45.17
N PRO C 749 11.37 60.65 -44.62
CA PRO C 749 10.56 61.80 -45.04
C PRO C 749 11.18 63.11 -44.55
N THR C 750 12.19 63.59 -45.28
CA THR C 750 12.89 64.84 -44.99
C THR C 750 11.99 66.02 -44.56
N GLY C 751 10.78 66.07 -45.13
CA GLY C 751 9.84 67.12 -44.86
C GLY C 751 9.30 67.18 -43.44
N ILE C 752 9.57 66.15 -42.64
CA ILE C 752 9.08 66.18 -41.26
C ILE C 752 10.21 66.23 -40.25
N ASP C 753 11.42 66.49 -40.74
CA ASP C 753 12.56 66.73 -39.87
C ASP C 753 12.22 67.78 -38.81
N ALA C 754 11.46 68.79 -39.24
CA ALA C 754 11.13 69.92 -38.37
C ALA C 754 9.89 69.68 -37.53
N ALA C 755 9.07 68.71 -37.94
CA ALA C 755 7.84 68.39 -37.22
C ALA C 755 7.60 66.88 -37.28
N PRO C 756 8.41 66.11 -36.54
CA PRO C 756 8.40 64.65 -36.67
C PRO C 756 7.26 63.93 -35.96
N VAL C 757 6.49 64.63 -35.11
CA VAL C 757 5.43 63.98 -34.34
C VAL C 757 4.15 64.80 -34.43
N ASP C 758 3.00 64.23 -34.07
CA ASP C 758 1.76 64.98 -34.07
C ASP C 758 1.69 65.87 -32.84
N GLY C 759 0.62 66.65 -32.72
CA GLY C 759 0.50 67.63 -31.65
C GLY C 759 0.45 67.05 -30.24
N ASN C 760 0.12 65.77 -30.12
CA ASN C 760 -0.05 65.12 -28.82
C ASN C 760 1.22 64.47 -28.26
N VAL C 761 2.33 64.63 -28.96
CA VAL C 761 3.60 64.12 -28.51
C VAL C 761 4.54 65.28 -28.24
N SER C 762 5.24 65.22 -27.10
CA SER C 762 6.31 66.19 -26.81
C SER C 762 7.64 65.47 -26.78
N LEU C 763 8.65 66.07 -27.41
CA LEU C 763 9.96 65.45 -27.56
C LEU C 763 10.92 65.73 -26.42
N THR C 764 11.57 64.69 -25.93
CA THR C 764 12.64 64.83 -24.95
C THR C 764 13.97 65.09 -25.66
N TYR C 765 14.23 64.39 -26.77
CA TYR C 765 15.39 64.67 -27.62
C TYR C 765 15.02 64.38 -29.07
N LYS C 766 15.75 64.97 -30.00
CA LYS C 766 15.52 64.71 -31.42
C LYS C 766 16.82 64.67 -32.18
N ILE C 767 17.23 63.49 -32.61
CA ILE C 767 18.50 63.32 -33.28
C ILE C 767 18.26 62.79 -34.67
N ILE C 768 18.30 63.68 -35.67
CA ILE C 768 17.92 63.27 -37.03
C ILE C 768 18.99 63.54 -38.11
#